data_9JPJ
#
_entry.id   9JPJ
#
_cell.length_a   80.456
_cell.length_b   87.044
_cell.length_c   133.884
_cell.angle_alpha   91.480
_cell.angle_beta   102.480
_cell.angle_gamma   117.550
#
_symmetry.space_group_name_H-M   'P 1'
#
loop_
_entity.id
_entity.type
_entity.pdbx_description
1 polymer 'DNA (27-MER)'
2 polymer 'DNA (27-MER)'
3 polymer 'Pyruvate dehydrogenase complex repressor'
4 non-polymer 'ZINC ION'
#
loop_
_entity_poly.entity_id
_entity_poly.type
_entity_poly.pdbx_seq_one_letter_code
_entity_poly.pdbx_strand_id
1 'polydeoxyribonucleotide'
;(DA)(DA)(DA)(DG)(DT)(DT)(DA)(DT)(DC)(DA)(DG)(DA)(DT)(DA)(DA)(DC)(DC)(DT)(DG)(DA)
(DA)(DA)(DA)(DG)(DT)(DA)(DG)
;
G,A
2 'polydeoxyribonucleotide'
;(DC)(DT)(DA)(DC)(DT)(DT)(DT)(DT)(DC)(DA)(DG)(DG)(DT)(DT)(DA)(DT)(DC)(DT)(DG)(DA)
(DT)(DA)(DA)(DC)(DT)(DT)(DT)
;
H,B
3 'polypeptide(L)'
;MLSKSLTLTEQVARQIAGDIAEGVHSVGAKLPPGRVLAEQYGVSAAVIREATERLRAQGLIQSRQGSGSVVVSRTGAQGF
QVSAGLDDREQLASVYELRMELEGGAAALAARRRNATDLAAMAEALAALEANLDHPEQGVEHDIAFHVAIAAATHNRYYQ
DLLQYLNLQLRLAVSTARTNSRRQEGLTAVVHQEHVAVYDAILAGDPDRARLAATRHLQQAASRLRLDLLSPAARQTS
;
C,D,E,F,I,J,K,L
#
# COMPACT_ATOMS: atom_id res chain seq x y z
N MET C 1 -15.90 7.87 33.37
CA MET C 1 -15.57 6.97 32.26
C MET C 1 -15.14 5.59 32.75
N LEU C 2 -15.48 4.56 31.99
CA LEU C 2 -15.06 3.20 32.30
C LEU C 2 -13.70 2.90 31.67
N SER C 3 -13.29 1.64 31.76
CA SER C 3 -12.01 1.19 31.27
C SER C 3 -12.21 0.24 30.09
N LYS C 4 -11.37 0.38 29.07
CA LYS C 4 -11.43 -0.50 27.92
C LYS C 4 -11.07 -1.92 28.33
N SER C 5 -12.04 -2.82 28.23
CA SER C 5 -11.78 -4.23 28.48
C SER C 5 -10.92 -4.81 27.36
N LEU C 6 -10.57 -6.09 27.51
CA LEU C 6 -9.66 -6.76 26.59
C LEU C 6 -10.41 -7.90 25.92
N THR C 7 -10.72 -7.74 24.62
CA THR C 7 -11.35 -8.81 23.87
C THR C 7 -10.49 -10.06 23.92
N LEU C 8 -11.14 -11.22 23.75
CA LEU C 8 -10.42 -12.49 23.74
C LEU C 8 -9.29 -12.48 22.72
N THR C 9 -9.50 -11.83 21.58
CA THR C 9 -8.45 -11.73 20.57
C THR C 9 -7.21 -11.05 21.16
N GLU C 10 -7.37 -9.83 21.68
CA GLU C 10 -6.29 -9.18 22.41
C GLU C 10 -5.82 -10.03 23.58
N GLN C 11 -6.72 -10.79 24.18
CA GLN C 11 -6.41 -11.56 25.38
C GLN C 11 -5.54 -12.76 25.04
N VAL C 12 -5.80 -13.41 23.91
CA VAL C 12 -5.01 -14.58 23.52
C VAL C 12 -3.58 -14.18 23.23
N ALA C 13 -3.40 -13.04 22.56
CA ALA C 13 -2.07 -12.48 22.32
C ALA C 13 -1.26 -12.39 23.59
N ARG C 14 -1.67 -11.50 24.50
CA ARG C 14 -0.97 -11.27 25.76
C ARG C 14 -0.56 -12.56 26.46
N GLN C 15 -1.51 -13.49 26.64
CA GLN C 15 -1.24 -14.71 27.38
C GLN C 15 -0.22 -15.60 26.68
N ILE C 16 -0.17 -15.56 25.34
CA ILE C 16 0.82 -16.34 24.60
C ILE C 16 2.16 -15.62 24.55
N ALA C 17 2.15 -14.31 24.29
CA ALA C 17 3.38 -13.56 24.14
C ALA C 17 4.28 -13.72 25.36
N GLY C 18 3.69 -13.62 26.56
CA GLY C 18 4.44 -13.92 27.77
C GLY C 18 4.96 -15.35 27.79
N ASP C 19 4.14 -16.29 27.34
CA ASP C 19 4.58 -17.68 27.23
C ASP C 19 5.78 -17.79 26.31
N ILE C 20 5.85 -16.96 25.27
CA ILE C 20 7.05 -16.84 24.46
C ILE C 20 8.09 -15.96 25.15
N ALA C 21 7.67 -14.84 25.73
CA ALA C 21 8.58 -14.02 26.51
C ALA C 21 9.24 -14.83 27.63
N GLU C 22 8.46 -15.66 28.31
CA GLU C 22 8.99 -16.62 29.27
C GLU C 22 9.42 -17.92 28.61
N GLY C 23 9.41 -17.98 27.29
CA GLY C 23 9.93 -19.11 26.54
C GLY C 23 9.33 -20.45 26.91
N VAL C 24 8.06 -20.47 27.32
CA VAL C 24 7.37 -21.74 27.52
C VAL C 24 7.48 -22.58 26.26
N HIS C 25 7.13 -22.00 25.12
CA HIS C 25 7.53 -22.51 23.83
C HIS C 25 8.84 -21.84 23.44
N SER C 26 9.78 -22.64 22.92
CA SER C 26 11.07 -22.09 22.53
C SER C 26 10.95 -21.40 21.17
N VAL C 27 11.97 -20.60 20.86
CA VAL C 27 12.09 -20.11 19.49
C VAL C 27 12.26 -21.30 18.56
N GLY C 28 11.80 -21.14 17.32
CA GLY C 28 11.88 -22.23 16.37
C GLY C 28 11.02 -23.43 16.74
N ALA C 29 10.18 -23.27 17.76
CA ALA C 29 9.27 -24.33 18.18
C ALA C 29 7.90 -24.05 17.60
N LYS C 30 7.34 -25.05 16.91
CA LYS C 30 5.99 -24.97 16.38
C LYS C 30 4.99 -24.80 17.52
N LEU C 31 4.34 -23.65 17.59
CA LEU C 31 3.26 -23.47 18.56
C LEU C 31 2.17 -24.51 18.32
N PRO C 32 1.42 -24.86 19.36
CA PRO C 32 0.34 -25.83 19.20
C PRO C 32 -0.58 -25.43 18.06
N PRO C 33 -1.22 -26.41 17.42
CA PRO C 33 -2.13 -26.09 16.31
C PRO C 33 -3.31 -25.25 16.79
N GLY C 34 -3.96 -24.59 15.82
CA GLY C 34 -5.14 -23.82 16.15
C GLY C 34 -6.17 -24.62 16.93
N ARG C 35 -6.34 -25.90 16.59
CA ARG C 35 -7.30 -26.73 17.30
C ARG C 35 -6.93 -26.91 18.76
N VAL C 36 -5.63 -27.06 19.04
CA VAL C 36 -5.22 -27.17 20.43
C VAL C 36 -5.30 -25.81 21.11
N LEU C 37 -5.12 -24.74 20.34
CA LEU C 37 -5.08 -23.41 20.92
C LEU C 37 -6.48 -22.92 21.32
N ALA C 38 -7.51 -23.33 20.58
CA ALA C 38 -8.89 -23.02 20.95
C ALA C 38 -9.23 -23.62 22.30
N GLU C 39 -9.25 -24.95 22.36
CA GLU C 39 -9.68 -25.64 23.58
C GLU C 39 -8.83 -25.26 24.79
N GLN C 40 -7.53 -25.08 24.60
CA GLN C 40 -6.66 -24.73 25.72
C GLN C 40 -7.03 -23.38 26.30
N TYR C 41 -7.16 -22.37 25.44
CA TYR C 41 -7.48 -21.03 25.91
C TYR C 41 -8.97 -20.80 26.09
N GLY C 42 -9.81 -21.70 25.58
CA GLY C 42 -11.24 -21.66 25.81
C GLY C 42 -12.05 -20.95 24.75
N VAL C 43 -11.41 -20.25 23.80
CA VAL C 43 -12.11 -19.45 22.80
C VAL C 43 -12.57 -20.30 21.62
N SER C 44 -12.77 -19.68 20.46
CA SER C 44 -13.22 -20.39 19.25
C SER C 44 -12.35 -19.98 18.07
N ALA C 45 -12.68 -20.55 16.90
CA ALA C 45 -11.86 -20.44 15.70
C ALA C 45 -11.46 -18.99 15.39
N ALA C 46 -12.43 -18.15 15.03
CA ALA C 46 -12.11 -16.79 14.58
C ALA C 46 -11.43 -15.97 15.67
N VAL C 47 -11.58 -16.33 16.93
CA VAL C 47 -10.81 -15.68 17.99
C VAL C 47 -9.34 -16.06 17.91
N ILE C 48 -9.08 -17.37 17.79
CA ILE C 48 -7.71 -17.85 17.65
C ILE C 48 -7.05 -17.16 16.46
N ARG C 49 -7.77 -17.13 15.33
CA ARG C 49 -7.18 -16.64 14.08
C ARG C 49 -6.77 -15.19 14.17
N GLU C 50 -7.61 -14.33 14.78
CA GLU C 50 -7.28 -12.91 14.85
C GLU C 50 -6.02 -12.69 15.69
N ALA C 51 -5.96 -13.28 16.89
CA ALA C 51 -4.78 -13.10 17.73
C ALA C 51 -3.55 -13.72 17.09
N THR C 52 -3.69 -14.92 16.53
CA THR C 52 -2.60 -15.51 15.74
C THR C 52 -2.05 -14.50 14.75
N GLU C 53 -2.92 -13.93 13.92
CA GLU C 53 -2.52 -12.83 13.04
C GLU C 53 -1.79 -11.74 13.80
N ARG C 54 -2.45 -11.17 14.82
CA ARG C 54 -1.86 -10.09 15.60
C ARG C 54 -0.39 -10.31 15.94
N LEU C 55 -0.09 -11.45 16.56
CA LEU C 55 1.29 -11.83 16.85
C LEU C 55 2.20 -11.62 15.63
N ARG C 56 1.79 -12.15 14.48
CA ARG C 56 2.58 -11.94 13.26
C ARG C 56 2.81 -10.46 13.01
N ALA C 57 1.81 -9.63 13.27
CA ALA C 57 1.98 -8.21 13.07
C ALA C 57 2.94 -7.63 14.10
N GLN C 58 2.74 -7.98 15.38
CA GLN C 58 3.68 -7.55 16.42
C GLN C 58 5.06 -8.15 16.19
N GLY C 59 5.15 -9.23 15.42
CA GLY C 59 6.42 -9.77 14.97
C GLY C 59 6.98 -10.89 15.84
N LEU C 60 6.13 -11.82 16.25
CA LEU C 60 6.57 -12.92 17.10
C LEU C 60 6.73 -14.24 16.35
N ILE C 61 5.84 -14.55 15.40
CA ILE C 61 5.89 -15.84 14.74
C ILE C 61 5.67 -15.65 13.24
N GLN C 62 6.35 -16.45 12.44
CA GLN C 62 5.97 -16.61 11.04
C GLN C 62 5.16 -17.90 10.89
N SER C 63 4.43 -17.98 9.79
CA SER C 63 3.59 -19.15 9.58
C SER C 63 3.51 -19.49 8.10
N ARG C 64 3.59 -20.80 7.84
CA ARG C 64 3.49 -21.35 6.49
C ARG C 64 2.30 -22.28 6.48
N GLN C 65 1.34 -22.00 5.61
CA GLN C 65 0.13 -22.83 5.54
C GLN C 65 0.47 -24.27 5.17
N GLY C 66 -0.08 -25.21 5.94
CA GLY C 66 0.30 -26.61 5.88
C GLY C 66 1.22 -27.03 7.00
N SER C 67 2.02 -26.09 7.52
CA SER C 67 3.03 -26.41 8.51
C SER C 67 2.56 -26.15 9.94
N GLY C 68 2.64 -24.91 10.41
CA GLY C 68 2.24 -24.61 11.77
C GLY C 68 2.32 -23.15 12.17
N SER C 69 3.23 -22.84 13.09
CA SER C 69 3.50 -21.48 13.55
C SER C 69 4.75 -21.48 14.42
N VAL C 70 5.80 -20.77 14.01
CA VAL C 70 7.13 -20.92 14.58
C VAL C 70 7.61 -19.59 15.15
N VAL C 71 8.16 -19.64 16.36
CA VAL C 71 8.68 -18.46 17.04
C VAL C 71 9.94 -17.97 16.32
N VAL C 72 10.01 -16.67 16.05
CA VAL C 72 11.18 -16.08 15.38
C VAL C 72 11.45 -14.72 15.98
N SER C 73 11.05 -14.52 17.22
CA SER C 73 11.44 -13.36 18.01
C SER C 73 11.09 -13.65 19.47
N ARG C 74 11.38 -12.68 20.32
CA ARG C 74 10.83 -12.61 21.67
C ARG C 74 10.44 -11.20 22.07
N THR C 75 11.05 -10.17 21.48
CA THR C 75 10.68 -8.79 21.70
C THR C 75 9.58 -8.31 20.76
N GLY C 76 9.43 -8.94 19.60
CA GLY C 76 8.54 -8.43 18.58
C GLY C 76 8.98 -7.05 18.14
N ALA C 77 8.08 -6.08 18.32
CA ALA C 77 8.42 -4.67 18.22
C ALA C 77 7.56 -3.94 19.23
N GLN C 78 7.73 -2.62 19.31
CA GLN C 78 6.84 -1.76 20.11
C GLN C 78 6.75 -2.20 21.56
N GLY C 79 7.89 -2.57 22.15
CA GLY C 79 7.98 -3.18 23.47
C GLY C 79 7.13 -2.58 24.58
N PHE C 80 7.40 -1.34 24.98
CA PHE C 80 6.59 -0.74 26.03
C PHE C 80 5.15 -0.58 25.55
N GLN C 81 4.21 -0.96 26.41
CA GLN C 81 2.80 -1.01 26.05
C GLN C 81 1.96 -0.02 26.84
N VAL C 82 2.56 1.10 27.26
CA VAL C 82 1.84 2.21 27.88
C VAL C 82 0.63 2.54 27.02
N SER C 83 -0.45 1.79 27.23
CA SER C 83 -1.67 1.89 26.44
C SER C 83 -2.84 1.53 27.34
N ALA C 84 -4.05 1.67 26.79
CA ALA C 84 -5.29 1.32 27.48
C ALA C 84 -5.30 2.09 28.80
N GLY C 85 -5.34 1.43 29.97
CA GLY C 85 -5.44 2.20 31.19
C GLY C 85 -6.89 2.51 31.54
N LEU C 86 -7.09 3.33 32.60
CA LEU C 86 -8.40 3.64 33.20
C LEU C 86 -8.95 2.44 33.96
N ASP C 87 -8.35 1.27 33.74
CA ASP C 87 -8.57 0.10 34.57
C ASP C 87 -7.49 -0.06 35.63
N ASP C 88 -6.38 0.66 35.49
CA ASP C 88 -5.21 0.44 36.27
C ASP C 88 -4.68 1.81 36.74
N ARG C 89 -5.41 2.37 37.71
CA ARG C 89 -4.96 3.61 38.34
C ARG C 89 -3.58 3.43 38.96
N GLU C 90 -3.26 2.23 39.44
CA GLU C 90 -1.90 1.95 39.90
C GLU C 90 -0.92 2.01 38.74
N GLN C 91 -1.31 1.47 37.58
CA GLN C 91 -0.43 1.49 36.41
C GLN C 91 0.03 2.89 36.08
N LEU C 92 -0.78 3.90 36.38
CA LEU C 92 -0.36 5.29 36.28
C LEU C 92 0.84 5.55 37.18
N ALA C 93 0.67 5.42 38.50
CA ALA C 93 1.78 5.63 39.41
C ALA C 93 2.85 4.57 39.22
N SER C 94 2.49 3.42 38.63
CA SER C 94 3.41 2.33 38.33
C SER C 94 4.52 2.79 37.41
N VAL C 95 4.43 4.02 36.91
CA VAL C 95 5.46 4.58 36.04
C VAL C 95 6.27 5.68 36.73
N TYR C 96 5.85 6.15 37.91
CA TYR C 96 6.50 7.31 38.48
C TYR C 96 7.72 6.95 39.30
N GLU C 97 7.55 6.09 40.32
CA GLU C 97 8.73 5.51 40.97
C GLU C 97 9.57 4.74 39.97
N LEU C 98 8.93 4.17 38.95
CA LEU C 98 9.67 3.64 37.81
C LEU C 98 10.48 4.74 37.14
N ARG C 99 9.83 5.82 36.71
CA ARG C 99 10.56 6.96 36.18
C ARG C 99 11.48 7.57 37.22
N MET C 100 11.11 7.46 38.50
CA MET C 100 11.93 8.02 39.57
C MET C 100 13.19 7.18 39.80
N GLU C 101 13.08 5.87 39.64
CA GLU C 101 14.26 5.02 39.77
C GLU C 101 15.26 5.27 38.66
N LEU C 102 14.99 6.18 37.73
CA LEU C 102 15.85 6.29 36.56
C LEU C 102 16.37 7.69 36.32
N GLU C 103 15.52 8.71 36.50
CA GLU C 103 16.03 10.08 36.45
C GLU C 103 17.14 10.27 37.47
N GLY C 104 17.10 9.56 38.59
CA GLY C 104 18.22 9.54 39.50
C GLY C 104 19.44 8.96 38.84
N GLY C 105 19.30 7.76 38.28
CA GLY C 105 20.38 7.18 37.52
C GLY C 105 20.69 7.90 36.22
N ALA C 106 19.84 8.84 35.82
CA ALA C 106 20.20 9.74 34.73
C ALA C 106 21.18 10.80 35.21
N ALA C 107 20.84 11.52 36.27
CA ALA C 107 21.68 12.58 36.81
C ALA C 107 22.91 12.00 37.47
N ALA C 108 23.07 10.68 37.39
CA ALA C 108 24.26 10.01 37.89
C ALA C 108 25.27 9.80 36.78
N LEU C 109 24.83 9.29 35.64
CA LEU C 109 25.70 9.22 34.47
C LEU C 109 26.02 10.60 33.95
N ALA C 110 25.07 11.53 34.09
CA ALA C 110 25.26 12.93 33.72
C ALA C 110 26.19 13.67 34.67
N ALA C 111 26.80 12.97 35.62
CA ALA C 111 27.81 13.57 36.49
C ALA C 111 29.19 12.98 36.26
N ARG C 112 29.29 11.92 35.47
CA ARG C 112 30.58 11.37 35.06
C ARG C 112 30.74 11.40 33.54
N ARG C 113 29.85 12.08 32.83
CA ARG C 113 30.00 12.17 31.38
C ARG C 113 29.43 13.46 30.81
N ARG C 114 29.08 14.44 31.62
CA ARG C 114 28.42 15.63 31.12
C ARG C 114 29.42 16.52 30.40
N ASN C 115 29.19 16.73 29.10
CA ASN C 115 29.89 17.77 28.37
C ASN C 115 29.32 19.13 28.76
N ALA C 116 29.87 20.19 28.16
CA ALA C 116 29.50 21.53 28.57
C ALA C 116 28.23 22.03 27.90
N THR C 117 27.97 21.62 26.65
CA THR C 117 26.73 22.00 25.99
C THR C 117 25.51 21.55 26.78
N ASP C 118 25.65 20.44 27.52
CA ASP C 118 24.65 20.05 28.51
C ASP C 118 24.39 21.23 29.42
N LEU C 119 25.37 21.54 30.29
CA LEU C 119 25.29 22.69 31.18
C LEU C 119 24.81 23.94 30.46
N ALA C 120 25.23 24.12 29.20
CA ALA C 120 24.83 25.29 28.43
C ALA C 120 23.35 25.21 28.07
N ALA C 121 22.93 24.11 27.43
CA ALA C 121 21.51 23.90 27.17
C ALA C 121 20.73 23.77 28.46
N MET C 122 21.32 23.12 29.47
CA MET C 122 20.73 23.11 30.81
C MET C 122 20.46 24.54 31.25
N ALA C 123 21.51 25.35 31.40
CA ALA C 123 21.37 26.71 31.91
C ALA C 123 20.49 27.59 31.04
N GLU C 124 20.28 27.21 29.77
CA GLU C 124 19.46 28.01 28.88
C GLU C 124 18.02 28.10 29.38
N ALA C 125 17.27 27.00 29.24
CA ALA C 125 15.90 26.96 29.75
C ALA C 125 15.85 26.94 31.27
N LEU C 126 16.96 26.66 31.93
CA LEU C 126 17.03 26.72 33.39
C LEU C 126 16.55 28.08 33.90
N ALA C 127 17.05 29.16 33.28
CA ALA C 127 16.54 30.49 33.61
C ALA C 127 15.26 30.80 32.87
N ALA C 128 15.07 30.23 31.67
CA ALA C 128 13.85 30.48 30.91
C ALA C 128 12.62 29.90 31.59
N LEU C 129 12.80 28.92 32.49
CA LEU C 129 11.68 28.53 33.33
C LEU C 129 11.53 29.48 34.51
N GLU C 130 12.64 29.87 35.14
CA GLU C 130 12.58 30.96 36.10
C GLU C 130 12.03 32.23 35.47
N ALA C 131 12.13 32.36 34.15
CA ALA C 131 11.47 33.45 33.44
C ALA C 131 9.95 33.27 33.45
N ASN C 132 9.47 32.07 33.13
CA ASN C 132 8.07 31.71 33.28
C ASN C 132 7.77 31.06 34.63
N LEU C 133 8.47 31.47 35.68
CA LEU C 133 8.16 31.04 37.03
C LEU C 133 6.79 31.55 37.49
N ASP C 134 6.21 32.52 36.78
CA ASP C 134 4.89 33.03 37.07
C ASP C 134 3.94 32.87 35.89
N HIS C 135 4.30 32.04 34.91
CA HIS C 135 3.47 31.75 33.75
C HIS C 135 3.15 30.26 33.74
N PRO C 136 2.12 29.84 34.48
CA PRO C 136 1.74 28.42 34.49
C PRO C 136 1.23 27.99 33.11
N GLU C 137 1.96 27.06 32.48
CA GLU C 137 1.79 26.47 31.15
C GLU C 137 2.99 26.83 30.29
N GLN C 138 3.35 28.11 30.25
CA GLN C 138 4.47 28.59 29.45
C GLN C 138 5.81 28.04 29.91
N GLY C 139 5.83 27.18 30.92
CA GLY C 139 7.07 26.60 31.40
C GLY C 139 7.05 25.08 31.42
N VAL C 140 5.96 24.48 30.95
CA VAL C 140 5.92 23.03 30.80
C VAL C 140 6.92 22.59 29.75
N GLU C 141 7.02 23.34 28.64
CA GLU C 141 7.98 23.00 27.59
C GLU C 141 9.42 23.15 28.07
N HIS C 142 9.70 24.23 28.83
CA HIS C 142 11.00 24.33 29.49
C HIS C 142 11.24 23.14 30.41
N ASP C 143 10.26 22.85 31.27
CA ASP C 143 10.37 21.74 32.20
C ASP C 143 10.73 20.45 31.48
N ILE C 144 10.21 20.25 30.27
CA ILE C 144 10.62 19.12 29.45
C ILE C 144 12.11 19.18 29.17
N ALA C 145 12.58 20.33 28.66
CA ALA C 145 13.94 20.43 28.16
C ALA C 145 14.98 20.16 29.24
N PHE C 146 14.67 20.44 30.51
CA PHE C 146 15.66 20.25 31.56
C PHE C 146 15.97 18.77 31.75
N HIS C 147 14.99 18.00 32.21
CA HIS C 147 15.19 16.56 32.31
C HIS C 147 15.61 15.96 30.98
N VAL C 148 15.20 16.60 29.88
CA VAL C 148 15.72 16.24 28.57
C VAL C 148 17.21 16.57 28.49
N ALA C 149 17.60 17.76 28.95
CA ALA C 149 19.03 18.08 29.03
C ALA C 149 19.75 17.16 30.00
N ILE C 150 19.10 16.86 31.14
CA ILE C 150 19.59 15.79 32.01
C ILE C 150 19.77 14.52 31.19
N ALA C 151 18.72 14.13 30.46
CA ALA C 151 18.78 12.95 29.64
C ALA C 151 19.79 13.12 28.49
N ALA C 152 19.87 14.34 27.93
CA ALA C 152 20.79 14.59 26.83
C ALA C 152 22.23 14.31 27.21
N ALA C 153 22.57 14.40 28.50
CA ALA C 153 23.95 14.31 28.96
C ALA C 153 24.53 12.91 28.91
N THR C 154 23.69 11.89 28.69
CA THR C 154 24.14 10.52 28.91
C THR C 154 25.22 10.08 27.92
N HIS C 155 25.24 10.66 26.72
CA HIS C 155 26.05 10.15 25.62
C HIS C 155 25.78 8.68 25.37
N ASN C 156 24.58 8.25 25.72
CA ASN C 156 24.19 6.85 25.68
C ASN C 156 22.95 6.79 24.81
N ARG C 157 23.04 6.09 23.69
CA ARG C 157 22.14 6.36 22.57
C ARG C 157 20.70 5.98 22.88
N TYR C 158 20.46 4.80 23.42
CA TYR C 158 19.09 4.46 23.74
C TYR C 158 18.71 4.63 25.22
N TYR C 159 19.68 4.61 26.16
CA TYR C 159 19.35 4.96 27.55
C TYR C 159 18.56 6.28 27.62
N GLN C 160 18.98 7.25 26.82
CA GLN C 160 18.24 8.49 26.67
C GLN C 160 16.97 8.29 25.87
N ASP C 161 17.04 7.45 24.82
CA ASP C 161 15.88 7.23 23.95
C ASP C 161 14.63 6.91 24.74
N LEU C 162 14.77 6.06 25.77
CA LEU C 162 13.66 5.82 26.68
C LEU C 162 13.20 7.11 27.35
N LEU C 163 14.14 7.99 27.70
CA LEU C 163 13.76 9.19 28.44
C LEU C 163 13.00 10.19 27.56
N GLN C 164 13.12 10.09 26.24
CA GLN C 164 12.08 10.65 25.38
C GLN C 164 10.86 9.73 25.37
N TYR C 165 11.09 8.44 25.15
CA TYR C 165 10.02 7.45 25.00
C TYR C 165 8.97 7.57 26.10
N LEU C 166 9.42 7.66 27.35
CA LEU C 166 8.48 7.60 28.47
C LEU C 166 7.81 8.96 28.70
N ASN C 167 8.61 10.00 28.94
CA ASN C 167 8.09 11.32 29.24
C ASN C 167 7.08 11.78 28.19
N LEU C 168 7.33 11.45 26.92
CA LEU C 168 6.36 11.70 25.86
C LEU C 168 5.00 11.10 26.22
N GLN C 169 4.96 9.78 26.41
CA GLN C 169 3.70 9.12 26.75
C GLN C 169 3.26 9.42 28.18
N LEU C 170 4.22 9.67 29.07
CA LEU C 170 3.91 9.88 30.48
C LEU C 170 2.90 11.01 30.67
N ARG C 171 3.29 12.23 30.27
CA ARG C 171 2.44 13.39 30.45
C ARG C 171 1.34 13.47 29.39
N LEU C 172 0.92 12.31 28.88
CA LEU C 172 -0.15 12.21 27.89
C LEU C 172 -1.43 11.67 28.50
N ALA C 173 -1.39 10.53 29.19
CA ALA C 173 -2.58 10.02 29.85
C ALA C 173 -2.95 10.84 31.08
N VAL C 174 -1.99 11.56 31.65
CA VAL C 174 -2.26 12.39 32.83
C VAL C 174 -3.01 13.64 32.38
N SER C 175 -3.45 13.65 31.12
CA SER C 175 -4.28 14.73 30.61
C SER C 175 -5.69 14.59 31.19
N LEU C 187 4.56 27.85 45.25
CA LEU C 187 4.29 26.73 44.34
C LEU C 187 5.45 26.52 43.39
N THR C 188 5.33 27.01 42.16
CA THR C 188 6.37 26.82 41.16
C THR C 188 7.77 27.17 41.69
N ALA C 189 7.86 27.87 42.82
CA ALA C 189 9.15 28.11 43.46
C ALA C 189 9.82 26.80 43.86
N VAL C 190 9.17 26.01 44.73
CA VAL C 190 9.73 24.72 45.12
C VAL C 190 9.95 23.85 43.88
N VAL C 191 9.14 24.06 42.84
CA VAL C 191 9.34 23.36 41.58
C VAL C 191 10.67 23.76 40.95
N HIS C 192 10.99 25.06 40.98
CA HIS C 192 12.26 25.49 40.40
C HIS C 192 13.44 25.07 41.27
N GLN C 193 13.44 25.49 42.55
CA GLN C 193 14.57 25.23 43.42
C GLN C 193 14.87 23.74 43.54
N GLU C 194 13.92 22.88 43.16
CA GLU C 194 14.21 21.47 42.98
C GLU C 194 15.36 21.28 42.00
N HIS C 195 15.16 21.75 40.76
CA HIS C 195 16.18 21.66 39.73
C HIS C 195 17.48 22.34 40.13
N VAL C 196 17.45 23.20 41.16
CA VAL C 196 18.67 23.82 41.65
C VAL C 196 19.63 22.78 42.19
N ALA C 197 19.14 21.89 43.06
CA ALA C 197 20.01 20.91 43.70
C ALA C 197 20.52 19.84 42.75
N VAL C 198 20.12 19.85 41.49
CA VAL C 198 20.55 18.85 40.53
C VAL C 198 21.68 19.37 39.64
N TYR C 199 21.58 20.62 39.18
CA TYR C 199 22.64 21.20 38.36
C TYR C 199 23.92 21.38 39.18
N ASP C 200 23.79 21.79 40.43
CA ASP C 200 24.93 21.96 41.32
C ASP C 200 25.48 20.64 41.84
N ALA C 201 24.95 19.51 41.38
CA ALA C 201 25.58 18.22 41.60
C ALA C 201 26.04 17.56 40.32
N ILE C 202 25.58 18.04 39.17
CA ILE C 202 25.90 17.47 37.88
C ILE C 202 27.01 18.28 37.24
N LEU C 203 27.12 19.55 37.63
CA LEU C 203 28.31 20.36 37.38
C LEU C 203 29.27 20.33 38.55
N ALA C 204 29.20 19.29 39.38
CA ALA C 204 29.97 19.23 40.61
C ALA C 204 30.73 17.92 40.79
N GLY C 205 30.46 16.90 39.96
CA GLY C 205 31.23 15.67 39.99
C GLY C 205 30.76 14.63 40.98
N ASP C 206 29.81 14.96 41.85
CA ASP C 206 29.30 13.98 42.81
C ASP C 206 28.16 13.19 42.17
N PRO C 207 28.33 11.89 41.91
CA PRO C 207 27.22 11.14 41.30
C PRO C 207 26.06 10.91 42.26
N ASP C 208 26.37 10.54 43.50
CA ASP C 208 25.33 10.06 44.41
C ASP C 208 24.46 11.20 44.92
N ARG C 209 25.05 12.36 45.17
CA ARG C 209 24.26 13.51 45.61
C ARG C 209 23.26 13.95 44.55
N ALA C 210 23.58 13.72 43.27
CA ALA C 210 22.61 13.98 42.21
C ALA C 210 21.63 12.82 42.04
N ARG C 211 22.13 11.59 42.17
CA ARG C 211 21.25 10.43 42.19
C ARG C 211 20.17 10.58 43.26
N LEU C 212 20.49 11.28 44.36
CA LEU C 212 19.53 11.61 45.40
C LEU C 212 18.81 12.93 45.15
N ALA C 213 19.48 13.89 44.53
CA ALA C 213 18.86 15.17 44.24
C ALA C 213 17.68 15.00 43.28
N ALA C 214 17.92 14.34 42.15
CA ALA C 214 16.86 14.11 41.17
C ALA C 214 15.81 13.13 41.66
N THR C 215 16.10 12.38 42.73
CA THR C 215 15.12 11.44 43.27
C THR C 215 14.10 12.14 44.16
N ARG C 216 14.53 13.14 44.94
CA ARG C 216 13.61 13.84 45.84
C ARG C 216 12.47 14.48 45.07
N HIS C 217 12.75 15.05 43.90
CA HIS C 217 11.71 15.74 43.12
C HIS C 217 10.56 14.81 42.80
N LEU C 218 10.86 13.71 42.09
CA LEU C 218 9.79 12.82 41.60
C LEU C 218 9.01 12.18 42.73
N GLN C 219 9.60 12.04 43.92
CA GLN C 219 8.82 11.68 45.10
C GLN C 219 7.88 12.82 45.47
N GLN C 220 8.43 14.02 45.66
CA GLN C 220 7.64 15.18 46.04
C GLN C 220 6.89 15.81 44.87
N ALA C 221 7.10 15.34 43.65
CA ALA C 221 6.25 15.73 42.52
C ALA C 221 5.04 14.82 42.40
N ALA C 222 5.24 13.51 42.61
CA ALA C 222 4.11 12.60 42.72
C ALA C 222 3.36 12.85 44.03
N SER C 223 4.06 13.29 45.07
CA SER C 223 3.37 13.71 46.29
C SER C 223 2.72 15.07 46.11
N ARG C 224 3.29 15.92 45.26
CA ARG C 224 2.54 17.07 44.77
C ARG C 224 1.30 16.63 44.01
N LEU C 225 1.38 15.48 43.33
CA LEU C 225 0.28 14.99 42.51
C LEU C 225 -0.75 14.21 43.33
N ARG C 226 -0.32 13.61 44.43
CA ARG C 226 -1.19 12.78 45.26
C ARG C 226 -2.40 13.55 45.76
N MET D 1 12.09 -23.34 -1.02
CA MET D 1 10.68 -23.69 -1.13
C MET D 1 9.85 -22.48 -1.55
N LEU D 2 8.61 -22.75 -1.94
CA LEU D 2 7.72 -21.73 -2.50
C LEU D 2 7.70 -20.49 -1.64
N SER D 3 8.10 -19.36 -2.24
CA SER D 3 8.28 -18.12 -1.51
C SER D 3 7.02 -17.75 -0.74
N LYS D 4 7.21 -17.10 0.41
CA LYS D 4 6.10 -16.63 1.22
C LYS D 4 5.15 -15.79 0.38
N SER D 5 4.22 -16.44 -0.30
CA SER D 5 3.17 -15.70 -1.00
C SER D 5 2.33 -14.93 0.00
N LEU D 6 2.08 -13.66 -0.31
CA LEU D 6 1.31 -12.81 0.59
C LEU D 6 -0.12 -13.32 0.65
N THR D 7 -0.51 -13.80 1.82
CA THR D 7 -1.89 -14.22 2.05
C THR D 7 -2.80 -13.00 2.15
N LEU D 8 -4.05 -13.19 1.68
CA LEU D 8 -4.97 -12.08 1.45
C LEU D 8 -5.03 -11.12 2.63
N THR D 9 -5.05 -11.66 3.84
CA THR D 9 -4.97 -10.84 5.05
C THR D 9 -3.82 -9.84 4.98
N GLU D 10 -2.59 -10.36 4.98
CA GLU D 10 -1.43 -9.48 4.87
C GLU D 10 -1.56 -8.55 3.66
N GLN D 11 -1.96 -9.11 2.51
CA GLN D 11 -2.14 -8.30 1.30
C GLN D 11 -3.05 -7.12 1.54
N VAL D 12 -4.18 -7.34 2.20
CA VAL D 12 -5.21 -6.33 2.27
C VAL D 12 -4.82 -5.20 3.23
N ALA D 13 -3.89 -5.45 4.15
CA ALA D 13 -3.37 -4.37 4.97
C ALA D 13 -2.55 -3.38 4.14
N ARG D 14 -1.58 -3.91 3.37
CA ARG D 14 -0.68 -3.07 2.59
C ARG D 14 -1.44 -2.03 1.77
N GLN D 15 -2.61 -2.41 1.25
CA GLN D 15 -3.46 -1.48 0.52
C GLN D 15 -4.01 -0.40 1.46
N ILE D 16 -4.73 -0.83 2.51
CA ILE D 16 -5.30 0.12 3.46
C ILE D 16 -4.21 0.98 4.09
N ALA D 17 -3.11 0.34 4.50
CA ALA D 17 -1.98 1.08 5.06
C ALA D 17 -1.52 2.19 4.11
N GLY D 18 -1.38 1.86 2.82
CA GLY D 18 -1.11 2.88 1.83
C GLY D 18 -2.20 3.93 1.79
N ASP D 19 -3.46 3.50 1.76
CA ASP D 19 -4.58 4.43 1.74
C ASP D 19 -4.54 5.36 2.95
N ILE D 20 -4.27 4.81 4.13
CA ILE D 20 -4.10 5.63 5.33
C ILE D 20 -2.87 6.51 5.19
N ALA D 21 -1.72 5.89 4.93
CA ALA D 21 -0.47 6.65 4.83
C ALA D 21 -0.56 7.71 3.74
N GLU D 22 -1.16 7.39 2.59
CA GLU D 22 -1.39 8.41 1.59
C GLU D 22 -2.34 9.48 2.10
N GLY D 23 -3.30 9.11 2.93
CA GLY D 23 -4.24 10.04 3.50
C GLY D 23 -5.62 10.09 2.87
N VAL D 24 -6.08 8.99 2.27
CA VAL D 24 -7.50 8.90 1.92
C VAL D 24 -8.34 8.89 3.18
N HIS D 25 -7.99 8.01 4.12
CA HIS D 25 -8.58 7.99 5.45
C HIS D 25 -7.75 8.92 6.32
N SER D 26 -8.12 10.21 6.32
CA SER D 26 -7.48 11.18 7.20
C SER D 26 -7.56 10.69 8.64
N VAL D 27 -6.54 11.05 9.44
CA VAL D 27 -6.48 10.57 10.82
C VAL D 27 -7.73 11.01 11.55
N GLY D 28 -8.34 10.08 12.28
CA GLY D 28 -9.60 10.36 12.94
C GLY D 28 -10.82 10.23 12.04
N ALA D 29 -10.66 9.74 10.82
CA ALA D 29 -11.81 9.37 10.01
C ALA D 29 -12.27 7.95 10.38
N LYS D 30 -13.50 7.65 10.03
CA LYS D 30 -14.08 6.35 10.30
C LYS D 30 -13.69 5.38 9.19
N LEU D 31 -12.90 4.36 9.54
CA LEU D 31 -12.60 3.34 8.55
C LEU D 31 -13.90 2.75 8.02
N PRO D 32 -14.01 2.52 6.72
CA PRO D 32 -15.19 1.87 6.15
C PRO D 32 -15.56 0.60 6.90
N PRO D 33 -16.81 0.16 6.79
CA PRO D 33 -17.25 -1.01 7.54
C PRO D 33 -16.89 -2.31 6.83
N GLY D 34 -17.04 -3.41 7.57
CA GLY D 34 -16.73 -4.72 7.02
C GLY D 34 -17.39 -4.99 5.68
N ARG D 35 -18.71 -4.73 5.59
CA ARG D 35 -19.42 -5.08 4.36
C ARG D 35 -18.82 -4.39 3.14
N VAL D 36 -18.42 -3.13 3.29
CA VAL D 36 -17.83 -2.41 2.17
C VAL D 36 -16.51 -3.02 1.78
N LEU D 37 -15.59 -3.10 2.75
CA LEU D 37 -14.26 -3.64 2.48
C LEU D 37 -14.33 -5.06 1.93
N ALA D 38 -15.28 -5.86 2.40
CA ALA D 38 -15.49 -7.19 1.83
C ALA D 38 -15.73 -7.06 0.33
N GLU D 39 -16.81 -6.37 -0.03
CA GLU D 39 -17.04 -6.10 -1.44
C GLU D 39 -16.01 -5.16 -2.05
N GLN D 40 -15.19 -4.49 -1.24
CA GLN D 40 -14.12 -3.67 -1.81
C GLN D 40 -12.98 -4.54 -2.31
N TYR D 41 -12.37 -5.31 -1.43
CA TYR D 41 -11.22 -6.14 -1.80
C TYR D 41 -11.65 -7.53 -2.24
N GLY D 42 -12.94 -7.82 -2.24
CA GLY D 42 -13.38 -9.12 -2.73
C GLY D 42 -12.89 -10.27 -1.87
N VAL D 43 -12.76 -10.05 -0.57
CA VAL D 43 -12.30 -11.07 0.36
C VAL D 43 -13.48 -11.53 1.20
N SER D 44 -13.21 -12.35 2.22
CA SER D 44 -14.29 -12.86 3.04
C SER D 44 -14.29 -12.18 4.40
N ALA D 45 -15.41 -12.33 5.09
CA ALA D 45 -15.58 -11.77 6.42
C ALA D 45 -14.44 -12.21 7.33
N ALA D 46 -14.21 -13.53 7.38
CA ALA D 46 -13.13 -14.10 8.17
C ALA D 46 -11.81 -13.40 7.89
N VAL D 47 -11.53 -13.14 6.60
CA VAL D 47 -10.29 -12.47 6.21
C VAL D 47 -10.24 -11.05 6.77
N ILE D 48 -11.33 -10.30 6.64
CA ILE D 48 -11.31 -8.90 7.02
C ILE D 48 -11.18 -8.74 8.52
N ARG D 49 -11.86 -9.60 9.29
CA ARG D 49 -11.64 -9.62 10.72
C ARG D 49 -10.16 -9.73 11.05
N GLU D 50 -9.45 -10.62 10.35
CA GLU D 50 -8.04 -10.83 10.63
C GLU D 50 -7.23 -9.58 10.30
N ALA D 51 -7.51 -8.97 9.15
CA ALA D 51 -6.71 -7.84 8.69
C ALA D 51 -6.77 -6.67 9.65
N THR D 52 -7.99 -6.29 10.06
CA THR D 52 -8.13 -5.17 10.98
C THR D 52 -7.24 -5.36 12.20
N GLU D 53 -7.18 -6.59 12.73
CA GLU D 53 -6.28 -6.85 13.83
C GLU D 53 -4.83 -6.52 13.44
N ARG D 54 -4.43 -6.85 12.20
CA ARG D 54 -3.11 -6.41 11.75
C ARG D 54 -3.00 -4.90 11.75
N LEU D 55 -4.03 -4.21 11.29
CA LEU D 55 -4.05 -2.76 11.43
C LEU D 55 -4.12 -2.37 12.90
N ARG D 56 -4.94 -3.09 13.69
CA ARG D 56 -5.02 -2.80 15.12
C ARG D 56 -3.75 -3.19 15.85
N ALA D 57 -3.07 -4.25 15.41
CA ALA D 57 -1.79 -4.59 16.02
C ALA D 57 -0.76 -3.50 15.74
N GLN D 58 -0.77 -2.95 14.53
CA GLN D 58 0.20 -1.94 14.14
C GLN D 58 -0.18 -0.53 14.59
N GLY D 59 -1.26 -0.39 15.36
CA GLY D 59 -1.58 0.89 15.97
C GLY D 59 -2.04 1.98 15.02
N LEU D 60 -2.44 1.65 13.78
CA LEU D 60 -3.05 2.66 12.94
C LEU D 60 -4.50 2.94 13.35
N ILE D 61 -5.28 1.88 13.58
CA ILE D 61 -6.68 2.02 13.93
C ILE D 61 -6.92 1.51 15.34
N GLN D 62 -7.67 2.29 16.11
CA GLN D 62 -8.39 1.81 17.28
C GLN D 62 -9.85 1.63 16.87
N SER D 63 -10.49 0.60 17.42
CA SER D 63 -11.85 0.22 17.07
C SER D 63 -12.77 0.30 18.29
N ARG D 64 -13.97 0.81 18.09
CA ARG D 64 -15.01 0.83 19.12
C ARG D 64 -16.09 -0.18 18.74
N GLN D 65 -16.41 -1.10 19.67
CA GLN D 65 -17.44 -2.10 19.43
C GLN D 65 -18.78 -1.43 19.10
N GLY D 66 -19.37 -1.81 17.97
CA GLY D 66 -20.63 -1.25 17.54
C GLY D 66 -20.52 0.04 16.77
N SER D 67 -19.43 0.77 16.96
CA SER D 67 -19.26 2.09 16.33
C SER D 67 -18.61 1.92 14.96
N GLY D 68 -17.39 1.41 14.96
CA GLY D 68 -16.56 1.36 13.77
C GLY D 68 -15.11 1.48 14.13
N SER D 69 -14.26 1.19 13.14
CA SER D 69 -12.82 1.37 13.26
C SER D 69 -12.43 2.77 12.80
N VAL D 70 -11.44 3.37 13.47
CA VAL D 70 -11.00 4.73 13.19
C VAL D 70 -9.49 4.80 13.29
N VAL D 71 -8.86 5.45 12.30
CA VAL D 71 -7.42 5.57 12.19
C VAL D 71 -6.88 6.55 13.23
N VAL D 72 -5.58 6.47 13.51
CA VAL D 72 -4.99 7.33 14.54
C VAL D 72 -3.65 7.91 14.12
N SER D 73 -2.91 7.22 13.25
CA SER D 73 -1.59 7.72 12.89
C SER D 73 -1.17 7.14 11.54
N ARG D 74 -0.74 8.02 10.64
CA ARG D 74 -0.22 7.57 9.35
C ARG D 74 0.92 6.58 9.53
N THR D 75 1.98 6.98 10.23
CA THR D 75 3.08 6.05 10.48
C THR D 75 2.65 4.96 11.48
N GLY D 76 2.35 5.35 12.71
CA GLY D 76 2.11 4.42 13.78
C GLY D 76 3.39 4.08 14.53
N ALA D 77 3.71 4.90 15.55
CA ALA D 77 4.96 4.72 16.27
C ALA D 77 4.83 3.53 17.21
N GLN D 78 6.00 2.95 17.54
CA GLN D 78 6.06 1.68 18.24
C GLN D 78 6.65 1.83 19.64
N GLY D 79 7.98 1.85 19.73
CA GLY D 79 8.57 2.11 21.03
C GLY D 79 9.87 1.44 21.41
N PHE D 80 9.85 0.14 21.71
CA PHE D 80 11.04 -0.56 22.19
C PHE D 80 12.31 -0.19 21.44
N GLN D 81 13.17 0.60 22.07
CA GLN D 81 14.50 0.87 21.55
C GLN D 81 15.20 -0.44 21.17
N VAL D 82 15.03 -1.44 22.04
CA VAL D 82 15.84 -2.65 22.00
C VAL D 82 15.71 -3.34 20.65
N SER D 83 16.85 -3.64 20.05
CA SER D 83 16.93 -4.40 18.81
C SER D 83 18.05 -5.42 18.96
N ALA D 84 17.70 -6.70 18.92
CA ALA D 84 18.65 -7.79 19.15
C ALA D 84 19.07 -8.35 17.80
N GLY D 85 20.36 -8.20 17.46
CA GLY D 85 20.85 -8.60 16.16
C GLY D 85 22.15 -9.37 16.27
N LEU D 86 22.58 -9.89 15.12
CA LEU D 86 23.74 -10.80 15.08
C LEU D 86 25.07 -10.06 15.07
N ASP D 87 25.17 -8.97 14.33
CA ASP D 87 26.40 -8.22 14.18
C ASP D 87 26.25 -6.84 14.82
N ASP D 88 27.20 -6.49 15.67
CA ASP D 88 26.98 -5.36 16.56
C ASP D 88 28.26 -4.98 17.29
N ARG D 89 28.31 -3.71 17.74
CA ARG D 89 29.47 -3.20 18.43
C ARG D 89 29.15 -2.21 19.57
N GLU D 90 29.70 -1.00 19.49
CA GLU D 90 29.81 -0.09 20.62
C GLU D 90 28.55 0.74 20.87
N GLN D 91 27.75 0.96 19.84
CA GLN D 91 26.46 1.59 20.06
C GLN D 91 25.60 0.73 20.98
N LEU D 92 25.56 -0.58 20.72
CA LEU D 92 24.78 -1.46 21.58
C LEU D 92 25.33 -1.47 23.00
N ALA D 93 26.64 -1.26 23.13
CA ALA D 93 27.26 -1.30 24.46
C ALA D 93 26.83 -0.11 25.28
N SER D 94 26.64 1.01 24.61
CA SER D 94 26.27 2.25 25.29
C SER D 94 25.08 2.08 26.21
N VAL D 95 24.10 1.28 25.79
CA VAL D 95 22.86 1.18 26.54
C VAL D 95 22.92 0.09 27.58
N TYR D 96 23.55 -1.03 27.22
CA TYR D 96 23.86 -2.11 28.14
C TYR D 96 24.08 -1.57 29.55
N GLU D 97 24.80 -0.45 29.65
CA GLU D 97 24.94 0.25 30.92
C GLU D 97 23.60 0.42 31.63
N LEU D 98 22.67 1.17 31.01
CA LEU D 98 21.32 1.43 31.51
C LEU D 98 20.79 0.34 32.44
N ARG D 99 20.95 -0.93 32.04
CA ARG D 99 20.63 -2.02 32.95
C ARG D 99 21.28 -1.88 34.33
N MET D 100 22.19 -0.92 34.51
CA MET D 100 22.76 -0.62 35.82
C MET D 100 21.81 0.17 36.65
N GLU D 101 21.18 1.13 36.02
CA GLU D 101 20.10 1.81 36.68
C GLU D 101 18.91 0.89 36.96
N LEU D 102 18.86 -0.26 36.32
CA LEU D 102 17.61 -0.98 36.26
C LEU D 102 17.55 -2.19 37.19
N GLU D 103 18.39 -3.21 36.92
CA GLU D 103 18.60 -4.25 37.92
C GLU D 103 18.99 -3.64 39.26
N GLY D 104 19.71 -2.51 39.22
CA GLY D 104 19.90 -1.74 40.43
C GLY D 104 18.65 -1.00 40.87
N GLY D 105 17.91 -0.46 39.91
CA GLY D 105 16.64 0.19 40.22
C GLY D 105 15.54 -0.77 40.60
N ALA D 106 15.76 -2.07 40.47
CA ALA D 106 14.73 -3.06 40.76
C ALA D 106 14.97 -3.71 42.12
N ALA D 107 16.09 -4.44 42.24
CA ALA D 107 16.43 -5.18 43.45
C ALA D 107 16.27 -4.34 44.72
N ALA D 108 16.34 -3.01 44.61
CA ALA D 108 16.14 -2.16 45.78
C ALA D 108 14.70 -2.24 46.29
N LEU D 109 13.73 -2.10 45.38
CA LEU D 109 12.33 -2.31 45.75
C LEU D 109 12.01 -3.77 45.98
N ALA D 110 12.84 -4.68 45.47
CA ALA D 110 12.61 -6.11 45.67
C ALA D 110 12.68 -6.47 47.15
N ALA D 111 13.78 -6.09 47.80
CA ALA D 111 13.96 -6.38 49.22
C ALA D 111 12.96 -5.64 50.10
N ARG D 112 12.12 -4.78 49.52
CA ARG D 112 11.20 -3.96 50.28
C ARG D 112 9.75 -4.40 50.14
N ARG D 113 9.42 -5.23 49.14
CA ARG D 113 8.05 -5.71 48.99
C ARG D 113 7.99 -7.12 48.42
N ARG D 114 8.96 -7.97 48.76
CA ARG D 114 8.95 -9.36 48.31
C ARG D 114 7.81 -10.16 48.93
N ASN D 115 7.81 -11.47 48.71
CA ASN D 115 7.21 -12.44 49.61
C ASN D 115 7.79 -13.80 49.28
N ALA D 116 7.27 -14.85 49.91
CA ALA D 116 7.77 -16.21 49.71
C ALA D 116 7.73 -16.60 48.24
N THR D 117 6.58 -16.42 47.59
CA THR D 117 6.38 -16.93 46.25
C THR D 117 7.35 -16.30 45.26
N ASP D 118 7.77 -15.07 45.52
CA ASP D 118 8.83 -14.45 44.71
C ASP D 118 10.16 -15.14 44.95
N LEU D 119 10.59 -15.22 46.20
CA LEU D 119 11.85 -15.86 46.55
C LEU D 119 11.92 -17.28 45.99
N ALA D 120 10.82 -18.03 46.07
CA ALA D 120 10.79 -19.40 45.56
C ALA D 120 11.18 -19.45 44.08
N ALA D 121 10.80 -18.44 43.31
CA ALA D 121 11.20 -18.39 41.91
C ALA D 121 12.66 -17.97 41.76
N MET D 122 13.09 -17.00 42.57
CA MET D 122 14.50 -16.64 42.60
C MET D 122 15.35 -17.80 43.11
N ALA D 123 14.84 -18.58 44.06
CA ALA D 123 15.55 -19.77 44.50
C ALA D 123 15.55 -20.83 43.40
N GLU D 124 14.36 -21.27 42.98
CA GLU D 124 14.24 -22.33 41.99
C GLU D 124 14.99 -22.02 40.70
N ALA D 125 15.24 -20.73 40.42
CA ALA D 125 16.05 -20.36 39.27
C ALA D 125 17.51 -20.74 39.53
N LEU D 126 18.17 -20.00 40.42
CA LEU D 126 19.57 -20.29 40.76
C LEU D 126 19.75 -21.74 41.17
N ALA D 127 18.67 -22.38 41.64
CA ALA D 127 18.68 -23.81 41.90
C ALA D 127 19.09 -24.62 40.68
N ALA D 128 19.00 -24.05 39.49
CA ALA D 128 19.55 -24.67 38.27
C ALA D 128 20.95 -24.16 37.95
N LEU D 129 21.19 -22.86 38.11
CA LEU D 129 22.52 -22.31 37.87
C LEU D 129 23.57 -22.94 38.79
N GLU D 130 23.17 -23.36 39.99
CA GLU D 130 24.04 -24.10 40.89
C GLU D 130 23.93 -25.61 40.70
N ALA D 131 23.27 -26.04 39.62
CA ALA D 131 23.30 -27.41 39.16
C ALA D 131 23.85 -27.55 37.76
N ASN D 132 23.89 -26.47 36.98
CA ASN D 132 24.35 -26.51 35.60
C ASN D 132 25.53 -25.58 35.37
N LEU D 133 26.53 -25.65 36.25
CA LEU D 133 27.79 -24.96 36.00
C LEU D 133 28.72 -25.79 35.13
N ASP D 134 28.72 -27.11 35.33
CA ASP D 134 29.54 -28.03 34.56
C ASP D 134 29.02 -28.27 33.16
N HIS D 135 27.89 -27.67 32.77
CA HIS D 135 27.36 -27.78 31.41
C HIS D 135 26.64 -26.49 31.06
N PRO D 136 27.38 -25.39 30.90
CA PRO D 136 26.74 -24.10 30.66
C PRO D 136 26.02 -24.05 29.31
N GLU D 137 25.26 -25.10 28.99
CA GLU D 137 24.50 -25.17 27.76
C GLU D 137 23.07 -24.70 28.01
N GLN D 138 22.29 -25.51 28.73
CA GLN D 138 21.02 -25.01 29.26
C GLN D 138 21.22 -23.95 30.33
N GLY D 139 22.46 -23.58 30.62
CA GLY D 139 22.83 -22.74 31.73
C GLY D 139 22.31 -21.31 31.67
N VAL D 140 22.77 -20.52 30.70
CA VAL D 140 22.37 -19.11 30.61
C VAL D 140 20.87 -18.95 30.44
N GLU D 141 20.16 -20.05 30.19
CA GLU D 141 18.71 -20.03 30.14
C GLU D 141 18.10 -19.92 31.53
N HIS D 142 18.60 -20.69 32.49
CA HIS D 142 18.18 -20.52 33.87
C HIS D 142 18.73 -19.24 34.49
N ASP D 143 19.83 -18.70 33.94
CA ASP D 143 20.25 -17.35 34.28
C ASP D 143 19.18 -16.33 33.90
N ILE D 144 18.47 -16.56 32.79
CA ILE D 144 17.36 -15.71 32.40
C ILE D 144 16.34 -15.71 33.53
N ALA D 145 15.75 -16.87 33.78
CA ALA D 145 14.65 -17.04 34.73
C ALA D 145 14.99 -16.54 36.13
N PHE D 146 16.27 -16.30 36.41
CA PHE D 146 16.68 -15.68 37.67
C PHE D 146 16.56 -14.15 37.60
N HIS D 147 17.19 -13.54 36.59
CA HIS D 147 17.02 -12.11 36.36
C HIS D 147 15.56 -11.74 36.25
N VAL D 148 14.71 -12.72 35.94
CA VAL D 148 13.28 -12.52 35.77
C VAL D 148 12.65 -12.21 37.12
N ALA D 149 12.49 -13.24 37.96
CA ALA D 149 11.60 -13.18 39.12
C ALA D 149 11.83 -11.95 39.99
N ILE D 150 13.07 -11.49 40.09
CA ILE D 150 13.37 -10.28 40.87
C ILE D 150 12.56 -9.09 40.37
N ALA D 151 12.12 -9.12 39.12
CA ALA D 151 11.12 -8.16 38.66
C ALA D 151 9.83 -8.30 39.48
N ALA D 152 9.23 -9.50 39.46
CA ALA D 152 7.96 -9.74 40.15
C ALA D 152 7.98 -9.23 41.59
N ALA D 153 9.14 -9.24 42.24
CA ALA D 153 9.25 -8.68 43.58
C ALA D 153 8.90 -7.20 43.61
N THR D 154 9.14 -6.48 42.51
CA THR D 154 8.69 -5.10 42.41
C THR D 154 7.18 -4.98 42.57
N HIS D 155 6.46 -6.05 42.29
CA HIS D 155 5.00 -6.07 42.23
C HIS D 155 4.49 -4.86 41.44
N ASN D 156 5.04 -4.73 40.24
CA ASN D 156 4.68 -3.69 39.28
C ASN D 156 4.49 -4.38 37.94
N ARG D 157 3.31 -4.22 37.34
CA ARG D 157 2.99 -4.96 36.13
C ARG D 157 3.80 -4.44 34.94
N TYR D 158 3.93 -3.12 34.79
CA TYR D 158 4.64 -2.58 33.62
C TYR D 158 6.14 -2.80 33.73
N TYR D 159 6.70 -2.68 34.94
CA TYR D 159 8.13 -2.91 35.16
C TYR D 159 8.56 -4.25 34.57
N GLN D 160 7.80 -5.30 34.84
CA GLN D 160 8.25 -6.66 34.55
C GLN D 160 8.54 -6.86 33.07
N ASP D 161 7.62 -6.46 32.20
CA ASP D 161 7.79 -6.67 30.76
C ASP D 161 9.08 -6.01 30.25
N LEU D 162 9.32 -4.77 30.65
CA LEU D 162 10.39 -3.97 30.07
C LEU D 162 11.74 -4.66 30.23
N LEU D 163 12.03 -5.16 31.44
CA LEU D 163 13.28 -5.88 31.64
C LEU D 163 13.30 -7.18 30.83
N GLN D 164 12.17 -7.89 30.80
CA GLN D 164 12.09 -9.18 30.10
C GLN D 164 12.55 -9.06 28.65
N TYR D 165 12.12 -7.99 27.96
CA TYR D 165 12.60 -7.74 26.61
C TYR D 165 14.12 -7.60 26.59
N LEU D 166 14.66 -6.82 27.52
CA LEU D 166 16.10 -6.51 27.50
C LEU D 166 16.93 -7.77 27.68
N ASN D 167 16.48 -8.66 28.57
CA ASN D 167 17.26 -9.84 28.92
C ASN D 167 17.14 -10.97 27.90
N LEU D 168 16.46 -10.77 26.78
CA LEU D 168 16.28 -11.84 25.80
C LEU D 168 17.08 -11.60 24.52
N GLN D 169 18.03 -10.68 24.53
CA GLN D 169 18.99 -10.58 23.44
C GLN D 169 19.88 -11.83 23.40
N LEU D 170 20.48 -12.05 22.23
CA LEU D 170 21.26 -13.25 21.96
C LEU D 170 22.52 -13.31 22.81
N ARG D 171 23.38 -14.27 22.57
CA ARG D 171 24.59 -14.36 23.38
C ARG D 171 25.83 -14.59 22.53
N LEU D 187 34.60 -20.41 35.58
CA LEU D 187 34.14 -19.06 35.87
C LEU D 187 32.71 -19.07 36.37
N THR D 188 31.94 -20.05 35.87
CA THR D 188 30.52 -20.23 36.12
C THR D 188 30.07 -19.74 37.49
N ALA D 189 30.95 -19.86 38.49
CA ALA D 189 30.63 -19.54 39.88
C ALA D 189 30.95 -18.08 40.23
N VAL D 190 32.02 -17.52 39.68
CA VAL D 190 32.31 -16.11 39.91
C VAL D 190 31.10 -15.27 39.54
N VAL D 191 30.48 -15.58 38.40
CA VAL D 191 29.16 -15.03 38.10
C VAL D 191 28.13 -15.54 39.11
N HIS D 192 28.13 -16.85 39.35
CA HIS D 192 27.04 -17.46 40.10
C HIS D 192 27.06 -17.06 41.57
N GLN D 193 28.24 -16.75 42.12
CA GLN D 193 28.25 -16.22 43.47
C GLN D 193 27.80 -14.77 43.48
N GLU D 194 28.31 -13.96 42.54
CA GLU D 194 27.71 -12.65 42.28
C GLU D 194 26.22 -12.77 41.97
N HIS D 195 25.78 -13.96 41.55
CA HIS D 195 24.36 -14.21 41.33
C HIS D 195 23.59 -14.40 42.63
N VAL D 196 24.25 -14.92 43.67
CA VAL D 196 23.64 -14.94 44.99
C VAL D 196 23.95 -13.68 45.75
N ALA D 197 24.90 -12.86 45.28
CA ALA D 197 25.27 -11.64 45.99
C ALA D 197 24.08 -10.71 46.17
N VAL D 198 23.09 -10.80 45.28
CA VAL D 198 21.83 -10.07 45.48
C VAL D 198 20.88 -10.86 46.38
N TYR D 199 20.69 -12.14 46.07
CA TYR D 199 19.61 -12.94 46.64
C TYR D 199 19.59 -12.85 48.17
N ASP D 200 20.75 -12.97 48.80
CA ASP D 200 20.83 -12.77 50.24
C ASP D 200 20.46 -11.34 50.61
N ALA D 201 21.13 -10.37 49.98
CA ALA D 201 20.78 -8.96 50.18
C ALA D 201 19.34 -8.67 49.83
N ILE D 202 18.66 -9.57 49.12
CA ILE D 202 17.22 -9.48 48.91
C ILE D 202 16.45 -10.28 49.95
N LEU D 203 16.87 -11.54 50.16
CA LEU D 203 16.20 -12.38 51.14
C LEU D 203 16.29 -11.79 52.54
N ALA D 204 17.48 -11.27 52.90
CA ALA D 204 17.60 -10.49 54.13
C ALA D 204 16.70 -9.26 54.12
N GLY D 205 16.30 -8.80 52.95
CA GLY D 205 15.54 -7.57 52.88
C GLY D 205 16.43 -6.38 53.18
N ASP D 206 17.32 -6.07 52.26
CA ASP D 206 18.22 -4.92 52.39
C ASP D 206 18.09 -4.07 51.14
N PRO D 207 17.57 -2.85 51.24
CA PRO D 207 17.37 -2.04 50.04
C PRO D 207 18.66 -1.68 49.34
N ASP D 208 19.45 -0.78 49.94
CA ASP D 208 20.65 -0.28 49.30
C ASP D 208 21.71 -1.37 49.10
N ARG D 209 21.66 -2.43 49.90
CA ARG D 209 22.66 -3.49 49.77
C ARG D 209 22.37 -4.42 48.59
N ALA D 210 21.09 -4.63 48.27
CA ALA D 210 20.77 -5.43 47.08
C ALA D 210 21.03 -4.66 45.80
N ARG D 211 20.88 -3.34 45.82
CA ARG D 211 21.12 -2.57 44.61
C ARG D 211 22.61 -2.47 44.31
N LEU D 212 23.42 -2.39 45.37
CA LEU D 212 24.88 -2.48 45.22
C LEU D 212 25.27 -3.76 44.51
N ALA D 213 24.81 -4.90 45.04
CA ALA D 213 25.08 -6.18 44.40
C ALA D 213 24.51 -6.27 42.99
N ALA D 214 23.49 -5.46 42.67
CA ALA D 214 22.97 -5.41 41.31
C ALA D 214 23.86 -4.57 40.40
N THR D 215 24.27 -3.39 40.87
CA THR D 215 25.20 -2.58 40.09
C THR D 215 26.53 -3.30 39.89
N ARG D 216 26.89 -4.17 40.83
CA ARG D 216 28.12 -4.93 40.69
C ARG D 216 27.94 -6.09 39.71
N HIS D 217 26.81 -6.79 39.76
CA HIS D 217 26.43 -7.77 38.73
C HIS D 217 26.86 -7.32 37.36
N LEU D 218 26.65 -6.03 37.09
CA LEU D 218 26.69 -5.50 35.73
C LEU D 218 28.03 -4.94 35.36
N GLN D 219 28.59 -4.12 36.23
CA GLN D 219 29.97 -3.69 36.07
C GLN D 219 30.86 -4.90 35.82
N GLN D 220 30.54 -6.03 36.45
CA GLN D 220 31.40 -7.20 36.31
C GLN D 220 31.09 -7.97 35.04
N ALA D 221 29.82 -8.04 34.64
CA ALA D 221 29.48 -8.65 33.36
C ALA D 221 30.04 -7.82 32.21
N ALA D 222 29.97 -6.50 32.33
CA ALA D 222 30.55 -5.63 31.31
C ALA D 222 32.05 -5.81 31.21
N SER D 223 32.73 -5.94 32.35
CA SER D 223 34.17 -6.17 32.30
C SER D 223 34.50 -7.55 31.77
N ARG D 224 33.59 -8.52 31.96
CA ARG D 224 33.89 -9.90 31.58
C ARG D 224 33.72 -10.15 30.09
N LEU D 225 32.94 -9.35 29.38
CA LEU D 225 32.73 -9.52 27.96
C LEU D 225 33.39 -8.44 27.10
N ARG D 226 33.37 -7.18 27.53
CA ARG D 226 34.00 -6.10 26.77
C ARG D 226 35.48 -6.41 26.50
N LEU D 227 36.01 -7.48 27.10
CA LEU D 227 37.28 -8.09 26.74
C LEU D 227 37.17 -9.50 26.17
N ASP D 228 36.06 -10.21 26.43
CA ASP D 228 35.88 -11.55 25.82
C ASP D 228 35.77 -11.54 24.29
N MET G 1 -9.11 -22.74 30.71
CA MET G 1 -10.08 -21.70 30.38
C MET G 1 -9.61 -20.33 30.83
N LEU G 2 -10.34 -19.30 30.41
CA LEU G 2 -9.97 -17.90 30.61
C LEU G 2 -10.91 -17.23 31.59
N SER G 3 -10.68 -15.94 31.81
CA SER G 3 -11.51 -15.10 32.66
C SER G 3 -12.42 -14.30 31.73
N LYS G 4 -13.65 -14.77 31.58
CA LYS G 4 -14.58 -14.22 30.60
C LYS G 4 -14.79 -12.73 30.83
N SER G 5 -14.58 -11.94 29.77
CA SER G 5 -14.72 -10.50 29.88
C SER G 5 -16.12 -10.12 30.35
N LEU G 6 -16.19 -9.35 31.42
CA LEU G 6 -17.46 -8.88 31.96
C LEU G 6 -17.99 -7.77 31.06
N THR G 7 -19.18 -7.97 30.51
CA THR G 7 -19.75 -6.99 29.58
C THR G 7 -19.87 -5.64 30.27
N LEU G 8 -19.92 -4.58 29.46
CA LEU G 8 -20.15 -3.24 30.02
C LEU G 8 -21.53 -3.14 30.66
N THR G 9 -22.51 -3.86 30.12
CA THR G 9 -23.82 -3.93 30.73
C THR G 9 -23.72 -4.34 32.20
N GLU G 10 -23.19 -5.54 32.47
CA GLU G 10 -22.97 -5.93 33.86
C GLU G 10 -21.91 -5.06 34.52
N GLN G 11 -20.95 -4.53 33.75
CA GLN G 11 -19.94 -3.65 34.32
C GLN G 11 -20.55 -2.35 34.83
N VAL G 12 -21.53 -1.81 34.11
CA VAL G 12 -22.17 -0.57 34.56
C VAL G 12 -22.92 -0.82 35.86
N ALA G 13 -23.80 -1.81 35.87
CA ALA G 13 -24.62 -2.10 37.04
C ALA G 13 -23.80 -2.16 38.33
N ARG G 14 -22.79 -3.04 38.36
CA ARG G 14 -22.06 -3.27 39.60
C ARG G 14 -21.44 -1.98 40.14
N GLN G 15 -20.98 -1.10 39.24
CA GLN G 15 -20.48 0.20 39.70
C GLN G 15 -21.59 1.01 40.35
N ILE G 16 -22.80 0.95 39.78
CA ILE G 16 -23.95 1.64 40.35
C ILE G 16 -24.33 1.01 41.68
N ALA G 17 -24.38 -0.33 41.71
CA ALA G 17 -24.67 -1.06 42.95
C ALA G 17 -23.77 -0.57 44.08
N GLY G 18 -22.47 -0.48 43.82
CA GLY G 18 -21.56 0.04 44.82
C GLY G 18 -21.84 1.49 45.19
N ASP G 19 -22.28 2.29 44.23
CA ASP G 19 -22.67 3.66 44.54
C ASP G 19 -24.00 3.70 45.29
N ILE G 20 -24.93 2.81 44.94
CA ILE G 20 -26.10 2.60 45.79
C ILE G 20 -25.67 2.05 47.15
N ALA G 21 -24.77 1.08 47.15
CA ALA G 21 -24.33 0.46 48.41
C ALA G 21 -23.71 1.49 49.33
N GLU G 22 -22.81 2.33 48.81
CA GLU G 22 -22.21 3.39 49.62
C GLU G 22 -23.17 4.54 49.86
N GLY G 23 -24.46 4.37 49.54
CA GLY G 23 -25.45 5.39 49.81
C GLY G 23 -25.21 6.68 49.06
N VAL G 24 -24.29 6.66 48.10
CA VAL G 24 -24.00 7.86 47.30
C VAL G 24 -25.28 8.44 46.74
N HIS G 25 -26.11 7.61 46.15
CA HIS G 25 -27.45 7.99 45.74
C HIS G 25 -28.39 7.64 46.89
N SER G 26 -28.76 8.67 47.66
CA SER G 26 -29.57 8.47 48.86
C SER G 26 -30.83 7.70 48.53
N VAL G 27 -31.23 6.83 49.45
CA VAL G 27 -32.38 5.96 49.19
C VAL G 27 -33.64 6.80 49.09
N GLY G 28 -34.50 6.45 48.14
CA GLY G 28 -35.60 7.31 47.77
C GLY G 28 -35.26 8.36 46.73
N ALA G 29 -33.98 8.64 46.50
CA ALA G 29 -33.60 9.61 45.49
C ALA G 29 -33.68 8.99 44.10
N LYS G 30 -33.62 9.83 43.08
CA LYS G 30 -33.69 9.33 41.73
C LYS G 30 -32.29 9.06 41.19
N LEU G 31 -32.22 8.16 40.24
CA LEU G 31 -30.96 8.01 39.52
C LEU G 31 -30.80 9.18 38.56
N PRO G 32 -29.64 9.84 38.56
CA PRO G 32 -29.38 10.90 37.57
C PRO G 32 -29.79 10.46 36.17
N PRO G 33 -30.19 11.40 35.32
CA PRO G 33 -30.84 11.03 34.04
C PRO G 33 -30.07 9.97 33.27
N GLY G 34 -30.82 9.17 32.50
CA GLY G 34 -30.18 8.15 31.67
C GLY G 34 -29.19 8.77 30.69
N ARG G 35 -29.63 9.83 29.99
CA ARG G 35 -28.72 10.62 29.17
C ARG G 35 -27.54 11.14 29.99
N VAL G 36 -27.78 11.48 31.25
CA VAL G 36 -26.70 11.97 32.12
C VAL G 36 -25.71 10.85 32.42
N LEU G 37 -26.20 9.67 32.78
CA LEU G 37 -25.31 8.57 33.11
C LEU G 37 -24.53 8.08 31.90
N ALA G 38 -25.03 8.31 30.69
CA ALA G 38 -24.22 8.05 29.50
C ALA G 38 -22.98 8.94 29.50
N GLU G 39 -23.09 10.14 30.06
CA GLU G 39 -21.95 11.06 30.07
C GLU G 39 -20.89 10.60 31.07
N GLN G 40 -21.29 10.03 32.21
CA GLN G 40 -20.35 9.76 33.28
C GLN G 40 -19.45 8.56 32.99
N TYR G 41 -20.03 7.37 32.90
CA TYR G 41 -19.24 6.13 32.82
C TYR G 41 -18.64 5.89 31.44
N GLY G 42 -18.70 6.87 30.54
CA GLY G 42 -18.06 6.77 29.24
C GLY G 42 -18.75 5.80 28.29
N VAL G 43 -20.07 5.75 28.34
CA VAL G 43 -20.83 4.65 27.77
C VAL G 43 -21.89 5.21 26.83
N SER G 44 -22.75 4.32 26.34
CA SER G 44 -23.70 4.67 25.28
C SER G 44 -25.12 4.34 25.75
N ALA G 45 -26.06 4.38 24.80
CA ALA G 45 -27.50 4.27 25.06
C ALA G 45 -27.91 2.90 25.60
N ALA G 46 -27.98 1.89 24.74
CA ALA G 46 -28.55 0.59 25.15
C ALA G 46 -27.85 0.00 26.36
N VAL G 47 -26.62 0.40 26.64
CA VAL G 47 -26.01 0.07 27.94
C VAL G 47 -26.82 0.71 29.07
N ILE G 48 -27.10 2.00 28.95
CA ILE G 48 -27.92 2.69 29.94
C ILE G 48 -29.27 1.99 30.09
N ARG G 49 -29.97 1.77 28.98
CA ARG G 49 -31.26 1.08 28.98
C ARG G 49 -31.15 -0.37 29.42
N GLU G 50 -29.96 -0.83 29.80
CA GLU G 50 -29.85 -2.23 30.23
C GLU G 50 -29.64 -2.36 31.72
N ALA G 51 -28.44 -2.00 32.20
CA ALA G 51 -28.10 -2.20 33.62
C ALA G 51 -29.16 -1.62 34.55
N THR G 52 -29.96 -0.67 34.05
CA THR G 52 -31.24 -0.35 34.66
C THR G 52 -31.94 -1.64 35.07
N GLU G 53 -32.23 -2.49 34.08
CA GLU G 53 -32.93 -3.75 34.33
C GLU G 53 -32.26 -4.58 35.41
N ARG G 54 -30.92 -4.65 35.43
CA ARG G 54 -30.24 -5.25 36.57
C ARG G 54 -30.71 -4.59 37.86
N LEU G 55 -30.62 -3.26 37.93
CA LEU G 55 -31.09 -2.54 39.09
C LEU G 55 -32.61 -2.62 39.22
N ARG G 56 -33.32 -2.50 38.09
CA ARG G 56 -34.76 -2.74 38.09
C ARG G 56 -35.12 -4.18 38.41
N ALA G 57 -34.14 -5.10 38.50
CA ALA G 57 -34.43 -6.48 38.87
C ALA G 57 -33.77 -6.91 40.17
N GLN G 58 -32.58 -6.40 40.49
CA GLN G 58 -31.99 -6.65 41.80
C GLN G 58 -32.79 -5.95 42.89
N GLY G 59 -34.04 -5.60 42.59
CA GLY G 59 -34.90 -4.86 43.48
C GLY G 59 -34.24 -3.60 43.99
N LEU G 60 -33.97 -2.64 43.11
CA LEU G 60 -33.28 -1.42 43.52
C LEU G 60 -33.92 -0.13 43.02
N ILE G 61 -34.80 -0.18 42.02
CA ILE G 61 -35.47 1.01 41.52
C ILE G 61 -36.79 0.59 40.90
N GLN G 62 -37.80 1.46 41.01
CA GLN G 62 -38.94 1.45 40.11
C GLN G 62 -38.80 2.62 39.14
N SER G 63 -39.42 2.48 37.98
CA SER G 63 -39.20 3.41 36.87
C SER G 63 -40.52 4.04 36.44
N ARG G 64 -40.73 5.28 36.86
CA ARG G 64 -41.88 6.07 36.42
C ARG G 64 -41.51 6.74 35.10
N GLN G 65 -42.10 6.26 34.00
CA GLN G 65 -41.89 6.85 32.69
C GLN G 65 -42.20 8.34 32.69
N GLY G 66 -41.21 9.16 33.04
CA GLY G 66 -41.39 10.59 33.20
C GLY G 66 -40.63 11.14 34.37
N SER G 67 -40.96 10.68 35.58
CA SER G 67 -40.22 11.10 36.77
C SER G 67 -38.80 10.54 36.75
N GLY G 68 -38.64 9.29 36.33
CA GLY G 68 -37.38 8.61 36.36
C GLY G 68 -37.43 7.37 37.23
N SER G 69 -36.36 7.11 37.96
CA SER G 69 -36.23 5.89 38.73
C SER G 69 -35.55 6.18 40.06
N VAL G 70 -36.03 5.53 41.12
CA VAL G 70 -35.79 5.96 42.49
C VAL G 70 -35.08 4.84 43.25
N VAL G 71 -33.96 5.18 43.90
CA VAL G 71 -33.25 4.28 44.81
C VAL G 71 -34.22 3.77 45.88
N VAL G 72 -34.40 2.45 45.98
CA VAL G 72 -35.34 1.88 46.93
C VAL G 72 -34.67 1.02 48.00
N SER G 73 -33.41 0.66 47.85
CA SER G 73 -32.66 0.01 48.92
C SER G 73 -31.17 0.06 48.56
N ARG G 74 -30.35 -0.30 49.53
CA ARG G 74 -28.90 -0.34 49.34
C ARG G 74 -28.39 -1.71 48.92
N THR G 75 -29.14 -2.77 49.21
CA THR G 75 -28.86 -4.12 48.73
C THR G 75 -30.05 -4.62 47.92
N GLY G 76 -29.96 -5.87 47.48
CA GLY G 76 -30.90 -6.42 46.53
C GLY G 76 -31.85 -7.43 47.14
N ALA G 77 -32.46 -8.24 46.28
CA ALA G 77 -33.37 -9.30 46.69
C ALA G 77 -32.66 -10.64 46.82
N GLN G 78 -31.89 -11.03 45.81
CA GLN G 78 -30.99 -12.16 45.95
C GLN G 78 -29.96 -11.88 47.04
N GLY G 79 -29.66 -12.90 47.84
CA GLY G 79 -28.61 -12.82 48.82
C GLY G 79 -27.31 -13.38 48.28
N PHE G 80 -26.25 -13.19 49.06
CA PHE G 80 -24.94 -13.75 48.75
C PHE G 80 -24.59 -13.44 47.31
N GLN G 81 -23.97 -14.39 46.63
CA GLN G 81 -23.67 -14.29 45.21
C GLN G 81 -24.31 -15.49 44.50
N VAL G 82 -23.58 -16.25 43.67
CA VAL G 82 -24.00 -17.50 43.02
C VAL G 82 -23.29 -17.56 41.68
N SER G 83 -23.93 -18.20 40.69
CA SER G 83 -23.52 -18.13 39.29
C SER G 83 -22.11 -18.62 39.01
N ALA G 84 -21.63 -18.36 37.78
CA ALA G 84 -20.30 -18.73 37.35
C ALA G 84 -19.96 -17.92 36.11
N GLY G 85 -18.67 -17.56 35.97
CA GLY G 85 -18.26 -16.73 34.87
C GLY G 85 -17.36 -17.46 33.91
N LEU G 86 -17.87 -18.56 33.32
CA LEU G 86 -17.08 -19.45 32.48
C LEU G 86 -16.03 -20.20 33.29
N ASP G 87 -16.29 -20.35 34.59
CA ASP G 87 -15.46 -21.16 35.49
C ASP G 87 -14.00 -20.72 35.45
N ASP G 88 -13.77 -19.41 35.42
CA ASP G 88 -12.42 -18.92 35.54
C ASP G 88 -11.87 -19.29 36.91
N ARG G 89 -10.61 -19.75 36.94
CA ARG G 89 -10.00 -20.27 38.15
C ARG G 89 -10.11 -19.27 39.30
N GLU G 90 -9.99 -17.98 39.00
CA GLU G 90 -9.95 -16.97 40.05
C GLU G 90 -11.27 -16.91 40.81
N GLN G 91 -12.39 -17.05 40.10
CA GLN G 91 -13.69 -16.99 40.77
C GLN G 91 -13.86 -18.16 41.73
N LEU G 92 -13.51 -19.36 41.28
CA LEU G 92 -13.65 -20.54 42.11
C LEU G 92 -12.75 -20.44 43.34
N ALA G 93 -11.51 -20.00 43.13
CA ALA G 93 -10.58 -19.78 44.25
C ALA G 93 -11.21 -18.84 45.28
N SER G 94 -11.72 -17.69 44.81
CA SER G 94 -12.49 -16.80 45.67
C SER G 94 -13.57 -17.55 46.43
N VAL G 95 -14.28 -18.43 45.73
CA VAL G 95 -15.40 -19.14 46.36
C VAL G 95 -14.89 -20.13 47.39
N TYR G 96 -13.91 -20.96 47.00
CA TYR G 96 -13.41 -21.99 47.92
C TYR G 96 -12.68 -21.36 49.09
N GLU G 97 -11.84 -20.37 48.82
CA GLU G 97 -11.04 -19.74 49.87
C GLU G 97 -11.91 -19.12 50.97
N LEU G 98 -13.23 -19.20 50.83
CA LEU G 98 -14.16 -18.73 51.85
C LEU G 98 -14.91 -19.86 52.54
N ARG G 99 -15.43 -20.84 51.80
CA ARG G 99 -15.98 -22.03 52.43
C ARG G 99 -14.97 -22.61 53.42
N MET G 100 -13.69 -22.52 53.09
CA MET G 100 -12.63 -22.79 54.06
C MET G 100 -12.76 -21.88 55.26
N GLU G 101 -12.81 -20.57 55.03
CA GLU G 101 -12.64 -19.59 56.11
C GLU G 101 -13.62 -19.82 57.25
N LEU G 102 -14.87 -20.17 56.94
CA LEU G 102 -15.91 -20.20 57.95
C LEU G 102 -16.31 -21.59 58.42
N GLU G 103 -16.11 -22.64 57.60
CA GLU G 103 -16.24 -23.98 58.16
C GLU G 103 -15.25 -24.17 59.30
N GLY G 104 -14.19 -23.37 59.34
CA GLY G 104 -13.40 -23.27 60.55
C GLY G 104 -14.16 -22.58 61.67
N GLY G 105 -14.97 -21.57 61.34
CA GLY G 105 -15.87 -20.99 62.32
C GLY G 105 -17.10 -21.83 62.59
N ALA G 106 -17.46 -22.72 61.68
CA ALA G 106 -18.57 -23.64 61.92
C ALA G 106 -18.19 -24.66 63.00
N ALA G 107 -17.03 -25.31 62.83
CA ALA G 107 -16.53 -26.27 63.81
C ALA G 107 -16.15 -25.56 65.11
N ALA G 108 -16.30 -24.24 65.13
CA ALA G 108 -16.06 -23.48 66.35
C ALA G 108 -17.29 -23.47 67.25
N LEU G 109 -18.47 -23.23 66.68
CA LEU G 109 -19.68 -23.24 67.48
C LEU G 109 -20.10 -24.66 67.85
N ALA G 110 -20.01 -25.59 66.89
CA ALA G 110 -20.40 -26.98 67.14
C ALA G 110 -19.52 -27.66 68.16
N ALA G 111 -18.39 -27.06 68.53
CA ALA G 111 -17.60 -27.59 69.63
C ALA G 111 -18.22 -27.25 70.98
N ARG G 112 -18.98 -26.15 71.06
CA ARG G 112 -19.61 -25.71 72.31
C ARG G 112 -21.13 -25.72 72.23
N ARG G 113 -21.71 -26.44 71.25
CA ARG G 113 -23.16 -26.45 71.10
C ARG G 113 -23.67 -27.78 70.55
N ARG G 114 -22.97 -28.87 70.81
CA ARG G 114 -23.36 -30.14 70.23
C ARG G 114 -24.54 -30.77 70.98
N ASN G 115 -25.26 -31.63 70.27
CA ASN G 115 -26.27 -32.52 70.84
C ASN G 115 -26.02 -33.90 70.26
N ALA G 116 -26.29 -34.93 71.08
CA ALA G 116 -26.08 -36.31 70.60
C ALA G 116 -26.84 -36.56 69.31
N THR G 117 -28.04 -36.00 69.19
CA THR G 117 -28.79 -36.06 67.93
C THR G 117 -27.93 -35.62 66.76
N ASP G 118 -27.25 -34.47 66.92
CA ASP G 118 -26.29 -34.03 65.91
C ASP G 118 -25.08 -34.96 65.88
N LEU G 119 -24.49 -35.23 67.05
CA LEU G 119 -23.32 -36.10 67.13
C LEU G 119 -23.59 -37.46 66.51
N ALA G 120 -24.77 -38.04 66.77
CA ALA G 120 -25.14 -39.28 66.13
C ALA G 120 -25.26 -39.11 64.62
N ALA G 121 -25.81 -37.98 64.18
CA ALA G 121 -25.94 -37.72 62.75
C ALA G 121 -24.58 -37.73 62.05
N MET G 122 -23.58 -37.11 62.68
CA MET G 122 -22.23 -37.14 62.13
C MET G 122 -21.63 -38.55 62.20
N ALA G 123 -22.04 -39.35 63.19
CA ALA G 123 -21.58 -40.74 63.27
C ALA G 123 -22.26 -41.60 62.22
N GLU G 124 -23.59 -41.54 62.15
CA GLU G 124 -24.31 -42.20 61.06
C GLU G 124 -23.79 -41.74 59.72
N ALA G 125 -23.47 -40.45 59.60
CA ALA G 125 -22.73 -39.97 58.44
C ALA G 125 -21.42 -40.73 58.30
N LEU G 126 -20.65 -40.82 59.38
CA LEU G 126 -19.39 -41.58 59.35
C LEU G 126 -19.62 -43.07 59.25
N ALA G 127 -20.83 -43.55 59.56
CA ALA G 127 -21.13 -44.97 59.58
C ALA G 127 -20.96 -45.60 58.21
N ALA G 128 -21.96 -45.43 57.34
CA ALA G 128 -21.87 -46.01 55.99
C ALA G 128 -20.84 -45.30 55.11
N LEU G 129 -20.18 -44.26 55.63
CA LEU G 129 -19.16 -43.56 54.85
C LEU G 129 -17.96 -44.46 54.60
N GLU G 130 -17.33 -44.96 55.67
CA GLU G 130 -16.20 -45.87 55.52
C GLU G 130 -16.60 -47.18 54.89
N ALA G 131 -17.87 -47.56 54.97
CA ALA G 131 -18.37 -48.76 54.32
C ALA G 131 -18.27 -48.62 52.81
N ASN G 132 -19.05 -47.71 52.24
CA ASN G 132 -19.05 -47.47 50.80
C ASN G 132 -17.86 -46.65 50.33
N LEU G 133 -16.86 -46.42 51.20
CA LEU G 133 -15.63 -45.79 50.73
C LEU G 133 -14.83 -46.68 49.81
N ASP G 134 -15.17 -47.97 49.74
CA ASP G 134 -14.60 -48.88 48.74
C ASP G 134 -15.38 -48.84 47.43
N HIS G 135 -16.45 -48.03 47.38
CA HIS G 135 -17.20 -47.74 46.17
C HIS G 135 -17.27 -46.22 46.09
N PRO G 136 -16.17 -45.56 45.68
CA PRO G 136 -16.08 -44.09 45.79
C PRO G 136 -17.31 -43.36 45.29
N GLU G 137 -17.87 -43.85 44.19
CA GLU G 137 -19.09 -43.28 43.65
C GLU G 137 -20.30 -43.61 44.53
N GLN G 138 -20.44 -44.88 44.92
CA GLN G 138 -21.64 -45.32 45.63
C GLN G 138 -21.77 -44.70 47.02
N GLY G 139 -20.69 -44.20 47.60
CA GLY G 139 -20.79 -43.57 48.90
C GLY G 139 -20.65 -42.06 48.86
N VAL G 140 -20.92 -41.47 47.70
CA VAL G 140 -20.66 -40.05 47.49
C VAL G 140 -21.55 -39.18 48.37
N GLU G 141 -22.80 -39.60 48.57
CA GLU G 141 -23.81 -38.70 49.13
C GLU G 141 -23.55 -38.37 50.61
N HIS G 142 -22.95 -39.30 51.36
CA HIS G 142 -22.91 -39.14 52.82
C HIS G 142 -21.95 -38.03 53.24
N ASP G 143 -20.80 -37.94 52.56
CA ASP G 143 -19.84 -36.87 52.84
C ASP G 143 -20.52 -35.51 52.91
N ILE G 144 -21.39 -35.24 51.95
CA ILE G 144 -22.27 -34.08 52.00
C ILE G 144 -23.04 -34.14 53.31
N ALA G 145 -23.91 -35.15 53.43
CA ALA G 145 -24.71 -35.34 54.64
C ALA G 145 -23.88 -35.27 55.90
N PHE G 146 -22.61 -35.68 55.84
CA PHE G 146 -21.71 -35.49 56.97
C PHE G 146 -21.37 -34.01 57.16
N HIS G 147 -20.77 -33.39 56.14
CA HIS G 147 -20.58 -31.94 56.16
C HIS G 147 -21.90 -31.23 56.45
N VAL G 148 -23.02 -31.85 56.08
CA VAL G 148 -24.33 -31.35 56.48
C VAL G 148 -24.58 -31.59 57.96
N ALA G 149 -24.24 -32.79 58.44
CA ALA G 149 -24.44 -33.07 59.86
C ALA G 149 -23.63 -32.12 60.73
N ILE G 150 -22.44 -31.73 60.25
CA ILE G 150 -21.65 -30.68 60.90
C ILE G 150 -22.44 -29.39 61.02
N ALA G 151 -23.26 -29.09 60.01
CA ALA G 151 -23.99 -27.83 59.96
C ALA G 151 -25.05 -27.73 61.04
N ALA G 152 -26.09 -28.56 60.97
CA ALA G 152 -27.20 -28.54 61.92
C ALA G 152 -26.74 -28.60 63.37
N ALA G 153 -25.47 -28.98 63.58
CA ALA G 153 -24.88 -28.99 64.91
C ALA G 153 -24.84 -27.61 65.53
N THR G 154 -24.73 -26.55 64.71
CA THR G 154 -24.45 -25.22 65.22
C THR G 154 -25.68 -24.51 65.78
N HIS G 155 -26.87 -25.07 65.61
CA HIS G 155 -28.13 -24.48 66.09
C HIS G 155 -28.28 -23.04 65.57
N ASN G 156 -28.04 -22.88 64.26
CA ASN G 156 -27.96 -21.56 63.65
C ASN G 156 -28.41 -21.70 62.20
N ARG G 157 -29.74 -21.70 62.00
CA ARG G 157 -30.33 -22.10 60.72
C ARG G 157 -29.96 -21.12 59.59
N TYR G 158 -29.75 -19.85 59.91
CA TYR G 158 -29.26 -18.91 58.91
C TYR G 158 -27.89 -19.36 58.42
N TYR G 159 -26.90 -19.32 59.32
CA TYR G 159 -25.60 -19.95 59.19
C TYR G 159 -25.71 -21.30 58.48
N GLN G 160 -26.75 -22.06 58.81
CA GLN G 160 -26.90 -23.42 58.29
C GLN G 160 -27.41 -23.43 56.86
N ASP G 161 -28.24 -22.47 56.49
CA ASP G 161 -28.73 -22.37 55.12
C ASP G 161 -27.70 -21.75 54.17
N LEU G 162 -26.67 -21.12 54.71
CA LEU G 162 -25.67 -20.46 53.88
C LEU G 162 -24.84 -21.47 53.11
N LEU G 163 -24.35 -22.50 53.79
CA LEU G 163 -23.51 -23.50 53.13
C LEU G 163 -24.33 -24.54 52.39
N GLN G 164 -25.51 -24.90 52.92
CA GLN G 164 -26.47 -25.71 52.18
C GLN G 164 -26.69 -25.13 50.79
N TYR G 165 -26.45 -23.82 50.63
CA TYR G 165 -26.41 -23.15 49.35
C TYR G 165 -25.00 -22.91 48.83
N LEU G 166 -24.00 -22.75 49.70
CA LEU G 166 -22.62 -22.55 49.22
C LEU G 166 -22.10 -23.77 48.47
N ASN G 167 -22.17 -24.95 49.10
CA ASN G 167 -21.81 -26.17 48.39
C ASN G 167 -22.82 -26.53 47.32
N LEU G 168 -24.04 -25.98 47.38
CA LEU G 168 -25.06 -26.30 46.40
C LEU G 168 -24.63 -25.95 44.98
N GLN G 169 -23.87 -24.86 44.82
CA GLN G 169 -23.33 -24.49 43.52
C GLN G 169 -21.84 -24.78 43.39
N LEU G 170 -21.16 -25.13 44.50
CA LEU G 170 -19.79 -25.61 44.42
C LEU G 170 -19.73 -27.01 43.81
N ARG G 171 -20.37 -27.99 44.46
CA ARG G 171 -20.51 -29.33 43.90
C ARG G 171 -21.36 -29.37 42.60
N LEU G 172 -21.53 -28.18 42.00
CA LEU G 172 -22.26 -27.96 40.74
C LEU G 172 -21.35 -27.60 39.59
N ALA G 173 -20.36 -26.74 39.82
CA ALA G 173 -19.49 -26.29 38.73
C ALA G 173 -18.47 -27.35 38.33
N VAL G 174 -17.96 -28.11 39.29
CA VAL G 174 -16.86 -29.04 39.05
C VAL G 174 -17.40 -30.41 38.65
N SER G 175 -18.51 -30.43 37.93
CA SER G 175 -19.17 -31.67 37.52
C SER G 175 -18.24 -32.60 36.74
N LEU G 187 -5.90 -43.26 49.03
CA LEU G 187 -7.26 -43.17 48.52
C LEU G 187 -8.27 -42.97 49.65
N THR G 188 -9.30 -43.83 49.67
CA THR G 188 -10.31 -43.84 50.73
C THR G 188 -9.67 -43.74 52.10
N ALA G 189 -8.49 -44.35 52.25
CA ALA G 189 -7.70 -44.21 53.46
C ALA G 189 -7.43 -42.74 53.77
N VAL G 190 -6.51 -42.13 53.03
CA VAL G 190 -6.05 -40.78 53.35
C VAL G 190 -7.18 -39.77 53.25
N VAL G 191 -8.18 -40.04 52.40
CA VAL G 191 -9.33 -39.15 52.31
C VAL G 191 -10.13 -39.18 53.61
N HIS G 192 -10.55 -40.38 54.02
CA HIS G 192 -11.32 -40.52 55.25
C HIS G 192 -10.43 -40.49 56.49
N GLN G 193 -9.11 -40.67 56.32
CA GLN G 193 -8.18 -40.46 57.43
C GLN G 193 -8.37 -39.09 58.06
N GLU G 194 -8.48 -38.06 57.21
CA GLU G 194 -8.66 -36.69 57.72
C GLU G 194 -10.07 -36.51 58.28
N HIS G 195 -11.08 -37.02 57.58
CA HIS G 195 -12.47 -36.72 57.93
C HIS G 195 -12.88 -37.27 59.30
N VAL G 196 -12.20 -38.30 59.79
CA VAL G 196 -12.51 -38.79 61.14
C VAL G 196 -11.72 -38.01 62.18
N ALA G 197 -10.54 -37.51 61.81
CA ALA G 197 -9.69 -36.81 62.77
C ALA G 197 -10.38 -35.56 63.31
N VAL G 198 -11.39 -35.05 62.61
CA VAL G 198 -12.19 -33.97 63.17
C VAL G 198 -13.12 -34.51 64.26
N TYR G 199 -13.60 -35.74 64.09
CA TYR G 199 -14.67 -36.26 64.95
C TYR G 199 -14.24 -36.29 66.41
N ASP G 200 -12.99 -36.71 66.68
CA ASP G 200 -12.49 -36.68 68.05
C ASP G 200 -12.59 -35.28 68.65
N ALA G 201 -12.33 -34.26 67.85
CA ALA G 201 -12.31 -32.90 68.38
C ALA G 201 -13.71 -32.40 68.69
N ILE G 202 -14.72 -32.85 67.94
CA ILE G 202 -16.06 -32.32 68.08
C ILE G 202 -16.68 -32.76 69.41
N LEU G 203 -16.71 -34.07 69.65
CA LEU G 203 -17.40 -34.59 70.83
C LEU G 203 -16.66 -34.25 72.12
N ALA G 204 -15.33 -34.24 72.08
CA ALA G 204 -14.55 -33.78 73.23
C ALA G 204 -14.59 -32.26 73.38
N GLY G 205 -14.94 -31.52 72.33
CA GLY G 205 -15.18 -30.10 72.45
C GLY G 205 -13.95 -29.22 72.62
N ASP G 206 -13.29 -28.88 71.51
CA ASP G 206 -12.25 -27.86 71.55
C ASP G 206 -12.28 -27.06 70.26
N PRO G 207 -12.39 -25.73 70.33
CA PRO G 207 -12.49 -24.92 69.12
C PRO G 207 -11.19 -24.86 68.33
N ASP G 208 -10.16 -24.29 68.93
CA ASP G 208 -8.93 -23.94 68.24
C ASP G 208 -8.20 -25.12 67.60
N ARG G 209 -8.76 -26.33 67.69
CA ARG G 209 -8.35 -27.43 66.83
C ARG G 209 -9.44 -27.87 65.86
N ALA G 210 -10.70 -27.90 66.29
CA ALA G 210 -11.79 -28.19 65.35
C ALA G 210 -11.79 -27.19 64.21
N ARG G 211 -11.60 -25.91 64.53
CA ARG G 211 -11.30 -24.91 63.51
C ARG G 211 -10.13 -25.35 62.64
N LEU G 212 -8.98 -25.58 63.28
CA LEU G 212 -7.78 -25.98 62.55
C LEU G 212 -8.00 -27.29 61.78
N ALA G 213 -8.74 -28.23 62.37
CA ALA G 213 -8.94 -29.53 61.74
C ALA G 213 -9.66 -29.38 60.41
N ALA G 214 -10.91 -28.92 60.44
CA ALA G 214 -11.65 -28.71 59.20
C ALA G 214 -10.92 -27.78 58.26
N THR G 215 -10.14 -26.83 58.80
CA THR G 215 -9.29 -25.99 57.96
C THR G 215 -8.29 -26.84 57.18
N ARG G 216 -7.63 -27.80 57.87
CA ARG G 216 -6.62 -28.62 57.22
C ARG G 216 -7.21 -29.44 56.08
N HIS G 217 -8.25 -30.20 56.38
CA HIS G 217 -8.87 -31.10 55.41
C HIS G 217 -9.09 -30.43 54.05
N LEU G 218 -9.61 -29.21 54.04
CA LEU G 218 -9.86 -28.52 52.78
C LEU G 218 -8.56 -28.16 52.07
N GLN G 219 -7.59 -27.61 52.82
CA GLN G 219 -6.29 -27.27 52.22
C GLN G 219 -5.63 -28.48 51.57
N GLN G 220 -5.93 -29.68 52.07
CA GLN G 220 -5.45 -30.89 51.42
C GLN G 220 -6.24 -31.19 50.15
N ALA G 221 -7.52 -30.79 50.09
CA ALA G 221 -8.35 -31.10 48.94
C ALA G 221 -8.04 -30.20 47.75
N ALA G 222 -7.97 -28.89 47.97
CA ALA G 222 -7.74 -27.94 46.88
C ALA G 222 -6.45 -28.21 46.13
N SER G 223 -5.54 -28.99 46.70
CA SER G 223 -4.34 -29.40 45.96
C SER G 223 -4.69 -30.44 44.92
N ARG G 224 -5.23 -31.57 45.35
CA ARG G 224 -5.54 -32.69 44.47
C ARG G 224 -6.80 -32.43 43.64
N LYS H 4 -49.87 0.65 37.74
CA LYS H 4 -48.62 0.18 37.16
C LYS H 4 -48.87 -0.83 36.04
N SER H 5 -48.56 -0.43 34.81
CA SER H 5 -48.73 -1.29 33.65
C SER H 5 -47.50 -2.16 33.44
N LEU H 6 -47.65 -3.14 32.55
CA LEU H 6 -46.58 -4.08 32.25
C LEU H 6 -45.79 -3.54 31.06
N THR H 7 -44.56 -3.10 31.31
CA THR H 7 -43.67 -2.79 30.20
C THR H 7 -43.56 -4.00 29.29
N LEU H 8 -43.61 -3.75 27.98
CA LEU H 8 -43.44 -4.82 27.00
C LEU H 8 -42.21 -5.65 27.32
N THR H 9 -41.14 -4.97 27.73
CA THR H 9 -40.04 -5.57 28.47
C THR H 9 -40.56 -6.61 29.46
N GLU H 10 -41.16 -6.14 30.57
CA GLU H 10 -41.62 -7.04 31.62
C GLU H 10 -42.74 -7.96 31.16
N GLN H 11 -43.47 -7.59 30.11
CA GLN H 11 -44.50 -8.47 29.56
C GLN H 11 -43.92 -9.75 28.96
N VAL H 12 -42.60 -9.87 28.86
CA VAL H 12 -41.94 -11.05 28.33
C VAL H 12 -41.15 -11.79 29.40
N ALA H 13 -40.50 -11.06 30.32
CA ALA H 13 -39.62 -11.68 31.31
C ALA H 13 -40.36 -12.73 32.12
N ARG H 14 -41.31 -12.29 32.95
CA ARG H 14 -42.16 -13.23 33.67
C ARG H 14 -43.05 -14.06 32.75
N GLN H 15 -43.11 -13.70 31.47
CA GLN H 15 -43.78 -14.54 30.48
C GLN H 15 -42.92 -15.76 30.11
N ILE H 16 -41.60 -15.60 30.09
CA ILE H 16 -40.71 -16.69 29.70
C ILE H 16 -40.50 -17.67 30.86
N ALA H 17 -40.40 -17.14 32.11
CA ALA H 17 -40.22 -18.00 33.27
C ALA H 17 -41.21 -19.16 33.30
N GLY H 18 -42.37 -18.99 32.65
CA GLY H 18 -43.32 -20.07 32.47
C GLY H 18 -42.89 -21.08 31.45
N ASP H 19 -42.66 -20.64 30.20
CA ASP H 19 -42.10 -21.53 29.18
C ASP H 19 -40.89 -22.28 29.70
N ILE H 20 -40.12 -21.61 30.56
CA ILE H 20 -39.03 -22.27 31.27
C ILE H 20 -39.60 -23.30 32.25
N ALA H 21 -40.60 -22.90 33.03
CA ALA H 21 -41.18 -23.80 34.03
C ALA H 21 -42.12 -24.81 33.39
N GLU H 22 -42.79 -24.46 32.29
CA GLU H 22 -43.47 -25.48 31.50
C GLU H 22 -42.45 -26.46 30.93
N GLY H 23 -41.28 -25.97 30.54
CA GLY H 23 -40.14 -26.82 30.30
C GLY H 23 -39.73 -27.08 28.86
N VAL H 24 -40.43 -26.50 27.89
CA VAL H 24 -40.03 -26.72 26.50
C VAL H 24 -38.67 -26.08 26.22
N HIS H 25 -38.41 -24.93 26.82
CA HIS H 25 -37.08 -24.35 26.87
C HIS H 25 -36.36 -25.00 28.05
N SER H 26 -35.77 -26.16 27.79
CA SER H 26 -35.26 -27.03 28.83
C SER H 26 -34.11 -26.36 29.60
N VAL H 27 -33.72 -27.00 30.70
CA VAL H 27 -32.50 -26.61 31.39
C VAL H 27 -31.31 -26.97 30.53
N GLY H 28 -30.44 -25.98 30.27
CA GLY H 28 -29.24 -26.21 29.51
C GLY H 28 -29.38 -26.06 28.01
N ALA H 29 -30.58 -25.82 27.50
CA ALA H 29 -30.79 -25.69 26.07
C ALA H 29 -30.52 -24.25 25.63
N LYS H 30 -30.64 -23.99 24.33
CA LYS H 30 -30.33 -22.68 23.77
C LYS H 30 -31.59 -21.84 23.62
N LEU H 31 -31.52 -20.61 24.09
CA LEU H 31 -32.64 -19.68 23.95
C LEU H 31 -32.81 -19.33 22.47
N PRO H 32 -34.02 -19.42 21.92
CA PRO H 32 -34.23 -19.07 20.51
C PRO H 32 -33.58 -17.75 20.16
N PRO H 33 -33.03 -17.64 18.94
CA PRO H 33 -32.28 -16.43 18.57
C PRO H 33 -33.09 -15.16 18.80
N GLY H 34 -32.45 -14.18 19.45
CA GLY H 34 -33.07 -12.87 19.62
C GLY H 34 -33.61 -12.28 18.34
N ARG H 35 -33.09 -12.73 17.20
CA ARG H 35 -33.70 -12.41 15.91
C ARG H 35 -35.12 -12.99 15.81
N VAL H 36 -35.31 -14.19 16.35
CA VAL H 36 -36.57 -14.89 16.18
C VAL H 36 -37.70 -14.21 16.95
N LEU H 37 -37.45 -13.88 18.22
CA LEU H 37 -38.53 -13.54 19.13
C LEU H 37 -39.29 -12.30 18.67
N ALA H 38 -38.56 -11.26 18.24
CA ALA H 38 -39.20 -10.05 17.76
C ALA H 38 -40.11 -10.31 16.57
N GLU H 39 -39.71 -11.22 15.69
CA GLU H 39 -40.55 -11.56 14.54
C GLU H 39 -41.67 -12.52 14.92
N GLN H 40 -41.54 -13.20 16.06
CA GLN H 40 -42.58 -14.10 16.56
C GLN H 40 -43.49 -13.43 17.57
N TYR H 41 -43.02 -12.39 18.25
CA TYR H 41 -43.79 -11.68 19.25
C TYR H 41 -44.50 -10.44 18.67
N GLY H 42 -43.75 -9.57 18.00
CA GLY H 42 -44.27 -8.31 17.50
C GLY H 42 -43.58 -7.09 18.09
N VAL H 43 -42.31 -7.25 18.46
CA VAL H 43 -41.55 -6.20 19.16
C VAL H 43 -40.30 -5.84 18.37
N SER H 44 -39.50 -4.92 18.91
CA SER H 44 -38.19 -4.60 18.37
C SER H 44 -37.11 -5.26 19.22
N ALA H 45 -35.93 -5.43 18.63
CA ALA H 45 -34.81 -6.04 19.34
C ALA H 45 -34.55 -5.35 20.67
N ALA H 46 -34.54 -4.02 20.67
CA ALA H 46 -34.19 -3.24 21.86
C ALA H 46 -34.94 -3.69 23.11
N VAL H 47 -36.18 -4.15 22.95
CA VAL H 47 -36.91 -4.72 24.08
C VAL H 47 -36.26 -6.03 24.52
N ILE H 48 -35.92 -6.89 23.56
CA ILE H 48 -35.47 -8.24 23.87
C ILE H 48 -34.19 -8.21 24.70
N ARG H 49 -33.25 -7.33 24.32
CA ARG H 49 -32.02 -7.17 25.09
C ARG H 49 -32.34 -7.02 26.58
N GLU H 50 -33.29 -6.14 26.88
CA GLU H 50 -33.72 -5.95 28.27
C GLU H 50 -34.38 -7.20 28.82
N ALA H 51 -35.28 -7.79 28.04
CA ALA H 51 -35.95 -9.03 28.46
C ALA H 51 -34.97 -10.07 28.99
N THR H 52 -33.87 -10.30 28.26
CA THR H 52 -32.88 -11.27 28.70
C THR H 52 -32.18 -10.81 29.97
N GLU H 53 -31.97 -9.49 30.12
CA GLU H 53 -31.21 -9.00 31.27
C GLU H 53 -31.85 -9.40 32.59
N ARG H 54 -33.17 -9.22 32.71
CA ARG H 54 -33.87 -9.70 33.89
C ARG H 54 -33.60 -11.18 34.13
N LEU H 55 -33.55 -11.96 33.04
CA LEU H 55 -33.35 -13.40 33.15
C LEU H 55 -31.92 -13.72 33.57
N ARG H 56 -30.95 -13.21 32.83
CA ARG H 56 -29.54 -13.39 33.16
C ARG H 56 -29.21 -12.87 34.56
N ALA H 57 -30.01 -11.94 35.09
CA ALA H 57 -29.83 -11.47 36.46
C ALA H 57 -30.51 -12.35 37.50
N GLN H 58 -31.53 -13.11 37.11
CA GLN H 58 -32.32 -13.85 38.08
C GLN H 58 -31.89 -15.30 38.24
N GLY H 59 -30.94 -15.77 37.45
CA GLY H 59 -30.42 -17.12 37.59
C GLY H 59 -31.03 -18.15 36.67
N LEU H 60 -31.53 -17.76 35.51
CA LEU H 60 -32.14 -18.68 34.55
C LEU H 60 -31.21 -18.94 33.36
N ILE H 61 -30.90 -17.89 32.58
CA ILE H 61 -30.12 -18.04 31.36
C ILE H 61 -28.76 -17.40 31.54
N GLN H 62 -27.83 -17.77 30.64
CA GLN H 62 -26.56 -17.07 30.49
C GLN H 62 -26.24 -17.00 29.01
N SER H 63 -25.52 -15.95 28.61
CA SER H 63 -25.33 -15.67 27.20
C SER H 63 -23.85 -15.59 26.87
N ARG H 64 -23.47 -16.25 25.79
CA ARG H 64 -22.12 -16.19 25.23
C ARG H 64 -22.20 -15.48 23.89
N GLN H 65 -21.39 -14.43 23.71
CA GLN H 65 -21.51 -13.60 22.52
C GLN H 65 -21.35 -14.42 21.24
N GLY H 66 -22.46 -14.99 20.77
CA GLY H 66 -22.42 -15.77 19.55
C GLY H 66 -23.23 -17.05 19.62
N SER H 67 -23.00 -17.84 20.68
CA SER H 67 -23.72 -19.11 20.80
C SER H 67 -25.18 -18.90 21.19
N GLY H 68 -25.56 -17.70 21.59
CA GLY H 68 -26.92 -17.45 22.02
C GLY H 68 -27.02 -17.29 23.52
N SER H 69 -28.16 -17.68 24.08
CA SER H 69 -28.41 -17.64 25.51
C SER H 69 -28.93 -19.00 25.96
N VAL H 70 -28.64 -19.38 27.20
CA VAL H 70 -28.80 -20.76 27.63
C VAL H 70 -29.39 -20.83 29.03
N VAL H 71 -30.61 -21.38 29.14
CA VAL H 71 -31.25 -21.64 30.43
C VAL H 71 -30.35 -22.52 31.29
N VAL H 72 -30.37 -22.30 32.60
CA VAL H 72 -29.55 -23.09 33.50
C VAL H 72 -30.38 -23.70 34.63
N SER H 73 -31.59 -23.19 34.85
CA SER H 73 -32.44 -23.77 35.89
C SER H 73 -33.87 -23.29 35.71
N ARG H 74 -34.83 -24.19 35.95
CA ARG H 74 -36.25 -23.84 35.84
C ARG H 74 -36.64 -22.77 36.83
N THR H 75 -36.07 -22.80 38.04
CA THR H 75 -36.43 -21.87 39.10
C THR H 75 -35.89 -20.47 38.84
N GLY H 76 -34.89 -20.06 39.60
CA GLY H 76 -34.35 -18.72 39.49
C GLY H 76 -33.63 -18.34 40.76
N ALA H 77 -32.72 -19.22 41.18
CA ALA H 77 -32.18 -19.21 42.54
C ALA H 77 -31.67 -17.84 42.95
N GLN H 78 -31.83 -17.55 44.24
CA GLN H 78 -31.27 -16.36 44.87
C GLN H 78 -30.33 -16.78 45.99
N GLY H 79 -30.06 -15.90 46.95
CA GLY H 79 -29.11 -16.22 47.98
C GLY H 79 -29.65 -16.46 49.37
N PHE H 80 -30.96 -16.30 49.55
CA PHE H 80 -31.57 -16.63 50.83
C PHE H 80 -32.87 -17.38 50.59
N GLN H 81 -33.37 -17.99 51.67
CA GLN H 81 -34.61 -18.74 51.64
C GLN H 81 -35.35 -18.48 52.94
N VAL H 82 -36.66 -18.25 52.85
CA VAL H 82 -37.49 -17.87 53.99
C VAL H 82 -38.89 -18.45 53.78
N SER H 83 -39.67 -18.45 54.87
CA SER H 83 -41.06 -18.89 54.83
C SER H 83 -41.80 -18.37 56.05
N ALA H 84 -42.05 -19.23 57.05
CA ALA H 84 -42.82 -18.87 58.22
C ALA H 84 -41.98 -18.84 59.49
N GLY H 85 -40.67 -18.76 59.35
CA GLY H 85 -39.78 -18.76 60.50
C GLY H 85 -39.66 -17.36 61.07
N LEU H 86 -39.74 -17.26 62.39
CA LEU H 86 -39.86 -15.97 63.09
C LEU H 86 -38.63 -15.78 63.98
N ASP H 87 -38.76 -15.43 65.27
CA ASP H 87 -37.68 -15.26 66.24
C ASP H 87 -36.93 -13.94 66.10
N ASP H 88 -36.11 -13.57 67.09
CA ASP H 88 -35.41 -12.28 67.07
C ASP H 88 -34.33 -12.15 68.14
N ARG H 89 -34.56 -12.70 69.34
CA ARG H 89 -33.74 -12.38 70.51
C ARG H 89 -32.28 -12.73 70.27
N GLU H 90 -32.00 -13.95 69.79
CA GLU H 90 -30.65 -14.37 69.42
C GLU H 90 -30.49 -14.54 67.91
N GLN H 91 -31.40 -13.97 67.11
CA GLN H 91 -31.22 -13.98 65.66
C GLN H 91 -30.00 -13.18 65.27
N LEU H 92 -29.76 -12.06 65.95
CA LEU H 92 -28.60 -11.23 65.67
C LEU H 92 -27.30 -11.97 65.98
N ALA H 93 -27.26 -12.67 67.11
CA ALA H 93 -26.08 -13.49 67.41
C ALA H 93 -25.92 -14.58 66.36
N SER H 94 -27.01 -15.30 66.06
CA SER H 94 -27.01 -16.23 64.94
C SER H 94 -26.56 -15.56 63.64
N VAL H 95 -26.54 -14.23 63.60
CA VAL H 95 -26.01 -13.46 62.49
C VAL H 95 -24.67 -12.82 62.84
N TYR H 96 -24.59 -12.20 64.02
CA TYR H 96 -23.33 -11.57 64.45
C TYR H 96 -22.23 -12.61 64.66
N GLU H 97 -22.58 -13.78 65.20
CA GLU H 97 -21.59 -14.86 65.27
C GLU H 97 -21.10 -15.22 63.87
N LEU H 98 -22.02 -15.25 62.90
CA LEU H 98 -21.62 -15.47 61.52
C LEU H 98 -20.82 -14.28 60.98
N ARG H 99 -21.26 -13.05 61.29
CA ARG H 99 -20.51 -11.87 60.87
C ARG H 99 -19.12 -11.82 61.48
N MET H 100 -18.95 -12.37 62.70
CA MET H 100 -17.68 -12.28 63.40
C MET H 100 -16.58 -13.03 62.65
N GLU H 101 -16.75 -14.34 62.46
CA GLU H 101 -15.71 -15.16 61.86
C GLU H 101 -15.30 -14.67 60.47
N LEU H 102 -16.15 -13.89 59.82
CA LEU H 102 -15.85 -13.37 58.50
C LEU H 102 -14.88 -12.19 58.58
N GLU H 103 -15.29 -11.11 59.24
CA GLU H 103 -14.41 -9.95 59.42
C GLU H 103 -13.09 -10.36 60.03
N GLY H 104 -13.13 -11.22 61.05
CA GLY H 104 -11.91 -11.82 61.56
C GLY H 104 -11.16 -12.60 60.50
N GLY H 105 -11.84 -13.54 59.86
CA GLY H 105 -11.19 -14.34 58.84
C GLY H 105 -10.78 -13.55 57.62
N ALA H 106 -11.61 -12.57 57.24
CA ALA H 106 -11.24 -11.66 56.16
C ALA H 106 -10.05 -10.80 56.54
N ALA H 107 -9.98 -10.38 57.81
CA ALA H 107 -8.90 -9.50 58.26
C ALA H 107 -7.54 -10.11 58.00
N ALA H 108 -7.35 -11.35 58.44
CA ALA H 108 -6.08 -12.03 58.22
C ALA H 108 -5.68 -12.00 56.74
N LEU H 109 -6.53 -12.57 55.89
CA LEU H 109 -6.23 -12.64 54.46
C LEU H 109 -6.11 -11.25 53.85
N ALA H 110 -6.93 -10.31 54.31
CA ALA H 110 -6.81 -8.93 53.86
C ALA H 110 -5.46 -8.34 54.25
N ALA H 111 -4.96 -8.69 55.44
CA ALA H 111 -3.66 -8.22 55.86
C ALA H 111 -2.55 -8.77 54.98
N ARG H 112 -2.73 -9.99 54.47
CA ARG H 112 -1.74 -10.58 53.59
C ARG H 112 -1.63 -9.79 52.29
N ARG H 113 -2.77 -9.44 51.70
CA ARG H 113 -2.82 -8.92 50.34
C ARG H 113 -3.45 -7.53 50.29
N ARG H 114 -3.15 -6.68 51.26
CA ARG H 114 -3.55 -5.28 51.14
C ARG H 114 -2.49 -4.54 50.34
N ASN H 115 -2.92 -3.74 49.37
CA ASN H 115 -1.98 -2.95 48.57
C ASN H 115 -2.12 -1.48 48.96
N ALA H 116 -1.30 -0.65 48.32
CA ALA H 116 -1.25 0.77 48.67
C ALA H 116 -2.63 1.42 48.57
N THR H 117 -3.47 0.95 47.66
CA THR H 117 -4.83 1.47 47.56
C THR H 117 -5.63 1.17 48.83
N ASP H 118 -5.47 -0.03 49.38
CA ASP H 118 -6.26 -0.50 50.52
C ASP H 118 -6.09 0.38 51.75
N LEU H 119 -4.87 0.38 52.32
CA LEU H 119 -4.62 1.14 53.54
C LEU H 119 -5.08 2.59 53.42
N ALA H 120 -4.92 3.18 52.24
CA ALA H 120 -5.46 4.51 51.99
C ALA H 120 -6.98 4.53 52.18
N ALA H 121 -7.67 3.55 51.60
CA ALA H 121 -9.10 3.43 51.83
C ALA H 121 -9.39 3.10 53.28
N MET H 122 -8.54 2.29 53.91
CA MET H 122 -8.64 2.07 55.34
C MET H 122 -8.40 3.35 56.13
N ALA H 123 -7.67 4.30 55.53
CA ALA H 123 -7.40 5.57 56.19
C ALA H 123 -8.57 6.54 56.07
N GLU H 124 -9.33 6.48 54.97
CA GLU H 124 -10.35 7.49 54.71
C GLU H 124 -11.45 7.47 55.75
N ALA H 125 -12.23 6.39 55.81
CA ALA H 125 -13.31 6.29 56.79
C ALA H 125 -12.80 6.29 58.23
N LEU H 126 -11.49 6.22 58.44
CA LEU H 126 -10.91 6.30 59.78
C LEU H 126 -10.93 7.72 60.32
N ALA H 127 -10.18 8.62 59.69
CA ALA H 127 -10.22 10.02 60.09
C ALA H 127 -11.63 10.58 60.07
N ALA H 128 -12.53 9.99 59.28
CA ALA H 128 -13.94 10.33 59.37
C ALA H 128 -14.51 9.95 60.73
N LEU H 129 -14.08 8.81 61.28
CA LEU H 129 -14.48 8.45 62.63
C LEU H 129 -13.82 9.34 63.67
N GLU H 130 -12.63 9.87 63.38
CA GLU H 130 -11.87 10.58 64.39
C GLU H 130 -12.37 12.00 64.63
N ALA H 131 -12.97 12.64 63.63
CA ALA H 131 -13.45 14.01 63.74
C ALA H 131 -14.95 14.08 63.98
N ASN H 132 -15.57 13.00 64.41
CA ASN H 132 -16.99 13.02 64.79
C ASN H 132 -17.21 12.10 65.99
N LEU H 133 -16.49 12.36 67.08
CA LEU H 133 -16.79 11.68 68.34
C LEU H 133 -18.13 12.15 68.88
N ASP H 134 -18.42 13.45 68.74
CA ASP H 134 -19.64 14.07 69.22
C ASP H 134 -20.88 13.67 68.42
N HIS H 135 -20.75 12.76 67.46
CA HIS H 135 -21.85 12.45 66.54
C HIS H 135 -21.95 10.95 66.32
N PRO H 136 -22.90 10.27 66.97
CA PRO H 136 -23.34 8.96 66.49
C PRO H 136 -24.28 9.04 65.30
N GLU H 137 -24.56 10.26 64.82
CA GLU H 137 -25.40 10.44 63.64
C GLU H 137 -24.64 10.09 62.37
N GLN H 138 -23.43 10.64 62.22
CA GLN H 138 -22.60 10.37 61.05
C GLN H 138 -21.72 9.14 61.23
N GLY H 139 -21.84 8.43 62.35
CA GLY H 139 -20.93 7.34 62.64
C GLY H 139 -21.26 6.01 61.99
N VAL H 140 -22.50 5.85 61.52
CA VAL H 140 -22.91 4.57 60.95
C VAL H 140 -22.12 4.26 59.69
N GLU H 141 -22.22 5.14 58.68
CA GLU H 141 -21.61 4.86 57.38
C GLU H 141 -20.10 4.75 57.48
N HIS H 142 -19.47 5.49 58.40
CA HIS H 142 -18.03 5.35 58.61
C HIS H 142 -17.72 3.93 59.06
N ASP H 143 -18.36 3.49 60.15
CA ASP H 143 -18.27 2.10 60.56
C ASP H 143 -18.61 1.15 59.42
N ILE H 144 -19.63 1.50 58.62
CA ILE H 144 -20.04 0.63 57.52
C ILE H 144 -18.96 0.58 56.44
N ALA H 145 -18.60 1.75 55.88
CA ALA H 145 -17.51 1.82 54.91
C ALA H 145 -16.23 1.23 55.48
N PHE H 146 -16.08 1.24 56.80
CA PHE H 146 -14.93 0.61 57.46
C PHE H 146 -14.94 -0.90 57.29
N HIS H 147 -16.05 -1.56 57.66
CA HIS H 147 -16.13 -3.00 57.51
C HIS H 147 -16.11 -3.43 56.05
N VAL H 148 -16.45 -2.52 55.13
CA VAL H 148 -16.36 -2.79 53.71
C VAL H 148 -14.93 -2.64 53.21
N ALA H 149 -14.21 -1.65 53.75
CA ALA H 149 -12.83 -1.39 53.32
C ALA H 149 -11.95 -2.62 53.46
N ILE H 150 -12.09 -3.35 54.55
CA ILE H 150 -11.31 -4.57 54.75
C ILE H 150 -11.78 -5.66 53.80
N ALA H 151 -13.10 -5.79 53.65
CA ALA H 151 -13.69 -6.72 52.68
C ALA H 151 -13.04 -6.53 51.31
N ALA H 152 -12.81 -5.28 50.92
CA ALA H 152 -12.02 -5.00 49.74
C ALA H 152 -10.61 -5.56 49.88
N ALA H 153 -9.94 -5.21 50.98
CA ALA H 153 -8.56 -5.65 51.20
C ALA H 153 -8.40 -7.16 51.14
N THR H 154 -9.46 -7.91 51.44
CA THR H 154 -9.47 -9.34 51.19
C THR H 154 -9.11 -9.67 49.75
N HIS H 155 -9.34 -8.73 48.83
CA HIS H 155 -9.09 -8.92 47.41
C HIS H 155 -9.79 -10.19 46.93
N ASN H 156 -11.03 -10.36 47.36
CA ASN H 156 -11.83 -11.53 47.03
C ASN H 156 -13.10 -11.02 46.37
N ARG H 157 -13.27 -11.35 45.09
CA ARG H 157 -14.43 -10.89 44.32
C ARG H 157 -15.74 -11.15 45.03
N TYR H 158 -15.80 -12.20 45.85
CA TYR H 158 -17.05 -12.62 46.49
C TYR H 158 -17.12 -12.29 47.96
N TYR H 159 -16.05 -12.55 48.73
CA TYR H 159 -16.04 -12.18 50.14
C TYR H 159 -16.37 -10.71 50.33
N GLN H 160 -15.55 -9.84 49.74
CA GLN H 160 -15.78 -8.40 49.72
C GLN H 160 -17.25 -8.05 49.54
N ASP H 161 -17.83 -8.50 48.42
CA ASP H 161 -19.20 -8.15 48.07
C ASP H 161 -20.19 -8.45 49.18
N LEU H 162 -19.97 -9.54 49.94
CA LEU H 162 -21.03 -9.99 50.84
C LEU H 162 -21.03 -9.21 52.14
N LEU H 163 -19.86 -8.84 52.67
CA LEU H 163 -19.82 -8.02 53.87
C LEU H 163 -20.73 -6.80 53.74
N GLN H 164 -20.76 -6.21 52.55
CA GLN H 164 -21.72 -5.16 52.19
C GLN H 164 -23.15 -5.57 52.49
N TYR H 165 -23.65 -6.58 51.76
CA TYR H 165 -25.03 -7.03 51.92
C TYR H 165 -25.39 -7.24 53.38
N LEU H 166 -24.44 -7.72 54.18
CA LEU H 166 -24.68 -7.98 55.59
C LEU H 166 -24.88 -6.70 56.39
N ASN H 167 -23.81 -5.92 56.57
CA ASN H 167 -23.89 -4.66 57.31
C ASN H 167 -25.08 -3.83 56.85
N LEU H 168 -25.38 -3.87 55.56
CA LEU H 168 -26.43 -3.01 55.04
C LEU H 168 -27.82 -3.58 55.33
N GLN H 169 -27.99 -4.90 55.20
CA GLN H 169 -29.32 -5.48 55.23
C GLN H 169 -30.05 -5.22 56.54
N LEU H 170 -29.32 -4.89 57.62
CA LEU H 170 -30.02 -4.47 58.84
C LEU H 170 -29.28 -3.44 59.68
N ARG H 171 -28.19 -2.85 59.19
CA ARG H 171 -27.54 -1.71 59.84
C ARG H 171 -27.02 -2.02 61.24
N LEU H 187 -18.63 6.02 74.38
CA LEU H 187 -18.82 4.78 73.63
C LEU H 187 -18.14 4.86 72.26
N THR H 188 -18.41 5.94 71.53
CA THR H 188 -17.82 6.09 70.20
C THR H 188 -16.30 6.09 70.27
N ALA H 189 -15.73 6.73 71.30
CA ALA H 189 -14.29 6.67 71.51
C ALA H 189 -13.85 5.25 71.87
N VAL H 190 -14.71 4.49 72.54
CA VAL H 190 -14.43 3.08 72.75
C VAL H 190 -14.57 2.33 71.44
N VAL H 191 -15.60 2.65 70.66
CA VAL H 191 -15.88 1.94 69.42
C VAL H 191 -14.75 2.15 68.41
N HIS H 192 -14.16 3.35 68.42
CA HIS H 192 -13.04 3.61 67.53
C HIS H 192 -11.82 2.77 67.91
N GLN H 193 -11.49 2.73 69.20
CA GLN H 193 -10.42 1.84 69.66
C GLN H 193 -10.68 0.42 69.22
N GLU H 194 -11.85 -0.12 69.57
CA GLU H 194 -12.26 -1.45 69.12
C GLU H 194 -12.06 -1.61 67.62
N HIS H 195 -12.47 -0.60 66.85
CA HIS H 195 -12.12 -0.54 65.44
C HIS H 195 -10.60 -0.44 65.24
N VAL H 196 -10.03 0.73 65.57
CA VAL H 196 -8.70 1.11 65.13
C VAL H 196 -7.60 0.16 65.61
N ALA H 197 -7.84 -0.57 66.71
CA ALA H 197 -6.85 -1.54 67.17
C ALA H 197 -6.49 -2.55 66.08
N VAL H 198 -7.36 -2.72 65.08
CA VAL H 198 -7.08 -3.60 63.95
C VAL H 198 -6.55 -2.87 62.73
N TYR H 199 -6.64 -1.53 62.69
CA TYR H 199 -6.08 -0.79 61.57
C TYR H 199 -4.57 -1.03 61.50
N ASP H 200 -3.88 -0.85 62.62
CA ASP H 200 -2.44 -1.07 62.66
C ASP H 200 -2.10 -2.53 62.37
N ALA H 201 -3.03 -3.44 62.65
CA ALA H 201 -2.80 -4.87 62.42
C ALA H 201 -2.57 -5.16 60.94
N ILE H 202 -3.62 -5.03 60.13
CA ILE H 202 -3.51 -5.25 58.68
C ILE H 202 -2.45 -4.35 58.08
N LEU H 203 -2.27 -3.15 58.64
CA LEU H 203 -1.29 -2.19 58.15
C LEU H 203 0.12 -2.77 58.11
N ALA H 204 0.38 -3.85 58.84
CA ALA H 204 1.67 -4.54 58.78
C ALA H 204 1.58 -5.93 58.19
N GLY H 205 0.38 -6.47 57.99
CA GLY H 205 0.25 -7.81 57.46
C GLY H 205 0.40 -8.87 58.54
N ASP H 206 -0.52 -8.85 59.49
CA ASP H 206 -0.44 -9.72 60.67
C ASP H 206 -1.76 -10.46 60.83
N PRO H 207 -1.87 -11.71 60.34
CA PRO H 207 -3.16 -12.40 60.38
C PRO H 207 -3.80 -12.55 61.75
N ASP H 208 -3.19 -13.37 62.61
CA ASP H 208 -3.78 -13.80 63.88
C ASP H 208 -4.31 -12.64 64.71
N ARG H 209 -3.41 -11.78 65.19
CA ARG H 209 -3.81 -10.67 66.05
C ARG H 209 -4.82 -9.76 65.37
N ALA H 210 -4.73 -9.60 64.05
CA ALA H 210 -5.78 -8.90 63.32
C ALA H 210 -7.08 -9.68 63.39
N ARG H 211 -7.06 -10.92 62.87
CA ARG H 211 -8.22 -11.80 62.98
C ARG H 211 -8.72 -11.89 64.42
N LEU H 212 -7.80 -11.85 65.38
CA LEU H 212 -8.17 -11.84 66.80
C LEU H 212 -8.97 -10.60 67.15
N ALA H 213 -8.32 -9.44 67.16
CA ALA H 213 -9.00 -8.20 67.52
C ALA H 213 -10.22 -7.95 66.62
N ALA H 214 -10.22 -8.48 65.40
CA ALA H 214 -11.40 -8.36 64.56
C ALA H 214 -12.55 -9.20 65.10
N THR H 215 -12.31 -10.49 65.35
CA THR H 215 -13.27 -11.31 66.07
C THR H 215 -13.70 -10.65 67.37
N ARG H 216 -12.78 -9.92 68.00
CA ARG H 216 -13.04 -9.36 69.32
C ARG H 216 -13.95 -8.13 69.27
N HIS H 217 -13.97 -7.40 68.16
CA HIS H 217 -14.76 -6.17 68.11
C HIS H 217 -16.25 -6.44 68.24
N LEU H 218 -16.70 -7.62 67.84
CA LEU H 218 -18.14 -7.84 67.69
C LEU H 218 -18.82 -8.13 69.02
N GLN H 219 -18.38 -9.17 69.73
CA GLN H 219 -19.01 -9.48 71.01
C GLN H 219 -18.90 -8.32 71.98
N GLN H 220 -18.01 -7.37 71.72
CA GLN H 220 -18.12 -6.05 72.34
C GLN H 220 -19.46 -5.46 71.93
N ALA H 221 -19.56 -5.03 70.67
CA ALA H 221 -20.79 -4.45 70.14
C ALA H 221 -22.00 -5.36 70.35
N ALA H 222 -21.79 -6.68 70.31
CA ALA H 222 -22.89 -7.60 70.53
C ALA H 222 -23.37 -7.53 71.98
N SER H 223 -22.44 -7.64 72.94
CA SER H 223 -22.83 -7.48 74.34
C SER H 223 -23.15 -6.03 74.66
N ARG H 224 -22.48 -5.08 74.00
CA ARG H 224 -22.90 -3.68 74.10
C ARG H 224 -24.34 -3.50 73.63
N LEU H 225 -24.79 -4.32 72.69
CA LEU H 225 -26.17 -4.25 72.21
C LEU H 225 -27.11 -5.13 73.02
N ARG H 226 -26.86 -6.46 73.01
CA ARG H 226 -27.79 -7.43 73.59
C ARG H 226 -28.18 -7.06 75.02
N LEU H 227 -27.35 -6.29 75.71
CA LEU H 227 -27.71 -5.65 76.96
C LEU H 227 -28.22 -4.23 76.71
N MET I 1 21.52 8.76 -28.08
CA MET I 1 21.16 7.36 -28.16
C MET I 1 20.02 7.17 -29.16
N LEU I 2 19.71 5.91 -29.47
CA LEU I 2 18.60 5.61 -30.36
C LEU I 2 17.27 6.05 -29.76
N SER I 3 16.27 6.17 -30.62
CA SER I 3 14.90 6.40 -30.18
C SER I 3 14.38 5.13 -29.50
N LYS I 4 13.95 5.27 -28.25
CA LYS I 4 13.31 4.14 -27.57
C LYS I 4 12.07 3.73 -28.34
N SER I 5 12.06 2.49 -28.81
CA SER I 5 10.94 1.99 -29.60
C SER I 5 9.67 1.96 -28.75
N LEU I 6 8.55 1.70 -29.41
CA LEU I 6 7.26 1.61 -28.75
C LEU I 6 6.73 0.19 -28.82
N THR I 7 6.19 -0.27 -27.70
CA THR I 7 5.50 -1.55 -27.69
C THR I 7 4.24 -1.51 -28.54
N LEU I 8 3.77 -2.70 -28.90
CA LEU I 8 2.38 -2.85 -29.30
C LEU I 8 1.48 -2.23 -28.25
N THR I 9 1.71 -2.60 -26.98
CA THR I 9 0.91 -2.14 -25.85
C THR I 9 0.60 -0.65 -25.92
N GLU I 10 1.63 0.19 -25.95
CA GLU I 10 1.38 1.63 -25.90
C GLU I 10 1.02 2.23 -27.25
N GLN I 11 1.46 1.64 -28.36
CA GLN I 11 0.96 2.10 -29.65
C GLN I 11 -0.52 1.79 -29.80
N VAL I 12 -0.99 0.75 -29.10
CA VAL I 12 -2.41 0.43 -29.09
C VAL I 12 -3.19 1.50 -28.33
N ALA I 13 -2.77 1.78 -27.11
CA ALA I 13 -3.49 2.77 -26.30
C ALA I 13 -3.51 4.13 -26.99
N ARG I 14 -2.36 4.54 -27.55
CA ARG I 14 -2.30 5.84 -28.23
C ARG I 14 -3.27 5.91 -29.41
N GLN I 15 -3.30 4.88 -30.25
CA GLN I 15 -4.20 4.87 -31.39
C GLN I 15 -5.65 4.66 -30.99
N ILE I 16 -5.90 3.97 -29.86
CA ILE I 16 -7.24 3.93 -29.30
C ILE I 16 -7.57 5.25 -28.62
N ALA I 17 -6.58 5.88 -27.97
CA ALA I 17 -6.76 7.22 -27.44
C ALA I 17 -7.30 8.17 -28.50
N GLY I 18 -6.61 8.25 -29.63
CA GLY I 18 -7.11 9.06 -30.74
C GLY I 18 -8.48 8.63 -31.20
N ASP I 19 -8.72 7.31 -31.26
CA ASP I 19 -10.05 6.81 -31.60
C ASP I 19 -11.10 7.22 -30.59
N ILE I 20 -10.69 7.63 -29.40
CA ILE I 20 -11.56 8.26 -28.42
C ILE I 20 -11.63 9.76 -28.64
N ALA I 21 -10.47 10.37 -28.93
CA ALA I 21 -10.39 11.81 -29.15
C ALA I 21 -11.14 12.23 -30.41
N GLU I 22 -11.19 11.38 -31.43
CA GLU I 22 -12.01 11.66 -32.61
C GLU I 22 -13.44 11.19 -32.36
N GLY I 23 -13.83 11.09 -31.09
CA GLY I 23 -15.20 10.82 -30.70
C GLY I 23 -15.83 9.58 -31.29
N VAL I 24 -15.04 8.77 -32.01
CA VAL I 24 -15.57 7.52 -32.56
C VAL I 24 -16.16 6.68 -31.44
N HIS I 25 -15.46 6.60 -30.31
CA HIS I 25 -15.98 5.99 -29.10
C HIS I 25 -16.24 7.12 -28.12
N SER I 26 -17.51 7.49 -28.01
CA SER I 26 -17.96 8.54 -27.11
C SER I 26 -18.19 7.96 -25.72
N VAL I 27 -18.59 8.81 -24.78
CA VAL I 27 -18.87 8.37 -23.42
C VAL I 27 -20.11 7.48 -23.44
N GLY I 28 -20.36 6.77 -22.34
CA GLY I 28 -21.46 5.83 -22.27
C GLY I 28 -21.33 4.66 -23.22
N ALA I 29 -20.49 4.81 -24.24
CA ALA I 29 -20.41 3.84 -25.32
C ALA I 29 -19.52 2.67 -24.92
N LYS I 30 -20.08 1.47 -24.91
CA LYS I 30 -19.29 0.26 -24.74
C LYS I 30 -18.17 0.18 -25.76
N LEU I 31 -17.20 -0.69 -25.55
CA LEU I 31 -16.12 -0.81 -26.50
C LEU I 31 -16.10 -2.19 -27.13
N PRO I 32 -15.56 -2.32 -28.34
CA PRO I 32 -15.53 -3.63 -29.01
C PRO I 32 -14.96 -4.68 -28.09
N PRO I 33 -15.52 -5.89 -28.11
CA PRO I 33 -14.87 -7.00 -27.40
C PRO I 33 -13.43 -7.11 -27.88
N GLY I 34 -12.50 -7.07 -26.92
CA GLY I 34 -11.08 -7.06 -27.28
C GLY I 34 -10.74 -8.11 -28.33
N ARG I 35 -11.41 -9.25 -28.28
CA ARG I 35 -11.34 -10.32 -29.28
C ARG I 35 -11.51 -9.76 -30.69
N VAL I 36 -12.26 -8.65 -30.82
CA VAL I 36 -12.32 -7.95 -32.09
C VAL I 36 -11.12 -7.02 -32.26
N LEU I 37 -10.66 -6.39 -31.17
CA LEU I 37 -9.55 -5.46 -31.26
C LEU I 37 -8.25 -6.17 -31.62
N ALA I 38 -8.06 -7.38 -31.08
CA ALA I 38 -7.03 -8.26 -31.58
C ALA I 38 -7.13 -8.32 -33.09
N GLU I 39 -8.23 -8.85 -33.61
CA GLU I 39 -8.41 -8.92 -35.07
C GLU I 39 -8.31 -7.54 -35.72
N GLN I 40 -8.85 -6.49 -35.08
CA GLN I 40 -8.76 -5.16 -35.66
C GLN I 40 -7.31 -4.68 -35.66
N TYR I 41 -6.77 -4.37 -34.49
CA TYR I 41 -5.43 -3.80 -34.40
C TYR I 41 -4.32 -4.81 -34.59
N GLY I 42 -4.66 -6.09 -34.74
CA GLY I 42 -3.68 -7.12 -34.93
C GLY I 42 -2.68 -7.29 -33.80
N VAL I 43 -2.98 -8.20 -32.89
CA VAL I 43 -2.09 -8.68 -31.83
C VAL I 43 -2.72 -9.95 -31.30
N SER I 44 -2.48 -10.23 -30.02
CA SER I 44 -3.30 -11.15 -29.25
C SER I 44 -3.65 -10.48 -27.94
N ALA I 45 -4.71 -11.00 -27.31
CA ALA I 45 -5.33 -10.39 -26.13
C ALA I 45 -4.34 -10.13 -25.00
N ALA I 46 -3.21 -10.85 -24.98
CA ALA I 46 -2.12 -10.52 -24.07
C ALA I 46 -1.87 -9.03 -24.03
N VAL I 47 -1.60 -8.45 -25.20
CA VAL I 47 -1.34 -7.02 -25.30
C VAL I 47 -2.61 -6.20 -25.12
N ILE I 48 -3.77 -6.75 -25.51
CA ILE I 48 -5.05 -6.06 -25.37
C ILE I 48 -5.31 -5.77 -23.91
N ARG I 49 -5.39 -6.84 -23.11
CA ARG I 49 -5.60 -6.73 -21.67
C ARG I 49 -4.60 -5.75 -21.04
N GLU I 50 -3.36 -5.73 -21.55
CA GLU I 50 -2.38 -4.78 -21.05
C GLU I 50 -2.75 -3.35 -21.42
N ALA I 51 -2.94 -3.08 -22.71
CA ALA I 51 -3.24 -1.72 -23.18
C ALA I 51 -4.49 -1.18 -22.51
N THR I 52 -5.51 -2.01 -22.42
CA THR I 52 -6.66 -1.79 -21.54
C THR I 52 -6.27 -1.08 -20.24
N GLU I 53 -5.39 -1.71 -19.45
CA GLU I 53 -4.99 -1.15 -18.15
C GLU I 53 -4.36 0.23 -18.29
N ARG I 54 -3.54 0.43 -19.33
CA ARG I 54 -2.92 1.75 -19.56
C ARG I 54 -3.96 2.85 -19.57
N LEU I 55 -5.13 2.57 -20.17
CA LEU I 55 -6.25 3.50 -20.19
C LEU I 55 -6.85 3.67 -18.80
N ARG I 56 -7.41 2.60 -18.25
CA ARG I 56 -8.07 2.62 -16.95
C ARG I 56 -7.19 3.16 -15.83
N ALA I 57 -5.92 3.36 -16.10
CA ALA I 57 -5.01 4.07 -15.21
C ALA I 57 -4.87 5.55 -15.58
N GLN I 58 -4.66 5.85 -16.85
CA GLN I 58 -4.77 7.24 -17.30
C GLN I 58 -6.19 7.76 -17.21
N GLY I 59 -7.15 6.91 -16.85
CA GLY I 59 -8.50 7.36 -16.62
C GLY I 59 -9.20 7.82 -17.88
N LEU I 60 -9.53 6.86 -18.75
CA LEU I 60 -10.28 7.13 -19.96
C LEU I 60 -11.47 6.21 -20.15
N ILE I 61 -11.42 5.00 -19.59
CA ILE I 61 -12.51 4.04 -19.68
C ILE I 61 -12.63 3.35 -18.32
N GLN I 62 -13.78 2.72 -18.11
CA GLN I 62 -13.90 1.69 -17.09
C GLN I 62 -14.46 0.45 -17.77
N SER I 63 -14.33 -0.68 -17.10
CA SER I 63 -14.91 -1.90 -17.60
C SER I 63 -15.53 -2.63 -16.42
N ARG I 64 -16.59 -3.38 -16.68
CA ARG I 64 -17.10 -4.33 -15.70
C ARG I 64 -16.99 -5.73 -16.27
N GLN I 65 -16.35 -6.62 -15.51
CA GLN I 65 -16.20 -8.01 -15.89
C GLN I 65 -17.57 -8.62 -16.22
N GLY I 66 -17.82 -8.83 -17.50
CA GLY I 66 -19.10 -9.33 -17.95
C GLY I 66 -19.76 -8.38 -18.94
N SER I 67 -19.70 -7.08 -18.65
CA SER I 67 -20.45 -6.07 -19.41
C SER I 67 -19.56 -5.23 -20.31
N GLY I 68 -18.42 -5.75 -20.74
CA GLY I 68 -17.63 -5.03 -21.72
C GLY I 68 -16.95 -3.79 -21.17
N SER I 69 -16.20 -3.10 -22.02
CA SER I 69 -15.46 -1.90 -21.65
C SER I 69 -16.27 -0.67 -22.04
N VAL I 70 -16.38 0.28 -21.12
CA VAL I 70 -17.15 1.50 -21.31
C VAL I 70 -16.20 2.69 -21.32
N VAL I 71 -16.42 3.63 -22.25
CA VAL I 71 -15.67 4.88 -22.27
C VAL I 71 -16.40 5.90 -21.41
N VAL I 72 -15.65 6.65 -20.59
CA VAL I 72 -16.16 7.81 -19.88
C VAL I 72 -15.05 8.85 -19.66
N SER I 73 -14.56 9.43 -20.77
CA SER I 73 -13.76 10.66 -20.76
C SER I 73 -13.15 10.93 -22.14
N ARG I 74 -12.54 12.10 -22.29
CA ARG I 74 -11.62 12.41 -23.38
C ARG I 74 -10.38 13.13 -22.88
N THR I 75 -10.36 13.51 -21.61
CA THR I 75 -9.22 14.09 -20.92
C THR I 75 -8.35 12.95 -20.37
N GLY I 76 -7.08 13.25 -20.16
CA GLY I 76 -6.20 12.23 -19.67
C GLY I 76 -6.00 12.31 -18.17
N ALA I 77 -5.37 11.26 -17.62
CA ALA I 77 -4.78 11.44 -16.30
C ALA I 77 -3.77 12.55 -16.47
N GLN I 78 -3.94 13.65 -15.75
CA GLN I 78 -3.21 14.87 -16.07
C GLN I 78 -3.49 15.28 -17.49
N GLY I 79 -2.44 15.72 -18.17
CA GLY I 79 -2.50 15.99 -19.59
C GLY I 79 -1.66 14.95 -20.33
N PHE I 80 -0.55 15.40 -20.88
CA PHE I 80 0.40 14.50 -21.52
C PHE I 80 1.80 14.99 -21.21
N GLN I 81 2.67 14.06 -20.80
CA GLN I 81 4.06 14.37 -20.53
C GLN I 81 4.90 13.48 -21.43
N VAL I 82 5.49 14.09 -22.47
CA VAL I 82 6.53 13.37 -23.21
C VAL I 82 7.60 12.95 -22.23
N SER I 83 8.08 11.73 -22.40
CA SER I 83 9.20 11.29 -21.58
C SER I 83 10.51 11.84 -22.12
N ALA I 84 10.57 12.14 -23.41
CA ALA I 84 11.68 12.86 -24.04
C ALA I 84 12.95 12.05 -23.81
N GLY I 85 13.99 12.62 -23.20
CA GLY I 85 15.21 11.85 -23.01
C GLY I 85 16.01 11.82 -24.31
N LEU I 86 16.59 10.66 -24.60
CA LEU I 86 17.21 10.41 -25.89
C LEU I 86 16.22 10.00 -26.97
N ASP I 87 14.92 9.99 -26.63
CA ASP I 87 13.93 9.38 -27.51
C ASP I 87 13.90 10.06 -28.87
N ASP I 88 13.75 11.38 -28.90
CA ASP I 88 13.73 12.09 -30.18
C ASP I 88 14.06 13.55 -29.92
N ARG I 89 15.34 13.91 -30.18
CA ARG I 89 15.68 15.32 -30.32
C ARG I 89 14.74 16.01 -31.29
N GLU I 90 14.18 15.26 -32.24
CA GLU I 90 13.10 15.76 -33.07
C GLU I 90 11.85 16.04 -32.24
N GLN I 91 11.29 15.00 -31.61
CA GLN I 91 10.12 15.21 -30.76
C GLN I 91 10.46 16.11 -29.58
N LEU I 92 11.73 16.18 -29.20
CA LEU I 92 12.16 17.17 -28.22
C LEU I 92 12.11 18.57 -28.80
N ALA I 93 12.70 18.76 -30.00
CA ALA I 93 12.58 20.03 -30.70
C ALA I 93 11.14 20.41 -30.96
N SER I 94 10.24 19.44 -30.99
CA SER I 94 8.80 19.67 -31.12
C SER I 94 8.23 20.38 -29.89
N VAL I 95 9.09 21.03 -29.09
CA VAL I 95 8.69 21.65 -27.84
C VAL I 95 9.38 23.01 -27.70
N TYR I 96 10.71 23.05 -27.89
CA TYR I 96 11.45 24.30 -27.96
C TYR I 96 10.71 25.26 -28.89
N GLU I 97 10.25 24.72 -30.01
CA GLU I 97 9.24 25.35 -30.85
C GLU I 97 8.13 25.97 -30.01
N LEU I 98 7.28 25.12 -29.42
CA LEU I 98 6.08 25.61 -28.75
C LEU I 98 6.42 26.36 -27.47
N ARG I 99 7.46 25.93 -26.74
CA ARG I 99 7.88 26.65 -25.55
C ARG I 99 8.26 28.09 -25.87
N MET I 100 8.61 28.39 -27.12
CA MET I 100 8.87 29.75 -27.56
C MET I 100 7.61 30.43 -28.07
N GLU I 101 6.75 29.68 -28.76
CA GLU I 101 5.43 30.18 -29.13
C GLU I 101 4.75 30.78 -27.90
N LEU I 102 4.58 29.95 -26.87
CA LEU I 102 4.08 30.40 -25.57
C LEU I 102 4.82 31.65 -25.11
N GLU I 103 6.15 31.54 -25.04
CA GLU I 103 6.98 32.67 -24.66
C GLU I 103 6.81 33.88 -25.56
N GLY I 104 6.15 33.72 -26.72
CA GLY I 104 5.80 34.88 -27.52
C GLY I 104 4.79 35.74 -26.81
N GLY I 105 3.53 35.29 -26.77
CA GLY I 105 2.52 36.01 -26.01
C GLY I 105 2.77 36.07 -24.52
N ALA I 106 3.64 35.20 -23.98
CA ALA I 106 3.91 35.24 -22.55
C ALA I 106 4.58 36.55 -22.15
N ALA I 107 5.69 36.90 -22.80
CA ALA I 107 6.29 38.21 -22.58
C ALA I 107 5.33 39.34 -22.92
N ALA I 108 4.44 39.10 -23.89
CA ALA I 108 3.49 40.11 -24.31
C ALA I 108 2.45 40.38 -23.22
N LEU I 109 1.72 39.34 -22.81
CA LEU I 109 0.69 39.51 -21.79
C LEU I 109 1.27 39.82 -20.42
N ALA I 110 2.58 39.81 -20.27
CA ALA I 110 3.20 40.46 -19.12
C ALA I 110 3.31 41.96 -19.34
N ALA I 111 3.68 42.37 -20.57
CA ALA I 111 3.88 43.78 -20.85
C ALA I 111 2.60 44.60 -20.67
N ARG I 112 1.44 43.95 -20.72
CA ARG I 112 0.18 44.61 -20.39
C ARG I 112 -0.30 44.26 -18.98
N ARG I 113 0.42 43.41 -18.26
CA ARG I 113 0.02 42.99 -16.92
C ARG I 113 1.24 42.75 -16.04
N ARG I 114 2.25 43.61 -16.16
CA ARG I 114 3.48 43.47 -15.39
C ARG I 114 3.40 44.35 -14.14
N ASN I 115 3.46 43.71 -12.98
CA ASN I 115 3.39 44.40 -11.70
C ASN I 115 4.76 44.97 -11.33
N ALA I 116 4.84 45.53 -10.12
CA ALA I 116 6.11 46.03 -9.59
C ALA I 116 7.02 44.87 -9.24
N THR I 117 6.67 44.09 -8.21
CA THR I 117 7.48 42.94 -7.84
C THR I 117 7.71 42.01 -9.02
N ASP I 118 6.77 41.98 -9.97
CA ASP I 118 7.00 41.32 -11.25
C ASP I 118 8.29 41.84 -11.87
N LEU I 119 8.29 43.11 -12.28
CA LEU I 119 9.51 43.72 -12.81
C LEU I 119 10.57 43.87 -11.71
N ALA I 120 10.16 44.00 -10.46
CA ALA I 120 11.12 44.02 -9.37
C ALA I 120 11.67 42.64 -9.03
N ALA I 121 11.06 41.56 -9.54
CA ALA I 121 11.75 40.28 -9.60
C ALA I 121 12.61 40.21 -10.84
N MET I 122 12.09 40.69 -11.98
CA MET I 122 12.85 40.72 -13.22
C MET I 122 14.16 41.47 -13.08
N ALA I 123 14.31 42.24 -11.99
CA ALA I 123 15.53 43.00 -11.73
C ALA I 123 16.37 42.45 -10.60
N GLU I 124 15.77 41.84 -9.58
CA GLU I 124 16.55 41.29 -8.46
C GLU I 124 17.55 40.25 -8.96
N ALA I 125 17.06 39.25 -9.70
CA ALA I 125 17.95 38.28 -10.31
C ALA I 125 18.75 38.89 -11.45
N LEU I 126 18.27 40.00 -12.04
CA LEU I 126 19.03 40.67 -13.08
C LEU I 126 20.35 41.22 -12.53
N ALA I 127 20.41 41.51 -11.23
CA ALA I 127 21.67 41.90 -10.61
C ALA I 127 22.53 40.68 -10.33
N ALA I 128 21.94 39.63 -9.74
CA ALA I 128 22.67 38.38 -9.52
C ALA I 128 23.10 37.73 -10.83
N LEU I 129 22.46 38.10 -11.95
CA LEU I 129 22.94 37.66 -13.26
C LEU I 129 24.20 38.43 -13.67
N GLU I 130 24.31 39.68 -13.26
CA GLU I 130 25.41 40.53 -13.70
C GLU I 130 26.73 40.09 -13.07
N ALA I 131 26.77 40.02 -11.74
CA ALA I 131 28.00 39.59 -11.07
C ALA I 131 28.37 38.17 -11.46
N ASN I 132 27.38 37.28 -11.53
CA ASN I 132 27.62 35.89 -11.93
C ASN I 132 27.75 35.75 -13.45
N LEU I 133 28.18 36.82 -14.11
CA LEU I 133 28.70 36.70 -15.47
C LEU I 133 30.02 35.94 -15.50
N ASP I 134 30.62 35.68 -14.33
CA ASP I 134 31.82 34.88 -14.22
C ASP I 134 31.65 33.75 -13.22
N HIS I 135 30.41 33.36 -12.92
CA HIS I 135 30.10 32.14 -12.16
C HIS I 135 29.12 31.29 -12.93
N PRO I 136 29.47 30.85 -14.15
CA PRO I 136 28.46 30.23 -15.04
C PRO I 136 27.86 28.92 -14.52
N GLU I 137 28.08 28.61 -13.24
CA GLU I 137 27.39 27.52 -12.56
C GLU I 137 26.55 27.97 -11.38
N GLN I 138 26.92 29.08 -10.73
CA GLN I 138 26.03 29.66 -9.74
C GLN I 138 24.87 30.38 -10.40
N GLY I 139 25.11 30.96 -11.57
CA GLY I 139 24.10 31.71 -12.28
C GLY I 139 23.08 30.84 -12.98
N VAL I 140 23.10 29.54 -12.71
CA VAL I 140 22.10 28.63 -13.27
C VAL I 140 20.72 28.95 -12.71
N GLU I 141 20.58 28.93 -11.39
CA GLU I 141 19.30 29.10 -10.72
C GLU I 141 18.69 30.49 -10.94
N HIS I 142 19.06 31.13 -12.05
CA HIS I 142 18.61 32.48 -12.39
C HIS I 142 17.81 32.54 -13.67
N ASP I 143 18.31 31.92 -14.76
CA ASP I 143 17.69 32.11 -16.06
C ASP I 143 16.22 31.71 -16.06
N ILE I 144 15.88 30.61 -15.38
CA ILE I 144 14.49 30.23 -15.26
C ILE I 144 13.73 31.25 -14.43
N ALA I 145 14.23 31.52 -13.22
CA ALA I 145 13.65 32.50 -12.30
C ALA I 145 13.38 33.82 -13.04
N PHE I 146 14.23 34.12 -14.02
CA PHE I 146 13.99 35.23 -14.93
C PHE I 146 12.74 35.00 -15.77
N HIS I 147 12.75 33.98 -16.65
CA HIS I 147 11.56 33.69 -17.44
C HIS I 147 10.35 33.45 -16.57
N VAL I 148 10.57 32.89 -15.38
CA VAL I 148 9.49 32.70 -14.40
C VAL I 148 8.73 33.99 -14.19
N ALA I 149 9.46 35.10 -14.02
CA ALA I 149 8.83 36.38 -13.71
C ALA I 149 7.74 36.70 -14.71
N ILE I 150 8.10 36.80 -15.99
CA ILE I 150 7.19 36.98 -17.11
C ILE I 150 5.96 36.09 -16.95
N ALA I 151 6.18 34.81 -16.65
CA ALA I 151 5.07 33.88 -16.50
C ALA I 151 4.26 34.18 -15.25
N ALA I 152 4.94 34.31 -14.10
CA ALA I 152 4.26 34.74 -12.89
C ALA I 152 3.66 36.13 -13.08
N ALA I 153 4.27 36.96 -13.92
CA ALA I 153 3.74 38.29 -14.18
C ALA I 153 2.43 38.25 -14.95
N THR I 154 2.13 37.14 -15.62
CA THR I 154 0.89 37.08 -16.40
C THR I 154 -0.36 37.18 -15.53
N HIS I 155 -0.26 36.84 -14.25
CA HIS I 155 -1.42 36.68 -13.38
C HIS I 155 -2.45 35.77 -14.03
N ASN I 156 -1.98 34.61 -14.47
CA ASN I 156 -2.78 33.62 -15.19
C ASN I 156 -2.18 32.26 -14.86
N ARG I 157 -2.75 31.62 -13.82
CA ARG I 157 -2.14 30.39 -13.30
C ARG I 157 -2.04 29.33 -14.40
N TYR I 158 -3.14 29.06 -15.09
CA TYR I 158 -3.12 28.09 -16.20
C TYR I 158 -1.94 28.33 -17.12
N TYR I 159 -1.89 29.52 -17.72
CA TYR I 159 -0.73 29.97 -18.48
C TYR I 159 0.57 29.75 -17.71
N GLN I 160 0.58 30.11 -16.42
CA GLN I 160 1.78 29.98 -15.60
C GLN I 160 2.02 28.52 -15.19
N ASP I 161 0.98 27.85 -14.66
CA ASP I 161 1.06 26.44 -14.33
C ASP I 161 1.61 25.63 -15.49
N LEU I 162 1.16 25.96 -16.71
CA LEU I 162 1.56 25.20 -17.89
C LEU I 162 3.06 25.29 -18.13
N LEU I 163 3.58 26.52 -18.27
CA LEU I 163 4.96 26.69 -18.73
C LEU I 163 5.95 26.06 -17.76
N GLN I 164 5.78 26.31 -16.46
CA GLN I 164 6.63 25.70 -15.44
C GLN I 164 6.84 24.21 -15.72
N TYR I 165 5.74 23.47 -15.85
CA TYR I 165 5.80 22.05 -16.18
C TYR I 165 6.66 21.80 -17.42
N LEU I 166 6.42 22.55 -18.49
CA LEU I 166 7.25 22.44 -19.69
C LEU I 166 8.71 22.67 -19.36
N ASN I 167 9.03 23.88 -18.89
CA ASN I 167 10.38 24.20 -18.42
C ASN I 167 10.91 23.09 -17.50
N LEU I 168 10.09 22.66 -16.54
CA LEU I 168 10.49 21.66 -15.55
C LEU I 168 11.05 20.40 -16.19
N GLN I 169 10.18 19.61 -16.83
CA GLN I 169 10.65 18.36 -17.44
C GLN I 169 11.59 18.60 -18.60
N LEU I 170 11.67 19.83 -19.13
CA LEU I 170 12.60 20.13 -20.21
C LEU I 170 14.03 19.89 -19.78
N ARG I 171 14.45 20.54 -18.69
CA ARG I 171 15.80 20.35 -18.17
C ARG I 171 15.97 19.07 -17.38
N LEU I 172 14.99 18.16 -17.42
CA LEU I 172 15.16 16.84 -16.84
C LEU I 172 16.20 16.04 -17.61
N ALA I 173 15.95 15.82 -18.90
CA ALA I 173 16.77 14.93 -19.72
C ALA I 173 18.07 15.59 -20.15
N THR I 188 27.84 34.22 -21.19
CA THR I 188 26.63 34.85 -20.67
C THR I 188 26.44 36.24 -21.25
N ALA I 189 27.54 36.89 -21.64
CA ALA I 189 27.51 38.25 -22.17
C ALA I 189 26.46 38.42 -23.25
N VAL I 190 26.71 37.84 -24.44
CA VAL I 190 25.71 37.88 -25.52
C VAL I 190 24.44 37.16 -25.09
N VAL I 191 24.55 36.22 -24.15
CA VAL I 191 23.37 35.53 -23.65
C VAL I 191 22.55 36.47 -22.76
N HIS I 192 23.21 37.27 -21.93
CA HIS I 192 22.49 38.16 -21.04
C HIS I 192 22.02 39.43 -21.76
N GLN I 193 22.79 39.92 -22.72
CA GLN I 193 22.29 40.98 -23.59
C GLN I 193 20.97 40.56 -24.23
N GLU I 194 20.94 39.32 -24.71
CA GLU I 194 19.74 38.74 -25.29
C GLU I 194 18.66 38.54 -24.23
N HIS I 195 19.05 38.13 -23.03
CA HIS I 195 18.15 38.12 -21.88
C HIS I 195 17.63 39.51 -21.54
N VAL I 196 18.29 40.56 -21.98
CA VAL I 196 17.97 41.92 -21.56
C VAL I 196 16.95 42.57 -22.49
N ALA I 197 17.11 42.40 -23.80
CA ALA I 197 16.36 43.18 -24.78
C ALA I 197 14.85 43.14 -24.55
N VAL I 198 14.36 42.16 -23.79
CA VAL I 198 12.93 42.09 -23.49
C VAL I 198 12.56 42.92 -22.27
N TYR I 199 13.53 43.22 -21.39
CA TYR I 199 13.23 44.01 -20.21
C TYR I 199 12.77 45.42 -20.58
N ASP I 200 13.49 46.06 -21.51
CA ASP I 200 12.99 47.30 -22.09
C ASP I 200 11.68 47.07 -22.82
N ALA I 201 11.42 45.84 -23.27
CA ALA I 201 10.22 45.57 -24.06
C ALA I 201 9.01 45.35 -23.15
N ILE I 202 9.16 44.54 -22.11
CA ILE I 202 8.05 44.33 -21.19
C ILE I 202 7.77 45.59 -20.39
N LEU I 203 8.81 46.26 -19.91
CA LEU I 203 8.66 47.42 -19.04
C LEU I 203 8.47 48.72 -19.81
N ALA I 204 7.99 48.67 -21.06
CA ALA I 204 7.69 49.88 -21.81
C ALA I 204 6.44 49.68 -22.66
N GLY I 205 5.44 49.02 -22.08
CA GLY I 205 4.11 48.91 -22.68
C GLY I 205 4.07 48.42 -24.12
N ASP I 206 5.15 47.80 -24.58
CA ASP I 206 5.28 47.36 -25.96
C ASP I 206 4.80 45.92 -26.09
N PRO I 207 3.58 45.70 -26.61
CA PRO I 207 3.01 44.34 -26.56
C PRO I 207 3.81 43.32 -27.35
N ASP I 208 4.18 43.63 -28.59
CA ASP I 208 4.87 42.67 -29.43
C ASP I 208 6.39 42.72 -29.30
N ARG I 209 6.96 43.87 -28.92
CA ARG I 209 8.41 43.92 -28.71
C ARG I 209 8.84 43.02 -27.57
N ALA I 210 7.97 42.80 -26.58
CA ALA I 210 8.24 41.78 -25.58
C ALA I 210 8.22 40.40 -26.21
N ARG I 211 7.20 40.13 -27.01
CA ARG I 211 7.16 38.90 -27.81
C ARG I 211 8.35 38.82 -28.77
N LEU I 212 8.84 39.97 -29.24
CA LEU I 212 9.91 40.01 -30.23
C LEU I 212 11.26 39.54 -29.69
N ALA I 213 11.89 40.34 -28.81
CA ALA I 213 13.22 40.00 -28.33
C ALA I 213 13.24 38.73 -27.49
N ALA I 214 12.10 38.35 -26.90
CA ALA I 214 12.05 37.08 -26.18
C ALA I 214 12.19 35.91 -27.14
N THR I 215 11.48 35.96 -28.27
CA THR I 215 11.66 34.96 -29.32
C THR I 215 13.10 34.94 -29.80
N ARG I 216 13.71 36.12 -29.95
CA ARG I 216 15.12 36.22 -30.27
C ARG I 216 15.97 35.44 -29.28
N HIS I 217 15.59 35.46 -28.01
CA HIS I 217 16.33 34.73 -26.98
C HIS I 217 16.40 33.24 -27.29
N LEU I 218 15.30 32.52 -27.06
CA LEU I 218 15.33 31.06 -27.15
C LEU I 218 15.76 30.59 -28.54
N GLN I 219 15.48 31.37 -29.58
CA GLN I 219 15.85 30.96 -30.93
C GLN I 219 17.34 31.10 -31.19
N GLN I 220 17.99 32.07 -30.56
CA GLN I 220 19.46 32.07 -30.54
C GLN I 220 19.98 30.89 -29.73
N ALA I 221 19.46 30.72 -28.51
CA ALA I 221 19.87 29.61 -27.65
C ALA I 221 19.67 28.26 -28.33
N ALA I 222 18.62 28.12 -29.14
CA ALA I 222 18.42 26.88 -29.88
C ALA I 222 19.49 26.71 -30.95
N SER I 223 19.79 27.78 -31.70
CA SER I 223 20.93 27.76 -32.59
C SER I 223 22.24 27.71 -31.82
N ARG I 224 22.23 28.11 -30.54
CA ARG I 224 23.39 27.88 -29.69
C ARG I 224 23.51 26.40 -29.31
N LEU I 225 22.39 25.67 -29.28
CA LEU I 225 22.36 24.27 -28.89
C LEU I 225 22.35 23.32 -30.08
N ARG I 226 21.48 23.55 -31.04
CA ARG I 226 21.34 22.67 -32.21
C ARG I 226 22.64 22.54 -32.99
N MET J 1 -19.18 -9.44 -5.46
CA MET J 1 -20.13 -9.59 -6.56
C MET J 1 -20.85 -8.28 -6.87
N LEU J 2 -21.40 -7.64 -5.83
CA LEU J 2 -22.41 -6.60 -6.02
C LEU J 2 -21.80 -5.28 -6.48
N SER J 3 -20.72 -4.83 -5.84
CA SER J 3 -20.03 -3.62 -6.25
C SER J 3 -18.71 -3.99 -6.91
N LYS J 4 -18.21 -3.10 -7.76
CA LYS J 4 -16.96 -3.39 -8.46
C LYS J 4 -15.83 -3.64 -7.47
N SER J 5 -15.71 -4.89 -7.02
CA SER J 5 -14.63 -5.28 -6.13
C SER J 5 -13.30 -5.14 -6.85
N LEU J 6 -12.31 -4.64 -6.13
CA LEU J 6 -10.97 -4.49 -6.69
C LEU J 6 -10.43 -5.85 -7.12
N THR J 7 -10.32 -6.07 -8.43
CA THR J 7 -9.71 -7.30 -8.92
C THR J 7 -8.21 -7.28 -8.66
N LEU J 8 -7.62 -8.47 -8.71
CA LEU J 8 -6.20 -8.63 -8.35
C LEU J 8 -5.32 -7.62 -9.07
N THR J 9 -5.49 -7.51 -10.39
CA THR J 9 -4.76 -6.57 -11.22
C THR J 9 -4.52 -5.24 -10.52
N GLU J 10 -5.61 -4.58 -10.14
CA GLU J 10 -5.51 -3.28 -9.49
C GLU J 10 -4.97 -3.41 -8.08
N GLN J 11 -5.41 -4.44 -7.35
CA GLN J 11 -4.95 -4.62 -5.97
C GLN J 11 -3.43 -4.69 -5.89
N VAL J 12 -2.81 -5.48 -6.77
CA VAL J 12 -1.35 -5.66 -6.73
C VAL J 12 -0.65 -4.32 -6.91
N ALA J 13 -1.19 -3.46 -7.76
CA ALA J 13 -0.63 -2.12 -7.93
C ALA J 13 -0.48 -1.39 -6.60
N ARG J 14 -1.61 -1.13 -5.92
CA ARG J 14 -1.60 -0.33 -4.71
C ARG J 14 -0.76 -0.96 -3.60
N GLN J 15 -0.42 -2.24 -3.71
CA GLN J 15 0.61 -2.81 -2.84
C GLN J 15 1.98 -2.25 -3.21
N ILE J 16 2.32 -2.35 -4.49
CA ILE J 16 3.63 -1.93 -4.98
C ILE J 16 3.77 -0.41 -4.90
N ALA J 17 2.79 0.32 -5.44
CA ALA J 17 2.86 1.78 -5.44
C ALA J 17 3.05 2.34 -4.04
N GLY J 18 2.42 1.71 -3.04
CA GLY J 18 2.71 2.06 -1.66
C GLY J 18 4.19 2.06 -1.37
N ASP J 19 4.87 0.98 -1.76
CA ASP J 19 6.30 0.85 -1.46
C ASP J 19 7.12 1.94 -2.12
N ILE J 20 6.69 2.37 -3.32
CA ILE J 20 7.40 3.44 -4.01
C ILE J 20 7.40 4.70 -3.13
N ALA J 21 6.32 4.92 -2.39
CA ALA J 21 6.25 6.02 -1.43
C ALA J 21 6.39 5.57 0.02
N GLU J 22 6.16 4.29 0.32
CA GLU J 22 6.50 3.81 1.65
C GLU J 22 8.00 3.61 1.83
N GLY J 23 8.79 3.73 0.76
CA GLY J 23 10.23 3.84 0.86
C GLY J 23 11.03 2.58 0.59
N VAL J 24 10.38 1.46 0.32
CA VAL J 24 11.06 0.17 0.21
C VAL J 24 11.96 0.14 -1.01
N HIS J 25 11.37 0.14 -2.19
CA HIS J 25 12.10 0.14 -3.45
C HIS J 25 12.30 1.60 -3.86
N SER J 26 13.46 2.14 -3.47
CA SER J 26 13.76 3.55 -3.61
C SER J 26 13.99 3.93 -5.07
N VAL J 27 14.09 5.23 -5.32
CA VAL J 27 14.08 5.76 -6.68
C VAL J 27 15.34 5.33 -7.42
N GLY J 28 15.16 4.75 -8.60
CA GLY J 28 16.28 4.25 -9.37
C GLY J 28 16.70 2.83 -9.04
N ALA J 29 16.25 2.28 -7.93
CA ALA J 29 16.47 0.87 -7.65
C ALA J 29 15.75 0.02 -8.70
N LYS J 30 16.07 -1.28 -8.70
CA LYS J 30 15.43 -2.21 -9.60
C LYS J 30 14.32 -2.94 -8.87
N LEU J 31 13.11 -2.89 -9.42
CA LEU J 31 12.00 -3.69 -8.90
C LEU J 31 12.36 -5.18 -9.06
N PRO J 32 11.66 -6.09 -8.39
CA PRO J 32 11.99 -7.50 -8.50
C PRO J 32 11.67 -8.02 -9.89
N PRO J 33 11.91 -9.32 -10.15
CA PRO J 33 11.40 -9.95 -11.36
C PRO J 33 9.88 -9.86 -11.47
N GLY J 34 9.32 -10.60 -12.41
CA GLY J 34 7.89 -10.85 -12.38
C GLY J 34 7.62 -12.17 -11.68
N ARG J 35 8.46 -13.16 -12.00
CA ARG J 35 8.35 -14.49 -11.42
C ARG J 35 8.32 -14.45 -9.90
N VAL J 36 8.94 -13.42 -9.31
CA VAL J 36 8.94 -13.26 -7.85
C VAL J 36 7.63 -12.64 -7.37
N LEU J 37 7.17 -11.60 -8.06
CA LEU J 37 5.88 -10.98 -7.72
C LEU J 37 4.76 -12.00 -7.81
N ALA J 38 4.78 -12.83 -8.85
CA ALA J 38 3.89 -13.98 -8.91
C ALA J 38 3.92 -14.77 -7.61
N GLU J 39 5.11 -15.20 -7.19
CA GLU J 39 5.23 -15.88 -5.90
C GLU J 39 4.85 -14.96 -4.76
N GLN J 40 5.36 -13.72 -4.76
CA GLN J 40 5.10 -12.84 -3.64
C GLN J 40 3.61 -12.59 -3.44
N TYR J 41 2.82 -12.60 -4.52
CA TYR J 41 1.42 -12.25 -4.44
C TYR J 41 0.50 -13.41 -4.77
N GLY J 42 1.02 -14.61 -4.96
CA GLY J 42 0.17 -15.73 -5.33
C GLY J 42 -0.71 -15.48 -6.54
N VAL J 43 -0.35 -14.49 -7.37
CA VAL J 43 -1.07 -14.28 -8.62
C VAL J 43 -0.23 -14.79 -9.78
N SER J 44 -0.66 -14.49 -11.00
CA SER J 44 -0.15 -15.13 -12.20
C SER J 44 0.53 -14.11 -13.11
N ALA J 45 1.41 -14.65 -13.97
CA ALA J 45 2.07 -13.93 -15.06
C ALA J 45 1.19 -12.85 -15.66
N ALA J 46 0.07 -13.26 -16.26
CA ALA J 46 -0.89 -12.33 -16.85
C ALA J 46 -1.15 -11.11 -15.97
N VAL J 47 -1.64 -11.35 -14.75
CA VAL J 47 -2.00 -10.27 -13.83
C VAL J 47 -0.82 -9.32 -13.63
N ILE J 48 0.38 -9.88 -13.42
CA ILE J 48 1.57 -9.05 -13.18
C ILE J 48 1.78 -8.08 -14.32
N ARG J 49 1.92 -8.62 -15.54
CA ARG J 49 2.18 -7.79 -16.72
C ARG J 49 1.19 -6.64 -16.82
N GLU J 50 -0.08 -6.89 -16.47
CA GLU J 50 -1.09 -5.84 -16.49
C GLU J 50 -0.74 -4.76 -15.46
N ALA J 51 -0.60 -5.16 -14.20
CA ALA J 51 -0.36 -4.21 -13.12
C ALA J 51 0.85 -3.34 -13.43
N THR J 52 1.90 -3.92 -14.00
CA THR J 52 3.09 -3.15 -14.35
C THR J 52 2.74 -1.95 -15.22
N GLU J 53 1.83 -2.14 -16.19
CA GLU J 53 1.44 -1.03 -17.04
C GLU J 53 0.70 0.05 -16.24
N ARG J 54 -0.04 -0.34 -15.20
CA ARG J 54 -0.61 0.65 -14.29
C ARG J 54 0.44 1.60 -13.75
N LEU J 55 1.67 1.11 -13.55
CA LEU J 55 2.73 1.95 -13.00
C LEU J 55 3.47 2.73 -14.07
N ARG J 56 3.71 2.10 -15.23
CA ARG J 56 4.28 2.83 -16.36
C ARG J 56 3.38 3.96 -16.80
N ALA J 57 2.06 3.77 -16.71
CA ALA J 57 1.11 4.75 -17.22
C ALA J 57 0.96 5.93 -16.28
N GLN J 58 0.85 5.66 -14.99
CA GLN J 58 0.86 6.73 -14.00
C GLN J 58 2.23 7.37 -13.83
N GLY J 59 3.21 6.95 -14.63
CA GLY J 59 4.48 7.62 -14.66
C GLY J 59 5.32 7.50 -13.40
N LEU J 60 5.28 6.36 -12.72
CA LEU J 60 6.17 6.12 -11.61
C LEU J 60 7.34 5.21 -11.96
N ILE J 61 7.17 4.29 -12.88
CA ILE J 61 8.24 3.38 -13.26
C ILE J 61 8.35 3.31 -14.79
N GLN J 62 9.53 2.92 -15.25
CA GLN J 62 9.81 2.67 -16.65
C GLN J 62 10.38 1.25 -16.77
N SER J 63 10.70 0.86 -18.00
CA SER J 63 11.30 -0.46 -18.22
C SER J 63 12.03 -0.48 -19.55
N ARG J 64 12.98 -1.41 -19.63
CA ARG J 64 13.52 -1.87 -20.90
C ARG J 64 13.62 -3.38 -20.81
N GLN J 65 13.48 -4.05 -21.95
CA GLN J 65 13.55 -5.51 -21.99
C GLN J 65 14.83 -6.00 -21.32
N GLY J 66 14.71 -7.04 -20.53
CA GLY J 66 15.89 -7.68 -20.01
C GLY J 66 16.40 -7.07 -18.73
N SER J 67 16.46 -5.73 -18.67
CA SER J 67 16.89 -5.07 -17.45
C SER J 67 15.91 -5.35 -16.31
N GLY J 68 14.62 -5.15 -16.56
CA GLY J 68 13.63 -5.02 -15.51
C GLY J 68 13.01 -3.64 -15.53
N SER J 69 12.71 -3.12 -14.34
CA SER J 69 11.96 -1.87 -14.25
C SER J 69 12.60 -0.91 -13.26
N VAL J 70 12.67 0.35 -13.67
CA VAL J 70 13.27 1.43 -12.88
C VAL J 70 12.15 2.31 -12.33
N VAL J 71 12.21 2.59 -11.04
CA VAL J 71 11.25 3.51 -10.41
C VAL J 71 11.66 4.95 -10.68
N VAL J 72 10.69 5.87 -10.69
CA VAL J 72 11.08 7.25 -10.97
C VAL J 72 10.62 8.25 -9.91
N SER J 73 9.32 8.28 -9.57
CA SER J 73 8.81 9.37 -8.74
C SER J 73 7.77 8.80 -7.76
N ARG J 74 8.12 8.81 -6.47
CA ARG J 74 7.28 8.23 -5.44
C ARG J 74 5.84 8.71 -5.55
N THR J 75 5.66 10.02 -5.70
CA THR J 75 4.32 10.58 -5.88
C THR J 75 3.63 9.98 -7.09
N GLY J 76 4.34 9.91 -8.21
CA GLY J 76 3.72 9.66 -9.49
C GLY J 76 3.36 10.98 -10.14
N ALA J 77 4.18 11.44 -11.09
CA ALA J 77 4.07 12.80 -11.60
C ALA J 77 2.93 12.96 -12.60
N GLN J 78 1.85 12.20 -12.42
CA GLN J 78 0.68 12.32 -13.28
C GLN J 78 -0.04 13.61 -12.94
N GLY J 79 0.43 14.71 -13.53
CA GLY J 79 -0.16 16.00 -13.26
C GLY J 79 -0.10 17.01 -14.38
N PHE J 80 -1.26 17.52 -14.79
CA PHE J 80 -1.36 18.74 -15.60
C PHE J 80 -2.54 19.54 -15.06
N GLN J 81 -3.27 20.24 -15.93
CA GLN J 81 -4.35 21.08 -15.46
C GLN J 81 -5.59 21.01 -16.34
N VAL J 82 -6.20 22.17 -16.59
CA VAL J 82 -7.38 22.42 -17.43
C VAL J 82 -8.48 21.37 -17.31
N SER J 83 -9.61 21.78 -16.74
CA SER J 83 -10.83 20.97 -16.73
C SER J 83 -11.60 21.21 -18.00
N ALA J 84 -12.94 21.20 -17.93
CA ALA J 84 -13.75 21.24 -19.14
C ALA J 84 -15.24 21.27 -18.85
N GLY J 85 -15.86 22.45 -18.93
CA GLY J 85 -17.31 22.51 -18.86
C GLY J 85 -17.82 23.24 -17.63
N LEU J 86 -17.15 23.08 -16.50
CA LEU J 86 -17.58 23.71 -15.25
C LEU J 86 -17.24 25.20 -15.31
N ASP J 87 -18.27 26.04 -15.33
CA ASP J 87 -18.08 27.48 -15.51
C ASP J 87 -17.75 28.16 -14.20
N ASP J 88 -16.74 29.05 -14.26
CA ASP J 88 -16.23 29.81 -13.12
C ASP J 88 -15.36 30.97 -13.60
N ARG J 89 -15.94 32.17 -13.65
CA ARG J 89 -15.41 33.33 -14.37
C ARG J 89 -13.94 33.67 -14.16
N GLU J 90 -13.36 34.43 -15.10
CA GLU J 90 -12.03 35.02 -14.98
C GLU J 90 -10.94 33.97 -14.98
N GLN J 91 -11.09 32.90 -14.20
CA GLN J 91 -10.30 31.70 -14.45
C GLN J 91 -10.59 31.16 -15.85
N LEU J 92 -11.79 31.41 -16.36
CA LEU J 92 -12.09 31.10 -17.76
C LEU J 92 -11.32 32.03 -18.70
N ALA J 93 -11.13 33.29 -18.30
CA ALA J 93 -10.37 34.23 -19.10
C ALA J 93 -8.87 33.95 -19.01
N SER J 94 -8.45 33.18 -18.00
CA SER J 94 -7.07 32.74 -17.91
C SER J 94 -6.72 31.67 -18.94
N VAL J 95 -7.71 31.09 -19.61
CA VAL J 95 -7.50 29.92 -20.47
C VAL J 95 -7.70 30.26 -21.94
N TYR J 96 -8.84 30.87 -22.29
CA TYR J 96 -9.10 31.23 -23.68
C TYR J 96 -7.99 32.12 -24.22
N GLU J 97 -7.63 33.16 -23.45
CA GLU J 97 -6.49 34.00 -23.79
C GLU J 97 -5.22 33.18 -24.01
N LEU J 98 -5.06 32.08 -23.26
CA LEU J 98 -3.92 31.20 -23.51
C LEU J 98 -4.02 30.55 -24.88
N ARG J 99 -5.18 29.95 -25.20
CA ARG J 99 -5.34 29.34 -26.53
C ARG J 99 -5.20 30.37 -27.65
N MET J 100 -5.53 31.63 -27.37
CA MET J 100 -5.31 32.67 -28.37
C MET J 100 -3.85 32.70 -28.82
N GLU J 101 -2.93 32.67 -27.87
CA GLU J 101 -1.53 32.46 -28.18
C GLU J 101 -1.31 31.11 -28.86
N LEU J 102 -2.17 30.14 -28.57
CA LEU J 102 -1.96 28.76 -29.03
C LEU J 102 -2.60 28.51 -30.39
N GLU J 103 -3.90 28.80 -30.52
CA GLU J 103 -4.59 28.57 -31.78
C GLU J 103 -3.95 29.35 -32.92
N GLY J 104 -3.40 30.52 -32.64
CA GLY J 104 -2.73 31.31 -33.65
C GLY J 104 -1.35 30.79 -33.96
N GLY J 105 -0.57 30.47 -32.91
CA GLY J 105 0.78 29.99 -33.13
C GLY J 105 0.83 28.66 -33.85
N ALA J 106 -0.21 27.83 -33.69
CA ALA J 106 -0.27 26.56 -34.39
C ALA J 106 -0.50 26.77 -35.89
N ALA J 107 -1.53 27.55 -36.24
CA ALA J 107 -1.80 27.86 -37.64
C ALA J 107 -0.63 28.59 -38.29
N ALA J 108 0.18 29.31 -37.50
CA ALA J 108 1.38 29.93 -38.05
C ALA J 108 2.38 28.90 -38.51
N LEU J 109 2.36 27.70 -37.92
CA LEU J 109 3.25 26.63 -38.39
C LEU J 109 2.69 25.98 -39.66
N ALA J 110 1.38 25.70 -39.67
CA ALA J 110 0.76 25.10 -40.84
C ALA J 110 0.93 25.94 -42.09
N ALA J 111 1.19 27.24 -41.94
CA ALA J 111 1.57 28.08 -43.06
C ALA J 111 2.91 27.68 -43.67
N ARG J 112 3.66 26.81 -43.00
CA ARG J 112 4.87 26.24 -43.57
C ARG J 112 4.83 24.72 -43.54
N ARG J 113 3.67 24.13 -43.26
CA ARG J 113 3.61 22.71 -42.93
C ARG J 113 2.41 21.96 -43.50
N ARG J 114 1.35 22.62 -43.95
CA ARG J 114 0.24 21.88 -44.55
C ARG J 114 0.69 21.27 -45.87
N ASN J 115 0.23 20.05 -46.14
CA ASN J 115 0.47 19.40 -47.43
C ASN J 115 -0.89 19.06 -48.04
N ALA J 116 -0.85 18.34 -49.17
CA ALA J 116 -2.08 17.96 -49.87
C ALA J 116 -3.03 17.21 -48.95
N THR J 117 -2.55 16.11 -48.34
CA THR J 117 -3.43 15.29 -47.53
C THR J 117 -3.89 16.01 -46.28
N ASP J 118 -3.07 16.92 -45.74
CA ASP J 118 -3.53 17.72 -44.61
C ASP J 118 -4.78 18.51 -44.99
N LEU J 119 -4.72 19.21 -46.13
CA LEU J 119 -5.87 19.97 -46.61
C LEU J 119 -7.08 19.05 -46.85
N ALA J 120 -6.83 17.84 -47.34
CA ALA J 120 -7.92 16.90 -47.59
C ALA J 120 -8.70 16.58 -46.31
N ALA J 121 -8.04 16.63 -45.15
CA ALA J 121 -8.76 16.49 -43.90
C ALA J 121 -9.53 17.77 -43.58
N MET J 122 -8.85 18.92 -43.65
CA MET J 122 -9.52 20.21 -43.49
C MET J 122 -10.57 20.43 -44.57
N ALA J 123 -10.45 19.75 -45.71
CA ALA J 123 -11.39 19.89 -46.82
C ALA J 123 -12.81 19.47 -46.41
N GLU J 124 -13.06 18.16 -46.35
CA GLU J 124 -14.38 17.68 -45.98
C GLU J 124 -14.80 18.13 -44.60
N ALA J 125 -13.85 18.51 -43.75
CA ALA J 125 -14.17 19.01 -42.41
C ALA J 125 -14.94 20.32 -42.50
N LEU J 126 -14.33 21.33 -43.12
CA LEU J 126 -15.07 22.57 -43.35
C LEU J 126 -16.24 22.33 -44.29
N ALA J 127 -16.11 21.38 -45.22
CA ALA J 127 -17.24 21.00 -46.06
C ALA J 127 -18.34 20.35 -45.23
N ALA J 128 -17.97 19.59 -44.20
CA ALA J 128 -18.98 19.11 -43.24
C ALA J 128 -19.47 20.23 -42.34
N LEU J 129 -18.68 21.29 -42.16
CA LEU J 129 -19.13 22.42 -41.35
C LEU J 129 -20.16 23.24 -42.11
N GLU J 130 -19.85 23.59 -43.36
CA GLU J 130 -20.76 24.42 -44.14
C GLU J 130 -22.08 23.71 -44.39
N ALA J 131 -22.08 22.37 -44.40
CA ALA J 131 -23.29 21.60 -44.68
C ALA J 131 -24.28 21.62 -43.53
N ASN J 132 -23.89 22.08 -42.34
CA ASN J 132 -24.80 22.19 -41.20
C ASN J 132 -24.69 23.56 -40.53
N LEU J 133 -24.63 24.62 -41.33
CA LEU J 133 -24.73 25.96 -40.76
C LEU J 133 -26.13 26.22 -40.21
N ASP J 134 -27.15 25.65 -40.86
CA ASP J 134 -28.51 25.74 -40.32
C ASP J 134 -28.69 24.83 -39.12
N HIS J 135 -27.92 23.75 -39.04
CA HIS J 135 -27.96 22.81 -37.91
C HIS J 135 -26.69 22.93 -37.07
N PRO J 136 -26.58 23.91 -36.17
CA PRO J 136 -25.36 24.04 -35.37
C PRO J 136 -25.21 22.99 -34.29
N GLU J 137 -26.16 22.06 -34.15
CA GLU J 137 -26.04 21.01 -33.15
C GLU J 137 -25.16 19.85 -33.60
N GLN J 138 -24.80 19.81 -34.88
CA GLN J 138 -23.93 18.75 -35.39
C GLN J 138 -22.50 19.24 -35.60
N GLY J 139 -22.32 20.49 -35.99
CA GLY J 139 -21.02 21.00 -36.38
C GLY J 139 -20.02 21.18 -35.26
N VAL J 140 -20.42 20.80 -34.03
CA VAL J 140 -19.52 20.84 -32.88
C VAL J 140 -18.26 20.05 -33.21
N GLU J 141 -18.44 18.74 -33.44
CA GLU J 141 -17.35 17.85 -33.80
C GLU J 141 -16.42 18.42 -34.86
N HIS J 142 -16.98 19.06 -35.88
CA HIS J 142 -16.17 19.56 -36.98
C HIS J 142 -15.56 20.93 -36.68
N ASP J 143 -16.30 21.78 -35.96
CA ASP J 143 -15.67 22.95 -35.37
C ASP J 143 -14.43 22.54 -34.58
N ILE J 144 -14.50 21.38 -33.92
CA ILE J 144 -13.29 20.73 -33.42
C ILE J 144 -12.49 20.16 -34.60
N ALA J 145 -13.08 19.21 -35.34
CA ALA J 145 -12.37 18.50 -36.40
C ALA J 145 -11.72 19.45 -37.41
N PHE J 146 -12.23 20.68 -37.55
CA PHE J 146 -11.53 21.69 -38.34
C PHE J 146 -10.42 22.33 -37.52
N HIS J 147 -10.76 22.85 -36.33
CA HIS J 147 -9.73 23.27 -35.37
C HIS J 147 -8.71 22.15 -35.17
N VAL J 148 -9.19 20.90 -35.12
CA VAL J 148 -8.30 19.75 -35.01
C VAL J 148 -7.29 19.74 -36.15
N ALA J 149 -7.78 19.95 -37.36
CA ALA J 149 -6.94 19.82 -38.54
C ALA J 149 -5.75 20.78 -38.51
N ILE J 150 -5.91 21.94 -37.88
CA ILE J 150 -4.81 22.89 -37.81
C ILE J 150 -3.69 22.34 -36.92
N ALA J 151 -4.05 21.53 -35.92
CA ALA J 151 -3.05 20.89 -35.08
C ALA J 151 -2.40 19.72 -35.80
N ALA J 152 -3.21 18.87 -36.45
CA ALA J 152 -2.66 17.81 -37.29
C ALA J 152 -1.75 18.38 -38.37
N ALA J 153 -2.04 19.59 -38.85
CA ALA J 153 -1.17 20.24 -39.82
C ALA J 153 0.11 20.78 -39.19
N THR J 154 0.14 20.95 -37.86
CA THR J 154 1.34 21.46 -37.21
C THR J 154 2.53 20.52 -37.35
N HIS J 155 2.29 19.24 -37.62
CA HIS J 155 3.33 18.23 -37.80
C HIS J 155 4.20 18.07 -36.57
N ASN J 156 3.86 18.79 -35.50
CA ASN J 156 4.51 18.62 -34.21
C ASN J 156 3.75 17.51 -33.49
N ARG J 157 4.39 16.34 -33.38
CA ARG J 157 3.72 15.18 -32.80
C ARG J 157 3.29 15.43 -31.36
N TYR J 158 4.02 16.27 -30.63
CA TYR J 158 3.57 16.62 -29.28
C TYR J 158 2.48 17.68 -29.31
N TYR J 159 2.86 18.93 -29.61
CA TYR J 159 1.98 20.10 -29.71
C TYR J 159 0.56 19.71 -30.07
N GLN J 160 0.42 18.96 -31.16
CA GLN J 160 -0.83 18.37 -31.61
C GLN J 160 -1.74 17.96 -30.46
N ASP J 161 -1.24 17.09 -29.57
CA ASP J 161 -2.06 16.53 -28.51
C ASP J 161 -2.52 17.60 -27.52
N LEU J 162 -1.58 18.39 -27.00
CA LEU J 162 -1.91 19.41 -26.02
C LEU J 162 -3.10 20.23 -26.51
N LEU J 163 -3.07 20.61 -27.78
CA LEU J 163 -4.25 21.13 -28.45
C LEU J 163 -5.38 20.11 -28.42
N GLN J 164 -5.13 18.92 -28.97
CA GLN J 164 -6.11 17.85 -29.11
C GLN J 164 -6.93 17.64 -27.85
N TYR J 165 -6.30 17.78 -26.68
CA TYR J 165 -7.02 17.82 -25.41
C TYR J 165 -7.90 19.06 -25.32
N LEU J 166 -7.29 20.23 -25.11
CA LEU J 166 -7.96 21.50 -24.85
C LEU J 166 -9.34 21.63 -25.49
N ASN J 167 -9.43 21.28 -26.78
CA ASN J 167 -10.70 21.37 -27.49
C ASN J 167 -11.76 20.48 -26.86
N LEU J 168 -11.40 19.26 -26.47
CA LEU J 168 -12.38 18.28 -26.00
C LEU J 168 -13.01 18.69 -24.67
N GLN J 169 -13.00 19.99 -24.40
CA GLN J 169 -13.84 20.56 -23.37
C GLN J 169 -15.30 20.56 -23.84
N LEU J 170 -16.20 20.73 -22.88
CA LEU J 170 -17.59 20.96 -23.19
C LEU J 170 -17.77 22.46 -23.44
N ARG J 171 -19.01 22.91 -23.55
CA ARG J 171 -19.30 24.33 -23.68
C ARG J 171 -20.65 24.64 -23.08
N THR J 188 -23.77 32.20 -36.19
CA THR J 188 -23.67 31.07 -37.10
C THR J 188 -22.79 31.42 -38.31
N ALA J 189 -23.21 32.44 -39.07
CA ALA J 189 -22.36 32.94 -40.14
C ALA J 189 -21.21 33.76 -39.58
N VAL J 190 -21.48 34.53 -38.52
CA VAL J 190 -20.41 35.27 -37.85
C VAL J 190 -19.40 34.32 -37.25
N VAL J 191 -19.79 33.06 -37.00
CA VAL J 191 -18.88 32.08 -36.44
C VAL J 191 -18.02 31.44 -37.52
N HIS J 192 -18.57 31.29 -38.73
CA HIS J 192 -17.92 30.50 -39.77
C HIS J 192 -16.98 31.30 -40.66
N GLN J 193 -17.14 32.62 -40.76
CA GLN J 193 -16.25 33.38 -41.64
C GLN J 193 -14.90 33.63 -41.00
N GLU J 194 -14.84 33.73 -39.68
CA GLU J 194 -13.55 33.73 -38.98
C GLU J 194 -12.77 32.45 -39.26
N HIS J 195 -13.45 31.37 -39.65
CA HIS J 195 -12.82 30.11 -39.97
C HIS J 195 -12.15 30.15 -41.34
N VAL J 196 -12.95 30.12 -42.41
CA VAL J 196 -12.49 30.00 -43.79
C VAL J 196 -11.48 31.09 -44.12
N ALA J 197 -11.38 32.10 -43.25
CA ALA J 197 -10.33 33.10 -43.39
C ALA J 197 -8.95 32.50 -43.08
N VAL J 198 -8.84 31.77 -41.96
CA VAL J 198 -7.57 31.15 -41.63
C VAL J 198 -7.24 30.01 -42.58
N TYR J 199 -8.23 29.47 -43.28
CA TYR J 199 -7.97 28.47 -44.31
C TYR J 199 -7.26 29.10 -45.49
N ASP J 200 -7.89 30.11 -46.11
CA ASP J 200 -7.21 30.88 -47.15
C ASP J 200 -5.90 31.48 -46.67
N ALA J 201 -5.64 31.48 -45.36
CA ALA J 201 -4.33 31.78 -44.81
C ALA J 201 -3.44 30.54 -44.73
N ILE J 202 -4.01 29.41 -44.26
CA ILE J 202 -3.26 28.17 -44.25
C ILE J 202 -3.10 27.64 -45.68
N LEU J 203 -4.13 27.79 -46.51
CA LEU J 203 -4.01 27.47 -47.93
C LEU J 203 -2.84 28.20 -48.57
N ALA J 204 -2.70 29.49 -48.26
CA ALA J 204 -1.66 30.31 -48.88
C ALA J 204 -0.27 29.97 -48.37
N GLY J 205 -0.17 29.29 -47.23
CA GLY J 205 1.13 29.16 -46.59
C GLY J 205 1.63 30.47 -46.02
N ASP J 206 0.72 31.31 -45.54
CA ASP J 206 1.05 32.66 -45.12
C ASP J 206 1.30 32.70 -43.63
N PRO J 207 2.52 33.03 -43.19
CA PRO J 207 2.85 32.91 -41.75
C PRO J 207 1.97 33.72 -40.81
N ASP J 208 2.10 35.06 -40.83
CA ASP J 208 1.42 35.88 -39.82
C ASP J 208 -0.06 36.04 -40.06
N ARG J 209 -0.53 35.91 -41.32
CA ARG J 209 -1.96 36.01 -41.57
C ARG J 209 -2.71 34.83 -40.97
N ALA J 210 -2.07 33.67 -40.86
CA ALA J 210 -2.68 32.56 -40.14
C ALA J 210 -2.58 32.79 -38.64
N ARG J 211 -1.45 33.31 -38.16
CA ARG J 211 -1.32 33.69 -36.77
C ARG J 211 -2.32 34.77 -36.38
N LEU J 212 -2.84 35.52 -37.35
CA LEU J 212 -3.78 36.60 -37.07
C LEU J 212 -5.22 36.12 -37.07
N ALA J 213 -5.76 35.87 -38.27
CA ALA J 213 -7.18 35.53 -38.41
C ALA J 213 -7.60 34.41 -37.47
N ALA J 214 -6.65 33.59 -37.02
CA ALA J 214 -6.96 32.59 -35.99
C ALA J 214 -7.11 33.26 -34.62
N THR J 215 -6.08 34.00 -34.20
CA THR J 215 -6.18 34.77 -32.95
C THR J 215 -7.44 35.64 -32.94
N ARG J 216 -7.76 36.23 -34.09
CA ARG J 216 -8.97 37.06 -34.17
C ARG J 216 -10.24 36.21 -34.15
N HIS J 217 -10.20 35.00 -34.72
CA HIS J 217 -11.35 34.11 -34.60
C HIS J 217 -11.69 33.84 -33.16
N LEU J 218 -10.68 33.60 -32.33
CA LEU J 218 -10.90 33.40 -30.90
C LEU J 218 -11.05 34.71 -30.16
N GLN J 219 -10.38 35.78 -30.62
CA GLN J 219 -10.56 37.09 -30.00
C GLN J 219 -12.03 37.43 -29.89
N GLN J 220 -12.76 37.35 -31.00
CA GLN J 220 -14.19 37.62 -30.97
C GLN J 220 -14.93 36.58 -30.13
N ALA J 221 -14.49 35.32 -30.17
CA ALA J 221 -15.21 34.26 -29.46
C ALA J 221 -15.16 34.46 -27.96
N ALA J 222 -13.99 34.87 -27.45
CA ALA J 222 -13.81 34.95 -26.00
C ALA J 222 -14.62 36.08 -25.39
N SER J 223 -14.82 37.17 -26.12
CA SER J 223 -15.71 38.21 -25.65
C SER J 223 -17.17 37.98 -26.05
N ARG J 224 -17.41 37.21 -27.12
CA ARG J 224 -18.78 36.84 -27.46
C ARG J 224 -19.36 35.86 -26.44
N LEU J 225 -18.53 35.01 -25.84
CA LEU J 225 -19.00 34.10 -24.80
C LEU J 225 -19.01 34.75 -23.43
N ARG J 226 -18.12 35.72 -23.17
CA ARG J 226 -18.28 36.56 -22.00
C ARG J 226 -19.59 37.33 -22.05
N LEU J 227 -20.18 37.47 -23.23
CA LEU J 227 -21.52 38.01 -23.39
C LEU J 227 -22.60 36.92 -23.39
N ASP J 228 -22.23 35.70 -23.04
CA ASP J 228 -23.19 34.61 -22.94
C ASP J 228 -23.46 34.29 -21.48
N MET K 1 -3.16 -4.08 -39.38
CA MET K 1 -2.37 -3.89 -38.18
C MET K 1 -1.61 -2.55 -38.17
N LEU K 2 -0.32 -2.58 -37.82
CA LEU K 2 0.41 -1.34 -37.55
C LEU K 2 1.90 -1.58 -37.80
N SER K 3 2.71 -0.60 -37.40
CA SER K 3 4.14 -0.59 -37.70
C SER K 3 4.85 -1.50 -36.70
N LYS K 4 5.23 -2.70 -37.16
CA LYS K 4 6.05 -3.60 -36.37
C LYS K 4 7.41 -2.95 -36.10
N SER K 5 7.44 -2.02 -35.15
CA SER K 5 8.62 -1.18 -34.89
C SER K 5 9.85 -2.05 -34.66
N LEU K 6 10.86 -1.89 -35.52
CA LEU K 6 11.82 -2.93 -35.81
C LEU K 6 12.64 -3.32 -34.58
N THR K 7 13.26 -4.49 -34.69
CA THR K 7 14.23 -4.94 -33.70
C THR K 7 15.45 -4.04 -33.69
N LEU K 8 15.91 -3.66 -32.49
CA LEU K 8 17.19 -2.97 -32.36
C LEU K 8 18.25 -3.64 -33.22
N THR K 9 18.38 -4.96 -33.11
CA THR K 9 19.14 -5.78 -34.05
C THR K 9 19.05 -5.24 -35.49
N GLU K 10 17.85 -5.24 -36.08
CA GLU K 10 17.76 -4.69 -37.42
C GLU K 10 17.58 -3.18 -37.45
N GLN K 11 17.09 -2.56 -36.36
CA GLN K 11 17.18 -1.11 -36.26
C GLN K 11 18.63 -0.63 -36.37
N VAL K 12 19.58 -1.46 -35.92
CA VAL K 12 20.99 -1.07 -35.94
C VAL K 12 21.55 -1.11 -37.36
N ALA K 13 21.53 -2.30 -37.98
CA ALA K 13 22.11 -2.45 -39.31
C ALA K 13 21.57 -1.42 -40.29
N ARG K 14 20.27 -1.13 -40.22
CA ARG K 14 19.63 -0.10 -41.05
C ARG K 14 19.98 1.33 -40.64
N GLN K 15 20.91 1.48 -39.69
CA GLN K 15 21.70 2.70 -39.53
C GLN K 15 23.15 2.48 -39.93
N ILE K 16 23.65 1.26 -39.79
CA ILE K 16 25.03 0.92 -40.09
C ILE K 16 25.22 0.62 -41.58
N ALA K 17 24.32 -0.16 -42.18
CA ALA K 17 24.28 -0.25 -43.64
C ALA K 17 24.14 1.13 -44.26
N GLY K 18 23.32 2.00 -43.64
CA GLY K 18 23.21 3.37 -44.10
C GLY K 18 24.49 4.14 -43.85
N ASP K 19 25.05 4.02 -42.65
CA ASP K 19 26.35 4.61 -42.36
C ASP K 19 27.40 4.13 -43.36
N ILE K 20 27.36 2.85 -43.72
CA ILE K 20 28.24 2.33 -44.78
C ILE K 20 28.00 3.07 -46.09
N ALA K 21 26.73 3.13 -46.51
CA ALA K 21 26.37 3.81 -47.73
C ALA K 21 26.49 5.33 -47.61
N GLU K 22 26.42 5.86 -46.39
CA GLU K 22 26.88 7.23 -46.17
C GLU K 22 28.37 7.40 -46.43
N GLY K 23 29.08 6.34 -46.87
CA GLY K 23 30.50 6.40 -47.11
C GLY K 23 31.36 6.73 -45.92
N VAL K 24 30.78 7.17 -44.80
CA VAL K 24 31.54 7.54 -43.62
C VAL K 24 32.39 6.37 -43.15
N HIS K 25 31.97 5.15 -43.44
CA HIS K 25 32.82 3.98 -43.38
C HIS K 25 33.17 3.55 -44.80
N SER K 26 33.95 4.41 -45.46
CA SER K 26 34.44 4.12 -46.80
C SER K 26 35.05 2.73 -46.82
N VAL K 27 34.68 1.96 -47.85
CA VAL K 27 34.98 0.52 -47.91
C VAL K 27 36.46 0.26 -47.65
N GLY K 28 36.77 -0.95 -47.19
CA GLY K 28 38.09 -1.26 -46.72
C GLY K 28 38.42 -0.72 -45.35
N ALA K 29 37.55 0.08 -44.76
CA ALA K 29 37.78 0.60 -43.42
C ALA K 29 37.26 -0.37 -42.37
N LYS K 30 37.88 -0.33 -41.21
CA LYS K 30 37.46 -1.12 -40.06
C LYS K 30 36.39 -0.36 -39.30
N LEU K 31 35.23 -0.98 -39.12
CA LEU K 31 34.17 -0.36 -38.35
C LEU K 31 34.62 -0.16 -36.90
N PRO K 32 34.18 0.91 -36.24
CA PRO K 32 34.36 1.01 -34.79
C PRO K 32 34.02 -0.31 -34.12
N PRO K 33 34.89 -0.82 -33.28
CA PRO K 33 34.68 -2.18 -32.74
C PRO K 33 33.42 -2.27 -31.90
N GLY K 34 33.03 -3.51 -31.61
CA GLY K 34 31.78 -3.75 -30.90
C GLY K 34 31.65 -2.97 -29.62
N ARG K 35 32.72 -2.97 -28.80
CA ARG K 35 32.73 -2.24 -27.54
C ARG K 35 32.21 -0.83 -27.70
N VAL K 36 32.69 -0.13 -28.72
CA VAL K 36 32.22 1.23 -28.98
C VAL K 36 30.79 1.23 -29.46
N LEU K 37 30.44 0.27 -30.33
CA LEU K 37 29.21 0.38 -31.11
C LEU K 37 27.97 0.29 -30.24
N ALA K 38 27.99 -0.54 -29.20
CA ALA K 38 26.91 -0.54 -28.22
C ALA K 38 26.58 0.88 -27.78
N GLU K 39 27.58 1.56 -27.21
CA GLU K 39 27.38 2.87 -26.64
C GLU K 39 27.01 3.93 -27.68
N GLN K 40 27.53 3.80 -28.91
CA GLN K 40 27.21 4.79 -29.95
C GLN K 40 25.70 4.87 -30.19
N TYR K 41 25.04 3.71 -30.30
CA TYR K 41 23.60 3.66 -30.50
C TYR K 41 22.84 3.23 -29.25
N GLY K 42 23.53 2.68 -28.26
CA GLY K 42 22.93 2.48 -26.95
C GLY K 42 22.23 1.15 -26.75
N VAL K 43 22.83 0.07 -27.25
CA VAL K 43 22.22 -1.25 -27.24
C VAL K 43 23.15 -2.22 -26.53
N SER K 44 22.68 -3.46 -26.35
CA SER K 44 23.36 -4.44 -25.52
C SER K 44 24.29 -5.30 -26.36
N ALA K 45 24.87 -6.32 -25.70
CA ALA K 45 25.84 -7.19 -26.37
C ALA K 45 25.20 -7.97 -27.50
N ALA K 46 24.09 -8.65 -27.21
CA ALA K 46 23.48 -9.57 -28.18
C ALA K 46 22.69 -8.86 -29.26
N VAL K 47 22.75 -7.53 -29.33
CA VAL K 47 22.12 -6.80 -30.42
C VAL K 47 23.15 -6.62 -31.54
N ILE K 48 24.27 -5.97 -31.20
CA ILE K 48 25.42 -5.84 -32.09
C ILE K 48 25.79 -7.22 -32.61
N ARG K 49 26.23 -8.08 -31.69
CA ARG K 49 26.46 -9.51 -31.91
C ARG K 49 25.51 -10.14 -32.92
N GLU K 50 24.27 -9.67 -32.97
CA GLU K 50 23.33 -10.14 -33.99
C GLU K 50 23.44 -9.27 -35.23
N ALA K 51 23.15 -7.97 -35.09
CA ALA K 51 23.15 -7.04 -36.22
C ALA K 51 24.43 -7.13 -37.03
N THR K 52 25.53 -7.56 -36.41
CA THR K 52 26.73 -7.93 -37.14
C THR K 52 26.40 -8.98 -38.19
N GLU K 53 26.01 -10.18 -37.76
CA GLU K 53 25.82 -11.30 -38.68
C GLU K 53 24.80 -10.98 -39.77
N ARG K 54 23.88 -10.03 -39.53
CA ARG K 54 23.08 -9.53 -40.63
C ARG K 54 23.94 -8.92 -41.72
N LEU K 55 25.04 -8.27 -41.35
CA LEU K 55 25.93 -7.74 -42.36
C LEU K 55 26.85 -8.80 -42.93
N ARG K 56 27.05 -9.91 -42.21
CA ARG K 56 27.87 -11.00 -42.73
C ARG K 56 27.12 -11.90 -43.70
N ALA K 57 25.79 -11.87 -43.71
CA ALA K 57 25.01 -12.51 -44.76
C ALA K 57 24.57 -11.52 -45.83
N GLN K 58 24.25 -10.29 -45.43
CA GLN K 58 24.13 -9.21 -46.40
C GLN K 58 25.47 -8.90 -47.06
N GLY K 59 26.57 -9.36 -46.46
CA GLY K 59 27.88 -9.26 -47.07
C GLY K 59 28.50 -7.89 -47.07
N LEU K 60 27.92 -6.93 -46.33
CA LEU K 60 28.41 -5.56 -46.38
C LEU K 60 29.82 -5.43 -45.81
N ILE K 61 30.17 -6.28 -44.84
CA ILE K 61 31.47 -6.24 -44.16
C ILE K 61 31.88 -7.67 -43.84
N GLN K 62 33.18 -7.86 -43.59
CA GLN K 62 33.70 -9.16 -43.16
C GLN K 62 34.43 -9.01 -41.85
N SER K 63 34.37 -10.04 -41.02
CA SER K 63 34.91 -9.97 -39.66
C SER K 63 35.96 -11.04 -39.44
N ARG K 64 37.00 -10.69 -38.68
CA ARG K 64 38.14 -11.56 -38.43
C ARG K 64 38.48 -11.49 -36.95
N GLN K 65 38.41 -12.65 -36.28
CA GLN K 65 38.55 -12.72 -34.83
C GLN K 65 39.89 -12.16 -34.37
N GLY K 66 39.94 -10.86 -34.08
CA GLY K 66 41.18 -10.21 -33.72
C GLY K 66 41.29 -8.88 -34.45
N SER K 67 41.22 -8.93 -35.78
CA SER K 67 41.15 -7.69 -36.55
C SER K 67 39.84 -6.97 -36.26
N GLY K 68 38.72 -7.68 -36.40
CA GLY K 68 37.44 -7.03 -36.35
C GLY K 68 36.75 -7.08 -37.69
N SER K 69 35.94 -6.08 -37.98
CA SER K 69 35.10 -6.06 -39.17
C SER K 69 35.56 -4.98 -40.13
N VAL K 70 35.74 -5.36 -41.39
CA VAL K 70 36.13 -4.45 -42.46
C VAL K 70 35.00 -4.39 -43.47
N VAL K 71 34.51 -3.18 -43.73
CA VAL K 71 33.53 -3.01 -44.79
C VAL K 71 34.17 -3.45 -46.10
N VAL K 72 33.53 -4.41 -46.77
CA VAL K 72 34.02 -4.93 -48.04
C VAL K 72 33.15 -4.53 -49.23
N SER K 73 32.01 -3.87 -49.00
CA SER K 73 31.18 -3.42 -50.09
C SER K 73 30.21 -2.37 -49.59
N ARG K 74 29.54 -1.70 -50.52
CA ARG K 74 28.45 -0.80 -50.19
C ARG K 74 27.11 -1.28 -50.74
N THR K 75 27.08 -2.43 -51.42
CA THR K 75 25.84 -3.01 -51.91
C THR K 75 25.79 -4.47 -51.51
N GLY K 76 24.58 -4.99 -51.32
CA GLY K 76 24.43 -6.33 -50.80
C GLY K 76 24.51 -7.38 -51.90
N ALA K 77 24.07 -8.58 -51.55
CA ALA K 77 23.81 -9.62 -52.54
C ALA K 77 22.38 -9.42 -53.04
N GLN K 78 22.22 -8.38 -53.87
CA GLN K 78 20.97 -7.92 -54.50
C GLN K 78 20.18 -7.00 -53.58
N GLY K 79 19.07 -6.47 -54.10
CA GLY K 79 18.07 -5.85 -53.25
C GLY K 79 17.00 -6.87 -52.87
N PHE K 80 16.34 -6.62 -51.74
CA PHE K 80 15.40 -7.60 -51.20
C PHE K 80 14.25 -6.88 -50.53
N GLN K 81 13.03 -7.40 -50.74
CA GLN K 81 11.85 -6.75 -50.19
C GLN K 81 11.88 -6.77 -48.66
N VAL K 82 12.23 -7.91 -48.06
CA VAL K 82 12.35 -8.07 -46.61
C VAL K 82 11.04 -7.73 -45.92
N SER K 83 10.04 -8.58 -46.10
CA SER K 83 8.78 -8.46 -45.37
C SER K 83 7.98 -9.76 -45.45
N ALA K 84 6.70 -9.63 -45.79
CA ALA K 84 5.73 -10.73 -45.86
C ALA K 84 5.43 -11.34 -44.51
N GLY K 85 5.89 -10.74 -43.42
CA GLY K 85 5.68 -11.33 -42.11
C GLY K 85 4.25 -11.15 -41.63
N LEU K 86 3.74 -12.17 -40.92
CA LEU K 86 2.54 -12.00 -40.12
C LEU K 86 2.65 -10.70 -39.35
N ASP K 87 1.55 -9.96 -39.29
CA ASP K 87 1.46 -8.78 -38.44
C ASP K 87 2.28 -7.59 -38.93
N ASP K 88 2.80 -7.67 -40.15
CA ASP K 88 3.52 -6.56 -40.77
C ASP K 88 2.62 -5.76 -41.69
N ARG K 89 1.41 -5.43 -41.24
CA ARG K 89 0.44 -4.81 -42.11
C ARG K 89 0.86 -3.41 -42.53
N GLU K 90 1.50 -2.66 -41.61
CA GLU K 90 2.12 -1.41 -42.02
C GLU K 90 3.33 -1.66 -42.91
N GLN K 91 4.08 -2.74 -42.66
CA GLN K 91 5.13 -3.12 -43.59
C GLN K 91 4.54 -3.58 -44.92
N LEU K 92 3.42 -4.30 -44.89
CA LEU K 92 2.77 -4.73 -46.13
C LEU K 92 2.10 -3.57 -46.84
N ALA K 93 1.36 -2.73 -46.11
CA ALA K 93 0.80 -1.52 -46.69
C ALA K 93 1.89 -0.59 -47.22
N SER K 94 3.16 -0.87 -46.91
CA SER K 94 4.29 -0.22 -47.55
C SER K 94 4.77 -0.97 -48.78
N VAL K 95 4.37 -2.23 -48.95
CA VAL K 95 4.68 -2.99 -50.16
C VAL K 95 3.78 -2.49 -51.29
N TYR K 96 2.49 -2.81 -51.20
CA TYR K 96 1.47 -2.44 -52.17
C TYR K 96 1.57 -0.97 -52.58
N GLU K 97 1.95 -0.10 -51.66
CA GLU K 97 2.18 1.29 -52.01
C GLU K 97 3.39 1.48 -52.94
N LEU K 98 3.97 0.42 -53.52
CA LEU K 98 5.03 0.58 -54.49
C LEU K 98 4.75 -0.20 -55.77
N ARG K 99 4.51 -1.52 -55.65
CA ARG K 99 4.21 -2.33 -56.83
C ARG K 99 3.10 -1.67 -57.66
N MET K 100 2.24 -0.90 -57.01
CA MET K 100 1.30 -0.02 -57.68
C MET K 100 1.99 0.97 -58.60
N GLU K 101 2.54 2.04 -58.02
CA GLU K 101 3.25 3.08 -58.77
C GLU K 101 4.17 2.44 -59.81
N LEU K 102 4.70 1.26 -59.50
CA LEU K 102 5.42 0.49 -60.51
C LEU K 102 4.46 0.03 -61.61
N GLU K 103 3.42 -0.71 -61.23
CA GLU K 103 2.49 -1.27 -62.20
C GLU K 103 1.64 -0.19 -62.87
N GLY K 104 1.87 1.08 -62.53
CA GLY K 104 1.39 2.18 -63.33
C GLY K 104 2.32 2.46 -64.50
N GLY K 105 3.63 2.50 -64.23
CA GLY K 105 4.58 2.61 -65.33
C GLY K 105 4.77 1.30 -66.06
N ALA K 106 4.63 0.17 -65.35
CA ALA K 106 4.72 -1.14 -66.00
C ALA K 106 3.53 -1.39 -66.92
N ALA K 107 2.71 -0.36 -67.12
CA ALA K 107 1.77 -0.30 -68.22
C ALA K 107 2.19 0.72 -69.26
N ALA K 108 2.72 1.86 -68.83
CA ALA K 108 3.15 2.90 -69.76
C ALA K 108 4.18 2.38 -70.75
N LEU K 109 5.23 1.72 -70.25
CA LEU K 109 6.20 1.07 -71.15
C LEU K 109 5.52 0.02 -71.99
N ALA K 110 4.63 -0.78 -71.39
CA ALA K 110 3.90 -1.77 -72.16
C ALA K 110 2.90 -1.10 -73.10
N ALA K 111 2.43 0.11 -72.75
CA ALA K 111 1.59 0.88 -73.65
C ALA K 111 2.39 1.44 -74.82
N ARG K 112 3.66 1.79 -74.59
CA ARG K 112 4.49 2.32 -75.68
C ARG K 112 5.18 1.21 -76.45
N ARG K 113 5.53 0.10 -75.80
CA ARG K 113 6.20 -1.00 -76.47
C ARG K 113 5.33 -2.26 -76.44
N ARG K 114 5.33 -3.01 -77.56
CA ARG K 114 4.81 -4.38 -77.55
C ARG K 114 4.92 -5.11 -78.88
N ASN K 115 4.92 -6.44 -78.82
CA ASN K 115 4.62 -7.28 -79.98
C ASN K 115 3.13 -7.59 -79.98
N ALA K 116 2.73 -8.59 -80.78
CA ALA K 116 1.51 -9.32 -80.47
C ALA K 116 1.78 -10.42 -79.45
N THR K 117 3.03 -10.92 -79.40
CA THR K 117 3.46 -11.94 -78.45
C THR K 117 3.05 -11.57 -77.03
N ASP K 118 3.11 -10.28 -76.70
CA ASP K 118 2.53 -9.81 -75.44
C ASP K 118 1.02 -9.95 -75.47
N LEU K 119 0.37 -9.30 -76.44
CA LEU K 119 -1.08 -9.39 -76.61
C LEU K 119 -1.55 -10.81 -76.90
N ALA K 120 -0.63 -11.70 -77.30
CA ALA K 120 -0.89 -13.13 -77.31
C ALA K 120 -1.28 -13.59 -75.92
N ALA K 121 -0.33 -13.58 -74.99
CA ALA K 121 -0.60 -14.03 -73.62
C ALA K 121 -1.72 -13.20 -72.97
N MET K 122 -1.77 -11.90 -73.26
CA MET K 122 -2.76 -11.02 -72.66
C MET K 122 -4.18 -11.53 -72.90
N ALA K 123 -4.58 -11.64 -74.17
CA ALA K 123 -5.88 -12.23 -74.47
C ALA K 123 -5.92 -13.69 -74.06
N GLU K 124 -4.78 -14.36 -74.08
CA GLU K 124 -4.71 -15.77 -73.70
C GLU K 124 -5.10 -15.97 -72.24
N ALA K 125 -4.39 -15.30 -71.33
CA ALA K 125 -4.65 -15.49 -69.90
C ALA K 125 -5.99 -14.91 -69.49
N LEU K 126 -6.32 -13.69 -69.96
CA LEU K 126 -7.67 -13.15 -69.77
C LEU K 126 -8.74 -14.10 -70.28
N ALA K 127 -8.48 -14.82 -71.36
CA ALA K 127 -9.41 -15.88 -71.76
C ALA K 127 -9.33 -17.05 -70.80
N ALA K 128 -8.12 -17.47 -70.44
CA ALA K 128 -7.94 -18.48 -69.40
C ALA K 128 -8.54 -18.04 -68.08
N LEU K 129 -8.78 -16.74 -67.91
CA LEU K 129 -9.41 -16.20 -66.72
C LEU K 129 -10.92 -16.09 -66.90
N GLU K 130 -11.35 -15.56 -68.05
CA GLU K 130 -12.79 -15.34 -68.28
C GLU K 130 -13.55 -16.64 -68.24
N ALA K 131 -13.06 -17.66 -68.95
CA ALA K 131 -13.66 -18.98 -68.90
C ALA K 131 -13.55 -19.64 -67.53
N ASN K 132 -12.86 -19.02 -66.57
CA ASN K 132 -12.54 -19.64 -65.28
C ASN K 132 -12.82 -18.70 -64.12
N LEU K 133 -13.84 -17.85 -64.24
CA LEU K 133 -14.44 -17.18 -63.09
C LEU K 133 -15.37 -18.08 -62.31
N ASP K 134 -15.14 -19.39 -62.36
CA ASP K 134 -16.03 -20.39 -61.82
C ASP K 134 -15.38 -21.33 -60.82
N HIS K 135 -14.05 -21.46 -60.83
CA HIS K 135 -13.30 -22.24 -59.84
C HIS K 135 -12.28 -21.35 -59.16
N PRO K 136 -12.74 -20.34 -58.39
CA PRO K 136 -11.82 -19.29 -57.92
C PRO K 136 -10.65 -19.82 -57.08
N GLU K 137 -9.65 -20.37 -57.77
CA GLU K 137 -8.43 -20.90 -57.15
C GLU K 137 -7.45 -21.31 -58.23
N GLN K 138 -7.97 -21.92 -59.30
CA GLN K 138 -7.14 -22.26 -60.46
C GLN K 138 -6.76 -21.01 -61.24
N GLY K 139 -7.69 -20.06 -61.38
CA GLY K 139 -7.42 -18.79 -62.03
C GLY K 139 -6.35 -17.96 -61.35
N VAL K 140 -6.02 -18.26 -60.09
CA VAL K 140 -4.89 -17.61 -59.44
C VAL K 140 -3.61 -17.89 -60.23
N GLU K 141 -3.50 -19.09 -60.79
CA GLU K 141 -2.35 -19.46 -61.61
C GLU K 141 -2.22 -18.58 -62.85
N HIS K 142 -3.23 -17.78 -63.19
CA HIS K 142 -3.23 -16.95 -64.38
C HIS K 142 -3.12 -15.46 -64.10
N ASP K 143 -3.73 -14.97 -63.02
CA ASP K 143 -3.52 -13.57 -62.61
C ASP K 143 -2.04 -13.27 -62.49
N ILE K 144 -1.22 -14.28 -62.23
CA ILE K 144 0.23 -14.20 -62.43
C ILE K 144 0.49 -13.76 -63.87
N ALA K 145 0.23 -14.68 -64.82
CA ALA K 145 0.72 -14.52 -66.19
C ALA K 145 0.25 -13.21 -66.82
N PHE K 146 -1.03 -12.87 -66.68
CA PHE K 146 -1.50 -11.58 -67.18
C PHE K 146 -0.69 -10.44 -66.59
N HIS K 147 -0.64 -10.35 -65.26
CA HIS K 147 0.25 -9.38 -64.62
C HIS K 147 1.69 -9.61 -65.02
N VAL K 148 2.09 -10.87 -65.19
CA VAL K 148 3.47 -11.16 -65.54
C VAL K 148 3.78 -10.73 -66.97
N ALA K 149 2.96 -11.16 -67.93
CA ALA K 149 3.23 -10.82 -69.32
C ALA K 149 2.93 -9.37 -69.65
N ILE K 150 2.17 -8.66 -68.80
CA ILE K 150 2.04 -7.22 -68.94
C ILE K 150 3.41 -6.57 -68.82
N ALA K 151 4.25 -7.07 -67.91
CA ALA K 151 5.62 -6.59 -67.81
C ALA K 151 6.44 -7.02 -69.02
N ALA K 152 6.24 -8.26 -69.48
CA ALA K 152 6.91 -8.72 -70.70
C ALA K 152 6.59 -7.81 -71.88
N ALA K 153 5.41 -7.19 -71.89
CA ALA K 153 5.07 -6.23 -72.93
C ALA K 153 5.91 -4.97 -72.86
N THR K 154 6.69 -4.77 -71.78
CA THR K 154 7.52 -3.60 -71.64
C THR K 154 8.90 -3.77 -72.27
N HIS K 155 9.43 -5.00 -72.27
CA HIS K 155 10.73 -5.33 -72.84
C HIS K 155 11.84 -4.62 -72.10
N ASN K 156 11.99 -4.96 -70.82
CA ASN K 156 13.07 -4.50 -69.96
C ASN K 156 13.24 -5.62 -68.93
N ARG K 157 14.26 -6.47 -69.13
CA ARG K 157 14.42 -7.64 -68.27
C ARG K 157 14.63 -7.26 -66.82
N TYR K 158 15.11 -6.05 -66.54
CA TYR K 158 15.31 -5.65 -65.15
C TYR K 158 14.03 -5.10 -64.52
N TYR K 159 13.12 -4.52 -65.31
CA TYR K 159 11.74 -4.35 -64.87
C TYR K 159 11.12 -5.71 -64.55
N GLN K 160 11.21 -6.64 -65.50
CA GLN K 160 10.62 -7.97 -65.33
C GLN K 160 11.19 -8.68 -64.11
N ASP K 161 12.46 -8.45 -63.80
CA ASP K 161 13.04 -9.01 -62.58
C ASP K 161 12.35 -8.42 -61.35
N LEU K 162 12.25 -7.09 -61.30
CA LEU K 162 11.66 -6.41 -60.15
C LEU K 162 10.29 -6.98 -59.80
N LEU K 163 9.35 -6.95 -60.75
CA LEU K 163 7.99 -7.38 -60.48
C LEU K 163 7.93 -8.83 -60.02
N GLN K 164 8.51 -9.75 -60.81
CA GLN K 164 8.44 -11.17 -60.46
C GLN K 164 8.95 -11.43 -59.04
N TYR K 165 9.89 -10.62 -58.56
CA TYR K 165 10.34 -10.77 -57.18
C TYR K 165 9.30 -10.27 -56.19
N LEU K 166 8.90 -9.00 -56.31
CA LEU K 166 7.83 -8.48 -55.45
C LEU K 166 6.60 -9.39 -55.51
N ASN K 167 6.16 -9.74 -56.72
CA ASN K 167 5.04 -10.64 -56.88
C ASN K 167 5.24 -11.96 -56.16
N LEU K 168 6.49 -12.46 -56.15
CA LEU K 168 6.78 -13.72 -55.47
C LEU K 168 6.33 -13.71 -54.03
N GLN K 169 6.70 -12.66 -53.28
CA GLN K 169 6.48 -12.69 -51.84
C GLN K 169 5.04 -12.42 -51.46
N LEU K 170 4.30 -11.65 -52.28
CA LEU K 170 2.89 -11.42 -51.99
C LEU K 170 2.08 -12.71 -52.11
N ARG K 171 2.41 -13.56 -53.09
CA ARG K 171 1.77 -14.88 -53.14
C ARG K 171 2.11 -15.67 -51.87
N LEU K 172 3.39 -15.61 -51.46
CA LEU K 172 3.78 -16.18 -50.18
C LEU K 172 3.15 -15.44 -49.02
N ALA K 173 2.99 -14.12 -49.15
CA ALA K 173 2.48 -13.28 -48.06
C ALA K 173 1.05 -13.64 -47.70
N VAL K 174 0.09 -13.25 -48.54
CA VAL K 174 -1.31 -13.47 -48.24
C VAL K 174 -1.62 -14.96 -48.38
N SER K 175 -0.97 -15.79 -47.58
CA SER K 175 -1.29 -17.21 -47.52
C SER K 175 -2.57 -17.41 -46.73
N THR K 176 -3.69 -16.99 -47.29
CA THR K 176 -4.97 -17.11 -46.61
C THR K 176 -5.40 -18.57 -46.52
N LEU K 187 -16.80 -11.10 -56.48
CA LEU K 187 -15.80 -12.14 -56.63
C LEU K 187 -14.99 -11.93 -57.89
N THR K 188 -14.82 -13.01 -58.67
CA THR K 188 -13.92 -12.99 -59.81
C THR K 188 -14.43 -12.14 -60.97
N ALA K 189 -15.68 -11.68 -60.93
CA ALA K 189 -16.22 -10.88 -62.03
C ALA K 189 -15.68 -9.47 -62.00
N VAL K 190 -15.98 -8.72 -60.94
CA VAL K 190 -15.50 -7.36 -60.79
C VAL K 190 -13.98 -7.30 -60.69
N VAL K 191 -13.33 -8.43 -60.45
CA VAL K 191 -11.87 -8.48 -60.54
C VAL K 191 -11.44 -8.59 -62.00
N HIS K 192 -12.05 -9.51 -62.74
CA HIS K 192 -11.68 -9.73 -64.14
C HIS K 192 -11.97 -8.51 -64.99
N GLN K 193 -12.94 -7.69 -64.61
CA GLN K 193 -13.27 -6.49 -65.38
C GLN K 193 -12.09 -5.54 -65.43
N GLU K 194 -11.59 -5.14 -64.24
CA GLU K 194 -10.49 -4.18 -64.17
C GLU K 194 -9.24 -4.69 -64.87
N HIS K 195 -9.03 -6.00 -64.86
CA HIS K 195 -7.92 -6.59 -65.61
C HIS K 195 -8.04 -6.29 -67.09
N VAL K 196 -9.23 -6.52 -67.66
CA VAL K 196 -9.49 -6.19 -69.06
C VAL K 196 -9.32 -4.70 -69.29
N ALA K 197 -9.76 -3.89 -68.31
CA ALA K 197 -9.71 -2.44 -68.45
C ALA K 197 -8.30 -1.94 -68.77
N VAL K 198 -7.27 -2.59 -68.25
CA VAL K 198 -5.90 -2.27 -68.63
C VAL K 198 -5.67 -2.64 -70.09
N TYR K 199 -6.06 -3.85 -70.47
CA TYR K 199 -5.83 -4.38 -71.80
C TYR K 199 -6.42 -3.47 -72.88
N ASP K 200 -7.58 -2.87 -72.60
CA ASP K 200 -8.22 -2.04 -73.62
C ASP K 200 -7.40 -0.81 -73.95
N ALA K 201 -6.79 -0.18 -72.94
CA ALA K 201 -5.93 0.95 -73.18
C ALA K 201 -4.56 0.55 -73.71
N ILE K 202 -4.26 -0.74 -73.75
CA ILE K 202 -2.97 -1.21 -74.20
C ILE K 202 -3.05 -1.88 -75.58
N LEU K 203 -4.16 -2.54 -75.91
CA LEU K 203 -4.38 -2.99 -77.28
C LEU K 203 -4.54 -1.78 -78.19
N ALA K 204 -5.50 -0.92 -77.89
CA ALA K 204 -5.60 0.40 -78.51
C ALA K 204 -4.46 1.33 -78.09
N GLY K 205 -3.49 0.80 -77.35
CA GLY K 205 -2.24 1.47 -77.03
C GLY K 205 -2.35 2.88 -76.50
N ASP K 206 -2.43 3.03 -75.18
CA ASP K 206 -2.48 4.37 -74.60
C ASP K 206 -1.69 4.39 -73.30
N PRO K 207 -0.65 5.22 -73.20
CA PRO K 207 0.14 5.30 -71.96
C PRO K 207 -0.68 5.73 -70.76
N ASP K 208 -1.05 7.01 -70.70
CA ASP K 208 -1.68 7.55 -69.50
C ASP K 208 -3.06 6.96 -69.22
N ARG K 209 -3.67 6.29 -70.19
CA ARG K 209 -4.96 5.64 -69.94
C ARG K 209 -4.80 4.30 -69.24
N ALA K 210 -3.81 3.50 -69.64
CA ALA K 210 -3.53 2.25 -68.95
C ALA K 210 -2.81 2.47 -67.63
N ARG K 211 -2.11 3.60 -67.48
CA ARG K 211 -1.47 3.92 -66.21
C ARG K 211 -2.48 3.96 -65.08
N LEU K 212 -3.60 4.63 -65.30
CA LEU K 212 -4.66 4.71 -64.30
C LEU K 212 -5.34 3.35 -64.14
N ALA K 213 -5.97 2.85 -65.21
CA ALA K 213 -6.74 1.62 -65.12
C ALA K 213 -5.94 0.49 -64.46
N ALA K 214 -4.61 0.50 -64.61
CA ALA K 214 -3.78 -0.43 -63.86
C ALA K 214 -3.76 -0.08 -62.38
N THR K 215 -3.42 1.19 -62.08
CA THR K 215 -3.50 1.68 -60.70
C THR K 215 -4.83 1.30 -60.05
N ARG K 216 -5.93 1.41 -60.80
CA ARG K 216 -7.25 1.10 -60.24
C ARG K 216 -7.36 -0.37 -59.87
N HIS K 217 -6.76 -1.26 -60.66
CA HIS K 217 -6.78 -2.68 -60.29
C HIS K 217 -6.22 -2.89 -58.90
N LEU K 218 -5.00 -2.38 -58.65
CA LEU K 218 -4.39 -2.52 -57.33
C LEU K 218 -5.13 -1.70 -56.28
N GLN K 219 -5.56 -0.48 -56.62
CA GLN K 219 -6.35 0.33 -55.72
C GLN K 219 -7.73 -0.27 -55.44
N GLN K 220 -8.14 -1.30 -56.18
CA GLN K 220 -9.37 -2.02 -55.88
C GLN K 220 -9.12 -3.42 -55.32
N ALA K 221 -8.11 -4.13 -55.82
CA ALA K 221 -7.81 -5.46 -55.30
C ALA K 221 -7.24 -5.41 -53.90
N ALA K 222 -6.58 -4.32 -53.53
CA ALA K 222 -6.10 -4.11 -52.17
C ALA K 222 -7.19 -3.57 -51.25
N SER K 223 -8.22 -2.93 -51.81
CA SER K 223 -9.39 -2.59 -51.03
C SER K 223 -10.29 -3.79 -50.81
N ARG K 224 -10.10 -4.86 -51.59
CA ARG K 224 -10.68 -6.15 -51.29
C ARG K 224 -9.68 -7.07 -50.58
N LEU K 225 -8.67 -6.48 -49.93
CA LEU K 225 -7.67 -7.15 -49.12
C LEU K 225 -7.54 -6.52 -47.74
N ARG K 226 -7.63 -5.19 -47.65
CA ARG K 226 -7.75 -4.51 -46.37
C ARG K 226 -9.17 -4.51 -45.84
N LEU K 227 -10.08 -5.20 -46.53
CA LEU K 227 -11.44 -5.38 -46.06
C LEU K 227 -11.70 -6.75 -45.49
N ASP K 228 -11.04 -7.79 -46.03
CA ASP K 228 -11.22 -9.14 -45.54
C ASP K 228 -10.37 -9.43 -44.29
N LEU K 229 -9.29 -8.69 -44.09
CA LEU K 229 -8.49 -8.90 -42.89
C LEU K 229 -9.24 -8.49 -41.64
N LEU K 230 -9.98 -7.39 -41.71
CA LEU K 230 -10.83 -6.94 -40.61
C LEU K 230 -12.29 -7.26 -40.91
N SER K 231 -12.55 -8.54 -41.16
CA SER K 231 -13.89 -9.01 -41.46
C SER K 231 -14.11 -10.39 -40.86
N LYS L 4 40.87 -20.82 -40.66
CA LYS L 4 39.62 -20.92 -39.92
C LYS L 4 38.52 -21.53 -40.78
N SER L 5 37.86 -22.56 -40.25
CA SER L 5 36.72 -23.16 -40.94
C SER L 5 35.52 -22.23 -40.88
N LEU L 6 34.32 -22.80 -40.91
CA LEU L 6 33.11 -22.01 -40.81
C LEU L 6 32.68 -21.88 -39.35
N THR L 7 32.13 -20.72 -39.02
CA THR L 7 31.75 -20.45 -37.65
C THR L 7 30.63 -21.40 -37.20
N LEU L 8 30.66 -21.75 -35.91
CA LEU L 8 29.59 -22.52 -35.29
C LEU L 8 28.23 -21.99 -35.73
N THR L 9 28.08 -20.67 -35.67
CA THR L 9 26.97 -19.92 -36.25
C THR L 9 26.64 -20.37 -37.67
N GLU L 10 27.56 -20.16 -38.60
CA GLU L 10 27.32 -20.55 -40.00
C GLU L 10 27.21 -22.05 -40.17
N GLN L 11 27.90 -22.82 -39.34
CA GLN L 11 27.81 -24.27 -39.38
C GLN L 11 26.38 -24.76 -39.20
N VAL L 12 25.48 -23.85 -38.81
CA VAL L 12 24.04 -24.13 -38.67
C VAL L 12 23.28 -23.58 -39.86
N ALA L 13 23.45 -22.28 -40.14
CA ALA L 13 22.81 -21.63 -41.27
C ALA L 13 22.88 -22.51 -42.54
N ARG L 14 24.09 -22.85 -42.96
CA ARG L 14 24.24 -23.73 -44.10
C ARG L 14 24.17 -25.22 -43.74
N GLN L 15 23.91 -25.54 -42.46
CA GLN L 15 23.36 -26.85 -42.10
C GLN L 15 21.84 -26.84 -42.14
N ILE L 16 21.24 -25.67 -41.90
CA ILE L 16 19.78 -25.57 -41.86
C ILE L 16 19.19 -25.52 -43.27
N ALA L 17 19.66 -24.57 -44.10
CA ALA L 17 19.10 -24.37 -45.44
C ALA L 17 18.95 -25.67 -46.21
N GLY L 18 19.81 -26.65 -45.94
CA GLY L 18 19.62 -27.99 -46.43
C GLY L 18 18.26 -28.55 -46.06
N ASP L 19 18.03 -28.77 -44.76
CA ASP L 19 16.77 -29.36 -44.31
C ASP L 19 15.57 -28.54 -44.73
N ILE L 20 15.75 -27.23 -44.90
CA ILE L 20 14.71 -26.41 -45.53
C ILE L 20 14.52 -26.83 -46.98
N ALA L 21 15.56 -26.66 -47.79
CA ALA L 21 15.54 -27.07 -49.19
C ALA L 21 15.46 -28.58 -49.36
N GLU L 22 15.74 -29.35 -48.31
CA GLU L 22 15.39 -30.77 -48.29
C GLU L 22 14.01 -31.01 -47.67
N GLY L 23 13.10 -30.03 -47.81
CA GLY L 23 11.71 -30.19 -47.43
C GLY L 23 11.40 -30.69 -46.04
N VAL L 24 12.41 -30.76 -45.17
CA VAL L 24 12.20 -31.16 -43.78
C VAL L 24 11.47 -30.01 -43.11
N HIS L 25 12.18 -28.92 -42.87
CA HIS L 25 11.58 -27.69 -42.41
C HIS L 25 10.86 -27.04 -43.58
N SER L 26 9.74 -27.67 -43.97
CA SER L 26 8.92 -27.22 -45.08
C SER L 26 8.37 -25.82 -44.80
N VAL L 27 8.11 -25.08 -45.88
CA VAL L 27 7.66 -23.70 -45.74
C VAL L 27 6.29 -23.70 -45.07
N GLY L 28 6.08 -22.73 -44.17
CA GLY L 28 4.87 -22.65 -43.38
C GLY L 28 4.93 -23.42 -42.08
N ALA L 29 5.83 -24.38 -41.95
CA ALA L 29 6.04 -25.03 -40.66
C ALA L 29 6.77 -24.07 -39.72
N LYS L 30 6.58 -24.29 -38.42
CA LYS L 30 7.26 -23.49 -37.42
C LYS L 30 8.67 -24.02 -37.22
N LEU L 31 9.66 -23.13 -37.28
CA LEU L 31 11.02 -23.54 -36.97
C LEU L 31 11.09 -24.00 -35.51
N PRO L 32 11.74 -25.13 -35.22
CA PRO L 32 11.91 -25.56 -33.84
C PRO L 32 12.46 -24.45 -32.96
N PRO L 33 12.12 -24.45 -31.67
CA PRO L 33 12.44 -23.30 -30.81
C PRO L 33 13.93 -23.20 -30.48
N GLY L 34 14.37 -21.96 -30.28
CA GLY L 34 15.77 -21.66 -30.03
C GLY L 34 16.37 -22.28 -28.79
N ARG L 35 15.65 -23.23 -28.20
CA ARG L 35 16.15 -24.09 -27.13
C ARG L 35 16.30 -25.54 -27.57
N VAL L 36 15.42 -26.02 -28.45
CA VAL L 36 15.58 -27.34 -29.04
C VAL L 36 16.78 -27.39 -29.96
N LEU L 37 17.13 -26.24 -30.56
CA LEU L 37 18.24 -26.22 -31.52
C LEU L 37 19.57 -26.39 -30.81
N ALA L 38 19.83 -25.59 -29.76
CA ALA L 38 21.03 -25.80 -28.95
C ALA L 38 21.03 -27.19 -28.33
N GLU L 39 19.86 -27.77 -28.13
CA GLU L 39 19.73 -29.11 -27.56
C GLU L 39 19.68 -30.20 -28.61
N GLN L 40 19.42 -29.85 -29.87
CA GLN L 40 19.66 -30.78 -30.95
C GLN L 40 21.07 -30.69 -31.51
N TYR L 41 21.77 -29.57 -31.25
CA TYR L 41 23.06 -29.31 -31.86
C TYR L 41 24.23 -29.30 -30.89
N GLY L 42 23.99 -29.17 -29.59
CA GLY L 42 25.10 -29.07 -28.66
C GLY L 42 25.86 -27.76 -28.72
N VAL L 43 25.18 -26.65 -29.00
CA VAL L 43 25.80 -25.33 -28.99
C VAL L 43 25.08 -24.45 -27.97
N SER L 44 25.42 -23.16 -27.94
CA SER L 44 24.80 -22.23 -27.01
C SER L 44 23.52 -21.65 -27.62
N ALA L 45 22.52 -21.43 -26.76
CA ALA L 45 21.32 -20.72 -27.20
C ALA L 45 21.68 -19.35 -27.74
N ALA L 46 22.77 -18.75 -27.25
CA ALA L 46 23.23 -17.45 -27.74
C ALA L 46 23.99 -17.54 -29.05
N VAL L 47 24.33 -18.75 -29.52
CA VAL L 47 24.77 -18.92 -30.89
C VAL L 47 23.59 -18.75 -31.84
N ILE L 48 22.43 -19.30 -31.47
CA ILE L 48 21.30 -19.41 -32.38
C ILE L 48 20.91 -18.04 -32.90
N ARG L 49 20.88 -17.06 -32.00
CA ARG L 49 20.42 -15.70 -32.32
C ARG L 49 21.08 -15.16 -33.59
N GLU L 50 22.35 -15.48 -33.81
CA GLU L 50 23.01 -15.06 -35.03
C GLU L 50 22.58 -15.90 -36.22
N ALA L 51 22.58 -17.22 -36.07
CA ALA L 51 22.12 -18.12 -37.12
C ALA L 51 20.73 -17.71 -37.62
N THR L 52 19.79 -17.54 -36.68
CA THR L 52 18.45 -17.06 -37.00
C THR L 52 18.40 -15.56 -37.26
N GLU L 53 19.54 -14.88 -37.22
CA GLU L 53 19.64 -13.55 -37.80
C GLU L 53 20.15 -13.59 -39.22
N ARG L 54 20.94 -14.60 -39.56
CA ARG L 54 21.31 -14.84 -40.96
C ARG L 54 20.08 -15.16 -41.79
N LEU L 55 19.32 -16.18 -41.36
CA LEU L 55 18.21 -16.67 -42.16
C LEU L 55 17.12 -15.64 -42.35
N ARG L 56 17.04 -14.64 -41.45
CA ARG L 56 16.10 -13.55 -41.66
C ARG L 56 16.55 -12.66 -42.82
N ALA L 57 17.77 -12.14 -42.74
CA ALA L 57 18.30 -11.34 -43.84
C ALA L 57 18.56 -12.16 -45.10
N GLN L 58 18.70 -13.48 -44.95
CA GLN L 58 18.73 -14.37 -46.09
C GLN L 58 17.34 -14.79 -46.56
N GLY L 59 16.30 -14.22 -45.98
CA GLY L 59 14.94 -14.39 -46.48
C GLY L 59 14.46 -15.82 -46.58
N LEU L 60 14.83 -16.66 -45.62
CA LEU L 60 14.18 -17.95 -45.52
C LEU L 60 13.07 -17.97 -44.49
N ILE L 61 13.06 -17.01 -43.56
CA ILE L 61 12.19 -17.03 -42.39
C ILE L 61 11.79 -15.60 -42.02
N GLN L 62 10.74 -15.50 -41.22
CA GLN L 62 10.56 -14.36 -40.32
C GLN L 62 9.88 -14.88 -39.06
N SER L 63 9.85 -14.05 -38.01
CA SER L 63 9.45 -14.52 -36.69
C SER L 63 8.63 -13.48 -35.95
N ARG L 64 7.57 -13.95 -35.28
CA ARG L 64 6.79 -13.14 -34.36
C ARG L 64 7.28 -13.42 -32.94
N GLN L 65 7.45 -12.36 -32.14
CA GLN L 65 8.08 -12.47 -30.83
C GLN L 65 7.22 -13.21 -29.82
N GLY L 66 6.84 -14.44 -30.15
CA GLY L 66 6.06 -15.27 -29.26
C GLY L 66 5.66 -16.56 -29.94
N SER L 67 5.34 -16.47 -31.22
CA SER L 67 5.02 -17.67 -32.00
C SER L 67 6.27 -18.49 -32.30
N GLY L 68 7.42 -17.85 -32.39
CA GLY L 68 8.60 -18.51 -32.90
C GLY L 68 8.95 -18.08 -34.31
N SER L 69 9.62 -18.95 -35.06
CA SER L 69 10.15 -18.65 -36.38
C SER L 69 9.50 -19.56 -37.41
N VAL L 70 9.17 -18.99 -38.58
CA VAL L 70 8.54 -19.73 -39.66
C VAL L 70 9.27 -19.43 -40.96
N VAL L 71 9.66 -20.50 -41.66
CA VAL L 71 10.30 -20.34 -42.95
C VAL L 71 9.33 -19.73 -43.98
N VAL L 72 9.90 -18.99 -44.95
CA VAL L 72 9.11 -18.39 -46.02
C VAL L 72 9.66 -18.73 -47.40
N SER L 73 10.80 -19.40 -47.49
CA SER L 73 11.34 -19.87 -48.76
C SER L 73 12.19 -21.11 -48.51
N ARG L 74 12.42 -21.87 -49.57
CA ARG L 74 13.21 -23.09 -49.50
C ARG L 74 14.66 -22.88 -49.95
N THR L 75 14.96 -21.80 -50.65
CA THR L 75 16.32 -21.48 -51.12
C THR L 75 16.75 -20.07 -50.77
N GLY L 76 15.84 -19.10 -50.84
CA GLY L 76 16.18 -17.70 -50.88
C GLY L 76 16.08 -17.20 -52.31
N ALA L 77 15.24 -16.19 -52.54
CA ALA L 77 15.07 -15.60 -53.88
C ALA L 77 15.74 -14.24 -53.97
N GLN L 78 17.01 -14.19 -53.57
CA GLN L 78 17.84 -12.98 -53.50
C GLN L 78 17.47 -11.91 -54.51
N GLY L 79 17.54 -12.22 -55.81
CA GLY L 79 17.05 -11.32 -56.84
C GLY L 79 18.03 -10.24 -57.30
N PHE L 80 19.07 -10.65 -58.00
CA PHE L 80 20.24 -9.81 -58.24
C PHE L 80 19.98 -8.71 -59.27
N GLN L 81 20.83 -7.68 -59.23
CA GLN L 81 20.82 -6.58 -60.19
C GLN L 81 22.18 -5.90 -60.19
N VAL L 82 23.24 -6.66 -60.48
CA VAL L 82 24.61 -6.23 -60.21
C VAL L 82 25.13 -5.31 -61.32
N SER L 83 26.35 -4.82 -61.09
CA SER L 83 27.21 -4.05 -61.99
C SER L 83 27.04 -2.55 -61.86
N ALA L 84 28.06 -1.81 -62.31
CA ALA L 84 28.02 -0.36 -62.35
C ALA L 84 28.47 0.18 -63.69
N GLY L 85 28.99 -0.64 -64.58
CA GLY L 85 29.40 -0.24 -65.90
C GLY L 85 29.51 -1.44 -66.81
N LEU L 86 29.99 -1.20 -68.03
CA LEU L 86 30.19 -2.18 -69.10
C LEU L 86 28.87 -2.57 -69.74
N ASP L 87 28.90 -2.83 -71.05
CA ASP L 87 27.68 -3.14 -71.81
C ASP L 87 26.71 -1.97 -71.74
N ASP L 88 27.26 -0.75 -71.82
CA ASP L 88 26.49 0.45 -71.52
C ASP L 88 25.34 0.64 -72.51
N ARG L 89 25.66 0.76 -73.80
CA ARG L 89 24.70 0.89 -74.90
C ARG L 89 23.43 1.62 -74.47
N GLU L 90 22.37 0.84 -74.24
CA GLU L 90 21.18 1.32 -73.56
C GLU L 90 20.74 0.38 -72.45
N GLN L 91 21.46 -0.72 -72.22
CA GLN L 91 21.17 -1.57 -71.07
C GLN L 91 21.13 -0.74 -69.79
N LEU L 92 22.09 0.16 -69.63
CA LEU L 92 22.04 1.13 -68.53
C LEU L 92 20.86 2.08 -68.69
N ALA L 93 20.58 2.50 -69.93
CA ALA L 93 19.46 3.40 -70.18
C ALA L 93 18.12 2.73 -69.88
N SER L 94 18.05 1.39 -70.04
CA SER L 94 16.84 0.69 -69.59
C SER L 94 16.69 0.78 -68.08
N VAL L 95 17.81 0.65 -67.36
CA VAL L 95 17.81 0.92 -65.93
C VAL L 95 17.36 2.35 -65.67
N TYR L 96 17.89 3.29 -66.44
CA TYR L 96 17.47 4.69 -66.31
C TYR L 96 16.01 4.87 -66.68
N GLU L 97 15.50 4.05 -67.61
CA GLU L 97 14.08 4.04 -67.92
C GLU L 97 13.24 3.68 -66.71
N LEU L 98 13.65 2.62 -66.00
CA LEU L 98 13.00 2.16 -64.78
C LEU L 98 12.98 3.23 -63.69
N ARG L 99 14.16 3.63 -63.21
CA ARG L 99 14.26 4.63 -62.17
C ARG L 99 13.43 5.87 -62.48
N MET L 100 13.27 6.19 -63.77
CA MET L 100 12.48 7.36 -64.17
C MET L 100 11.11 7.35 -63.50
N GLU L 101 10.41 6.22 -63.54
CA GLU L 101 9.10 6.16 -62.91
C GLU L 101 9.17 6.17 -61.39
N LEU L 102 10.19 5.52 -60.81
CA LEU L 102 10.31 5.49 -59.36
C LEU L 102 10.55 6.89 -58.80
N GLU L 103 11.53 7.60 -59.38
CA GLU L 103 11.68 9.02 -59.09
C GLU L 103 10.40 9.79 -59.36
N GLY L 104 9.58 9.31 -60.29
CA GLY L 104 8.28 9.89 -60.52
C GLY L 104 7.34 9.65 -59.37
N GLY L 105 7.05 8.38 -59.07
CA GLY L 105 6.13 8.06 -58.00
C GLY L 105 6.56 8.60 -56.65
N ALA L 106 7.87 8.50 -56.35
CA ALA L 106 8.37 8.83 -55.02
C ALA L 106 8.12 10.30 -54.67
N ALA L 107 8.63 11.21 -55.52
CA ALA L 107 8.48 12.64 -55.24
C ALA L 107 7.02 13.02 -55.00
N ALA L 108 6.09 12.41 -55.74
CA ALA L 108 4.67 12.63 -55.49
C ALA L 108 4.32 12.29 -54.04
N LEU L 109 4.80 11.14 -53.55
CA LEU L 109 4.51 10.73 -52.19
C LEU L 109 5.16 11.64 -51.16
N ALA L 110 6.22 12.35 -51.54
CA ALA L 110 6.74 13.38 -50.64
C ALA L 110 5.79 14.56 -50.55
N ALA L 111 5.03 14.85 -51.61
CA ALA L 111 4.23 16.05 -51.63
C ALA L 111 2.94 15.94 -50.83
N ARG L 112 2.47 14.72 -50.55
CA ARG L 112 1.25 14.54 -49.77
C ARG L 112 1.52 14.23 -48.31
N ARG L 113 2.78 14.02 -47.93
CA ARG L 113 3.07 13.68 -46.54
C ARG L 113 4.52 13.95 -46.13
N ARG L 114 5.15 14.97 -46.73
CA ARG L 114 6.46 15.37 -46.24
C ARG L 114 6.32 16.02 -44.87
N ASN L 115 7.43 16.09 -44.14
CA ASN L 115 7.40 16.67 -42.81
C ASN L 115 8.47 17.74 -42.61
N ALA L 116 8.72 18.11 -41.34
CA ALA L 116 9.77 19.09 -41.05
C ALA L 116 11.15 18.46 -41.12
N THR L 117 11.32 17.25 -40.58
CA THR L 117 12.55 16.50 -40.78
C THR L 117 12.81 16.22 -42.25
N ASP L 118 11.77 16.22 -43.08
CA ASP L 118 11.95 16.07 -44.52
C ASP L 118 12.61 17.29 -45.13
N LEU L 119 12.00 18.46 -44.96
CA LEU L 119 12.52 19.71 -45.50
C LEU L 119 13.81 20.12 -44.79
N ALA L 120 14.31 19.27 -43.91
CA ALA L 120 15.55 19.55 -43.18
C ALA L 120 16.77 19.33 -44.06
N ALA L 121 17.06 18.06 -44.38
CA ALA L 121 18.20 17.77 -45.24
C ALA L 121 17.86 18.00 -46.71
N MET L 122 16.59 17.86 -47.09
CA MET L 122 16.17 18.23 -48.44
C MET L 122 16.52 19.69 -48.73
N ALA L 123 16.40 20.56 -47.72
CA ALA L 123 16.91 21.92 -47.86
C ALA L 123 18.40 22.00 -47.58
N GLU L 124 18.93 21.08 -46.77
CA GLU L 124 20.34 21.10 -46.44
C GLU L 124 21.19 20.44 -47.53
N ALA L 125 20.68 19.38 -48.16
CA ALA L 125 21.37 18.82 -49.31
C ALA L 125 21.20 19.67 -50.55
N LEU L 126 20.08 20.40 -50.65
CA LEU L 126 19.97 21.44 -51.67
C LEU L 126 20.95 22.57 -51.39
N ALA L 127 21.32 22.75 -50.12
CA ALA L 127 22.31 23.73 -49.73
C ALA L 127 23.72 23.16 -49.73
N ALA L 128 23.87 21.85 -49.50
CA ALA L 128 25.16 21.21 -49.68
C ALA L 128 25.55 21.12 -51.15
N LEU L 129 24.58 21.29 -52.05
CA LEU L 129 24.79 21.19 -53.49
C LEU L 129 25.00 22.55 -54.15
N GLU L 130 24.18 23.55 -53.80
CA GLU L 130 24.25 24.85 -54.48
C GLU L 130 25.61 25.51 -54.31
N ALA L 131 26.37 25.14 -53.30
CA ALA L 131 27.66 25.76 -53.01
C ALA L 131 28.84 24.93 -53.52
N ASN L 132 28.60 23.98 -54.42
CA ASN L 132 29.65 23.22 -55.10
C ASN L 132 29.36 23.11 -56.59
N LEU L 133 28.65 24.10 -57.15
CA LEU L 133 28.23 24.04 -58.53
C LEU L 133 29.42 24.03 -59.49
N ASP L 134 30.49 24.74 -59.16
CA ASP L 134 31.71 24.71 -59.97
C ASP L 134 32.78 23.80 -59.38
N HIS L 135 32.40 22.92 -58.46
CA HIS L 135 33.23 21.80 -58.02
C HIS L 135 32.43 20.51 -58.18
N PRO L 136 32.01 20.18 -59.42
CA PRO L 136 31.07 19.06 -59.61
C PRO L 136 31.68 17.69 -59.36
N GLU L 137 32.94 17.61 -58.93
CA GLU L 137 33.46 16.34 -58.43
C GLU L 137 33.10 16.12 -56.97
N GLN L 138 32.45 17.08 -56.32
CA GLN L 138 32.08 17.00 -54.92
C GLN L 138 30.59 16.77 -54.70
N GLY L 139 29.74 17.45 -55.48
CA GLY L 139 28.31 17.35 -55.35
C GLY L 139 27.69 16.06 -55.83
N VAL L 140 28.47 15.17 -56.44
CA VAL L 140 27.95 13.84 -56.75
C VAL L 140 27.52 13.13 -55.49
N GLU L 141 28.36 13.19 -54.44
CA GLU L 141 28.00 12.69 -53.13
C GLU L 141 26.73 13.34 -52.60
N HIS L 142 26.38 14.52 -53.10
CA HIS L 142 25.13 15.17 -52.73
C HIS L 142 23.98 14.75 -53.65
N ASP L 143 24.21 14.77 -54.96
CA ASP L 143 23.25 14.16 -55.87
C ASP L 143 23.00 12.70 -55.50
N ILE L 144 24.00 12.05 -54.90
CA ILE L 144 23.76 10.81 -54.18
C ILE L 144 22.72 11.03 -53.09
N ALA L 145 23.04 11.91 -52.13
CA ALA L 145 22.26 12.03 -50.91
C ALA L 145 20.96 12.79 -51.10
N PHE L 146 20.95 13.79 -51.99
CA PHE L 146 19.75 14.61 -52.16
C PHE L 146 18.55 13.76 -52.57
N HIS L 147 18.78 12.75 -53.42
CA HIS L 147 17.72 11.80 -53.73
C HIS L 147 17.26 11.08 -52.47
N VAL L 148 18.20 10.45 -51.76
CA VAL L 148 17.94 9.77 -50.49
C VAL L 148 17.09 10.65 -49.57
N ALA L 149 17.41 11.94 -49.51
CA ALA L 149 16.66 12.90 -48.72
C ALA L 149 15.17 12.83 -49.05
N ILE L 150 14.79 13.21 -50.28
CA ILE L 150 13.39 13.11 -50.66
C ILE L 150 12.93 11.66 -50.72
N ALA L 151 13.82 10.73 -51.12
CA ALA L 151 13.48 9.31 -51.06
C ALA L 151 12.97 8.94 -49.67
N ALA L 152 13.63 9.46 -48.64
CA ALA L 152 13.16 9.28 -47.27
C ALA L 152 11.74 9.79 -47.08
N ALA L 153 11.45 10.99 -47.60
CA ALA L 153 10.17 11.66 -47.37
C ALA L 153 8.97 10.78 -47.71
N THR L 154 9.20 9.67 -48.41
CA THR L 154 8.17 8.65 -48.55
C THR L 154 7.81 8.00 -47.22
N HIS L 155 8.67 8.11 -46.21
CA HIS L 155 8.49 7.43 -44.92
C HIS L 155 8.39 5.92 -45.11
N ASN L 156 8.46 5.49 -46.37
CA ASN L 156 8.42 4.08 -46.73
C ASN L 156 9.85 3.56 -46.64
N ARG L 157 10.11 2.70 -45.65
CA ARG L 157 11.36 1.96 -45.55
C ARG L 157 11.82 1.49 -46.93
N TYR L 158 11.08 0.54 -47.52
CA TYR L 158 11.55 -0.15 -48.73
C TYR L 158 11.68 0.79 -49.94
N TYR L 159 10.77 1.74 -50.10
CA TYR L 159 10.82 2.66 -51.24
C TYR L 159 12.18 3.35 -51.29
N GLN L 160 12.39 4.31 -50.39
CA GLN L 160 13.68 4.98 -50.23
C GLN L 160 14.84 4.01 -50.23
N ASP L 161 14.68 2.90 -49.49
CA ASP L 161 15.82 2.02 -49.23
C ASP L 161 16.32 1.34 -50.50
N LEU L 162 15.45 0.61 -51.19
CA LEU L 162 15.89 0.00 -52.45
C LEU L 162 16.14 1.03 -53.54
N LEU L 163 15.83 2.31 -53.29
CA LEU L 163 16.34 3.36 -54.16
C LEU L 163 17.80 3.68 -53.85
N GLN L 164 18.19 3.60 -52.57
CA GLN L 164 19.57 3.88 -52.21
C GLN L 164 20.54 2.95 -52.93
N TYR L 165 20.14 1.70 -53.17
CA TYR L 165 21.06 0.73 -53.74
C TYR L 165 21.43 1.09 -55.16
N LEU L 166 20.51 1.68 -55.93
CA LEU L 166 20.83 2.02 -57.31
C LEU L 166 21.90 3.11 -57.38
N ASN L 167 21.73 4.18 -56.62
CA ASN L 167 22.72 5.25 -56.52
C ASN L 167 24.09 4.73 -56.08
N LEU L 168 24.16 3.45 -55.73
CA LEU L 168 25.40 2.77 -55.42
C LEU L 168 25.91 1.97 -56.61
N GLN L 169 25.42 2.29 -57.81
CA GLN L 169 26.05 1.89 -59.07
C GLN L 169 26.57 3.14 -59.77
N LEU L 170 27.84 3.10 -60.14
CA LEU L 170 28.53 4.28 -60.64
C LEU L 170 27.85 4.90 -61.86
N LEU L 187 26.95 22.26 -66.70
CA LEU L 187 26.17 21.09 -66.29
C LEU L 187 25.40 21.36 -65.00
N THR L 188 26.13 21.83 -63.98
CA THR L 188 25.57 21.87 -62.63
C THR L 188 24.51 22.94 -62.49
N ALA L 189 24.74 24.12 -63.08
CA ALA L 189 23.77 25.20 -63.05
C ALA L 189 22.46 24.84 -63.75
N VAL L 190 22.39 23.70 -64.43
CA VAL L 190 21.19 23.25 -65.14
C VAL L 190 20.50 22.12 -64.39
N VAL L 191 21.20 21.01 -64.15
CA VAL L 191 20.66 19.83 -63.48
C VAL L 191 20.15 20.19 -62.10
N HIS L 192 20.60 21.33 -61.56
CA HIS L 192 20.07 21.81 -60.30
C HIS L 192 18.71 22.46 -60.49
N GLN L 193 18.53 23.22 -61.58
CA GLN L 193 17.23 23.82 -61.85
C GLN L 193 16.15 22.76 -61.99
N GLU L 194 16.55 21.54 -62.32
CA GLU L 194 15.62 20.41 -62.31
C GLU L 194 15.50 19.83 -60.91
N HIS L 195 16.59 19.89 -60.14
CA HIS L 195 16.55 19.47 -58.74
C HIS L 195 15.60 20.32 -57.91
N VAL L 196 15.46 21.60 -58.24
CA VAL L 196 14.68 22.51 -57.41
C VAL L 196 13.23 22.57 -57.84
N ALA L 197 12.96 22.47 -59.14
CA ALA L 197 11.58 22.46 -59.62
C ALA L 197 10.80 21.32 -58.97
N VAL L 198 11.41 20.14 -58.84
CA VAL L 198 10.79 19.07 -58.08
C VAL L 198 10.76 19.41 -56.60
N TYR L 199 11.82 20.05 -56.10
CA TYR L 199 11.87 20.38 -54.68
C TYR L 199 10.68 21.22 -54.26
N ASP L 200 10.46 22.33 -54.94
CA ASP L 200 9.40 23.26 -54.55
C ASP L 200 8.01 22.64 -54.70
N ALA L 201 7.86 21.63 -55.55
CA ALA L 201 6.57 20.95 -55.70
C ALA L 201 6.14 20.30 -54.38
N ILE L 202 7.02 19.45 -53.83
CA ILE L 202 6.76 18.90 -52.51
C ILE L 202 6.79 19.99 -51.46
N LEU L 203 7.68 20.97 -51.62
CA LEU L 203 7.65 22.15 -50.78
C LEU L 203 6.33 22.90 -50.93
N ALA L 204 5.62 22.72 -52.05
CA ALA L 204 4.26 23.24 -52.21
C ALA L 204 3.19 22.19 -51.97
N GLY L 205 3.57 20.93 -51.79
CA GLY L 205 2.62 19.87 -51.51
C GLY L 205 1.83 19.38 -52.70
N ASP L 206 2.12 19.86 -53.89
CA ASP L 206 1.42 19.45 -55.11
C ASP L 206 1.93 18.09 -55.57
N PRO L 207 1.15 17.02 -55.40
CA PRO L 207 1.70 15.67 -55.66
C PRO L 207 1.92 15.39 -57.12
N ASP L 208 0.96 15.76 -57.97
CA ASP L 208 1.11 15.54 -59.40
C ASP L 208 2.19 16.43 -59.99
N ARG L 209 2.28 17.68 -59.51
CA ARG L 209 3.42 18.51 -59.87
C ARG L 209 4.72 17.94 -59.30
N ALA L 210 4.63 17.20 -58.18
CA ALA L 210 5.82 16.56 -57.65
C ALA L 210 6.29 15.41 -58.53
N ARG L 211 5.36 14.54 -58.93
CA ARG L 211 5.69 13.48 -59.88
C ARG L 211 6.14 14.04 -61.23
N LEU L 212 5.84 15.30 -61.51
CA LEU L 212 6.19 15.90 -62.81
C LEU L 212 7.55 16.56 -62.77
N ALA L 213 7.67 17.66 -62.03
CA ALA L 213 8.84 18.52 -62.02
C ALA L 213 10.12 17.77 -61.67
N ALA L 214 9.97 16.50 -61.25
CA ALA L 214 11.12 15.64 -61.00
C ALA L 214 11.67 15.08 -62.32
N THR L 215 10.94 14.14 -62.92
CA THR L 215 11.43 13.29 -64.00
C THR L 215 11.97 14.08 -65.20
N ARG L 216 11.68 15.37 -65.31
CA ARG L 216 12.39 16.18 -66.29
C ARG L 216 13.88 16.09 -66.04
N HIS L 217 14.30 16.33 -64.80
CA HIS L 217 15.65 16.02 -64.35
C HIS L 217 16.12 14.67 -64.88
N LEU L 218 15.30 13.64 -64.68
CA LEU L 218 15.69 12.29 -65.07
C LEU L 218 15.64 12.08 -66.58
N GLN L 219 14.63 12.67 -67.25
CA GLN L 219 14.61 12.58 -68.70
C GLN L 219 15.80 13.30 -69.32
N GLN L 220 16.43 14.23 -68.60
CA GLN L 220 17.48 15.05 -69.19
C GLN L 220 18.88 14.46 -68.99
N ALA L 221 19.22 14.09 -67.74
CA ALA L 221 20.55 13.53 -67.50
C ALA L 221 20.78 12.26 -68.31
N ALA L 222 19.71 11.53 -68.61
CA ALA L 222 19.81 10.35 -69.46
C ALA L 222 19.93 10.73 -70.92
N SER L 223 19.20 11.75 -71.36
CA SER L 223 19.46 12.32 -72.68
C SER L 223 20.89 12.80 -72.79
N ARG L 224 21.41 13.42 -71.73
CA ARG L 224 22.83 13.72 -71.60
C ARG L 224 23.63 12.43 -71.50
N ARG L 226 23.21 9.07 -72.03
CA ARG L 226 23.20 8.15 -73.16
C ARG L 226 24.04 8.72 -74.31
N LEU L 227 23.95 10.03 -74.51
CA LEU L 227 24.81 10.70 -75.48
C LEU L 227 26.25 10.83 -75.00
N ASP L 228 26.47 10.77 -73.69
CA ASP L 228 27.82 10.86 -73.11
C ASP L 228 28.67 9.66 -73.49
#